data_8TPA
#
_entry.id   8TPA
#
_cell.length_a   1.00
_cell.length_b   1.00
_cell.length_c   1.00
_cell.angle_alpha   90.00
_cell.angle_beta   90.00
_cell.angle_gamma   90.00
#
_symmetry.space_group_name_H-M   'P 1'
#
loop_
_entity.id
_entity.type
_entity.pdbx_description
1 polymer 'Hemagglutinin HA1 chain'
2 polymer 'Heavy chain of Fab 2-2-1G06'
3 polymer 'Light chain of Fab 2-2-1G06'
4 polymer 'Hemagglutinin HA2 chain'
5 branched 2-acetamido-2-deoxy-beta-D-glucopyranose-(1-4)-2-acetamido-2-deoxy-beta-D-glucopyranose
6 non-polymer 2-acetamido-2-deoxy-beta-D-glucopyranose
#
loop_
_entity_poly.entity_id
_entity_poly.type
_entity_poly.pdbx_seq_one_letter_code
_entity_poly.pdbx_strand_id
1 'polypeptide(L)'
;MKAKLLVLLCTFTATYADTICIGYHANNSTDTVDTVLEKNVTVTHSVNLLEDSHNGKLCLLKGIAPLQLGNCSVAGWILG
NPECELLISKESWSYIVETPNPENGTCYPGYFADYEELREQLSSVSSFERFEIFPKESSWPNHTVTGVSASCSHNGKSSF
YRNLLWLTGKNGLYPNLSKSYVNNKEKEVLVLWGVHHPPNIGNQRALYHTENAYVSVVSSHYSRRFTPEIAKRPKVRDQE
GRINYYWTLLEPGDTIIFEANGNLIAPWYAFALSRGFGSGIITSNAPMDECDAKCQTPQGAINSSLPFQNVHPVTIGECP
KYVRSAKLRMVTGLRNIPSIQSR
;
A,C,G
2 'polypeptide(L)'
;QVQLRESGPGLVKPSQTLSLTCTVSGDSISNGGLYWNWIRQRPGRGLEWIGYIYYNGVTTYNPSLRSRIAISLETAKNQL
SLRLSSVSAADTAIYYCAREGWVPDYGGRNYYLDFWGQGTLVTVSS
;
H,D,I
3 'polypeptide(L)'
;DIQMTQSPSSLSASVGDRVTITCRASHNIQNFLNWYQQKPGKAPKLLIYAASTLQSGVPSRFSGSGSRTDFTLTISSLQP
EDFAAYYCQQSYGLPRTFGQGTRLEIK
;
L,E,J
4 'polypeptide(L)'
;GLFGAIAGFIEGGWTGMVDGWYGYHHQNEQGSGYAADQKSTQNAINGITNKVNSVIEKMNTQFTAVGKEFNKLERRMENL
NKKVDDGFLDIWTYNAELLVLLENERTLDFHDSNVKNLYEKVKSQLKNNAKEIGNGCFEFYHKCNNECMESVKNGTYDYP
KYSEESKLNREKIDGVKLESMGVYQILAIYSTVASSLVLLVSLGAISFWMCSNGSLQCRICI
;
B,F,K
#
# COMPACT_ATOMS: atom_id res chain seq x y z
N ASP A 18 1.49 41.99 -52.48
CA ASP A 18 1.18 42.24 -51.08
C ASP A 18 0.64 40.93 -50.45
N THR A 19 1.19 40.52 -49.27
CA THR A 19 0.83 39.26 -48.58
C THR A 19 0.60 39.34 -47.08
N ILE A 20 -0.17 38.36 -46.60
CA ILE A 20 -0.36 38.05 -45.17
C ILE A 20 -0.07 36.57 -44.96
N CYS A 21 0.90 36.23 -44.07
CA CYS A 21 1.30 34.88 -43.74
C CYS A 21 0.99 34.59 -42.27
N ILE A 22 0.61 33.37 -41.99
CA ILE A 22 0.29 32.93 -40.64
C ILE A 22 1.37 31.98 -40.13
N GLY A 23 1.89 32.24 -38.94
CA GLY A 23 2.95 31.40 -38.42
C GLY A 23 3.06 31.39 -36.91
N TYR A 24 4.18 30.87 -36.43
CA TYR A 24 4.41 30.72 -35.00
C TYR A 24 5.88 30.87 -34.65
N HIS A 25 6.11 31.10 -33.37
CA HIS A 25 7.39 31.29 -32.69
C HIS A 25 8.38 30.13 -32.69
N ALA A 26 9.66 30.46 -32.79
CA ALA A 26 10.74 29.50 -32.71
C ALA A 26 11.94 30.21 -32.09
N ASN A 27 12.84 29.45 -31.47
CA ASN A 27 14.00 30.04 -30.81
C ASN A 27 15.19 29.09 -30.80
N ASN A 28 16.15 29.35 -29.93
CA ASN A 28 17.35 28.54 -29.86
C ASN A 28 17.36 27.57 -28.67
N SER A 29 16.20 27.26 -28.10
CA SER A 29 16.13 26.33 -26.99
C SER A 29 16.47 24.91 -27.40
N THR A 30 17.14 24.22 -26.49
CA THR A 30 17.52 22.82 -26.65
C THR A 30 16.82 21.94 -25.63
N ASP A 31 15.82 22.49 -24.94
CA ASP A 31 15.06 21.70 -23.98
C ASP A 31 14.30 20.62 -24.69
N THR A 32 14.31 19.39 -24.18
CA THR A 32 13.47 18.40 -24.82
C THR A 32 12.55 17.71 -23.84
N VAL A 33 11.45 17.21 -24.36
CA VAL A 33 10.48 16.46 -23.58
C VAL A 33 10.12 15.17 -24.24
N ASP A 34 9.54 14.25 -23.50
CA ASP A 34 9.06 13.04 -24.10
C ASP A 34 7.56 13.06 -24.12
N THR A 35 6.96 12.41 -25.12
CA THR A 35 5.52 12.30 -25.23
C THR A 35 5.22 10.82 -25.41
N VAL A 36 3.96 10.45 -25.48
CA VAL A 36 3.66 9.04 -25.67
C VAL A 36 4.09 8.52 -27.05
N LEU A 37 3.81 9.27 -28.12
CA LEU A 37 4.17 8.83 -29.48
C LEU A 37 5.60 9.15 -29.91
N GLU A 38 6.24 10.14 -29.32
CA GLU A 38 7.55 10.61 -29.79
C GLU A 38 8.50 10.92 -28.65
N LYS A 39 9.77 10.56 -28.79
CA LYS A 39 10.74 10.89 -27.74
C LYS A 39 11.70 12.00 -28.15
N ASN A 40 12.26 12.68 -27.15
CA ASN A 40 13.27 13.73 -27.31
C ASN A 40 12.83 14.87 -28.24
N VAL A 41 11.64 15.41 -28.01
CA VAL A 41 11.10 16.49 -28.82
C VAL A 41 11.65 17.80 -28.33
N THR A 42 12.24 18.61 -29.21
CA THR A 42 12.78 19.88 -28.78
C THR A 42 11.67 20.90 -28.76
N VAL A 43 11.57 21.64 -27.67
CA VAL A 43 10.51 22.61 -27.47
C VAL A 43 11.05 23.99 -27.15
N THR A 44 10.23 25.03 -27.34
CA THR A 44 10.69 26.39 -27.08
C THR A 44 10.66 26.81 -25.62
N HIS A 45 9.78 26.19 -24.82
CA HIS A 45 9.64 26.50 -23.39
C HIS A 45 9.29 25.24 -22.61
N SER A 46 9.83 25.08 -21.40
CA SER A 46 9.51 23.90 -20.57
C SER A 46 9.56 24.16 -19.07
N VAL A 47 8.98 23.23 -18.31
CA VAL A 47 8.97 23.22 -16.86
C VAL A 47 9.54 21.98 -16.21
N ASN A 48 10.51 22.17 -15.35
CA ASN A 48 11.12 21.06 -14.63
C ASN A 48 10.33 20.78 -13.39
N LEU A 49 9.73 19.60 -13.27
CA LEU A 49 8.94 19.31 -12.09
C LEU A 49 9.72 18.56 -11.03
N LEU A 50 10.94 18.15 -11.36
CA LEU A 50 11.73 17.31 -10.48
C LEU A 50 13.02 17.94 -9.99
N GLU A 51 13.16 17.99 -8.67
CA GLU A 51 14.32 18.53 -8.01
C GLU A 51 15.43 17.52 -7.81
N ASP A 52 16.63 17.84 -8.24
CA ASP A 52 17.74 16.95 -8.00
C ASP A 52 18.94 17.59 -7.30
N SER A 53 18.84 18.83 -6.83
CA SER A 53 20.00 19.39 -6.15
C SER A 53 19.81 19.24 -4.66
N HIS A 54 20.89 19.36 -3.93
CA HIS A 54 20.80 19.40 -2.49
C HIS A 54 22.03 20.04 -1.92
N ASN A 55 21.87 20.56 -0.74
CA ASN A 55 22.93 21.11 0.06
C ASN A 55 23.42 20.00 0.94
N GLY A 56 24.54 19.34 0.63
CA GLY A 56 24.92 18.09 1.32
C GLY A 56 25.46 18.20 2.76
N LYS A 57 24.71 18.93 3.58
CA LYS A 57 24.95 19.25 4.96
C LYS A 57 23.66 19.12 5.76
N LEU A 58 23.80 18.98 7.07
CA LEU A 58 22.66 18.99 7.98
C LEU A 58 22.44 20.45 8.40
N CYS A 59 21.25 20.98 8.13
CA CYS A 59 20.82 22.35 8.37
C CYS A 59 19.87 22.43 9.54
N LEU A 60 19.68 23.64 10.02
CA LEU A 60 18.72 23.90 11.06
C LEU A 60 17.38 23.95 10.37
N LEU A 61 16.32 23.55 11.05
CA LEU A 61 15.02 23.69 10.41
C LEU A 61 14.29 24.86 10.96
N LYS A 62 14.09 25.83 10.13
CA LYS A 62 13.41 27.03 10.54
C LYS A 62 14.00 27.61 11.84
N GLY A 63 15.32 27.68 11.91
CA GLY A 63 16.05 28.21 13.06
C GLY A 63 16.43 27.24 14.18
N ILE A 64 15.95 26.00 14.15
CA ILE A 64 16.27 25.11 15.25
C ILE A 64 17.20 23.96 14.85
N ALA A 65 18.30 23.84 15.59
CA ALA A 65 19.31 22.82 15.38
C ALA A 65 18.84 21.42 15.76
N PRO A 66 19.36 20.37 15.12
CA PRO A 66 19.16 18.99 15.42
C PRO A 66 19.96 18.57 16.63
N LEU A 67 19.62 17.44 17.19
CA LEU A 67 20.42 16.81 18.20
C LEU A 67 21.30 15.81 17.54
N GLN A 68 22.59 16.00 17.62
CA GLN A 68 23.45 15.01 17.02
C GLN A 68 23.88 14.09 18.11
N LEU A 69 23.82 12.80 17.86
CA LEU A 69 24.20 11.87 18.90
C LEU A 69 25.68 11.50 18.79
N GLY A 70 26.37 12.03 17.80
CA GLY A 70 27.78 11.72 17.67
C GLY A 70 27.98 10.23 17.46
N ASN A 71 28.78 9.59 18.34
CA ASN A 71 29.12 8.17 18.30
C ASN A 71 28.11 7.30 19.09
N CYS A 72 27.04 7.91 19.69
CA CYS A 72 26.06 7.26 20.54
C CYS A 72 24.83 6.76 19.77
N SER A 73 24.31 5.66 20.27
CA SER A 73 23.07 5.08 19.80
C SER A 73 21.98 5.68 20.66
N VAL A 74 20.72 5.43 20.33
CA VAL A 74 19.67 5.93 21.19
C VAL A 74 19.78 5.31 22.57
N ALA A 75 20.05 4.01 22.67
CA ALA A 75 20.17 3.40 24.00
C ALA A 75 21.27 4.06 24.81
N GLY A 76 22.37 4.41 24.17
CA GLY A 76 23.48 5.05 24.85
C GLY A 76 23.04 6.38 25.41
N TRP A 77 22.38 7.18 24.57
CA TRP A 77 21.88 8.50 24.89
C TRP A 77 20.94 8.51 26.08
N ILE A 78 19.96 7.63 26.12
CA ILE A 78 18.99 7.61 27.21
C ILE A 78 19.45 6.88 28.49
N LEU A 79 20.25 5.82 28.38
CA LEU A 79 20.72 5.15 29.58
C LEU A 79 21.78 6.02 30.24
N GLY A 80 22.49 6.80 29.45
CA GLY A 80 23.54 7.61 30.02
C GLY A 80 24.88 6.94 29.92
N ASN A 81 25.18 6.34 28.78
CA ASN A 81 26.49 5.76 28.61
C ASN A 81 27.48 6.84 29.02
N PRO A 82 28.51 6.55 29.81
CA PRO A 82 29.50 7.51 30.28
C PRO A 82 30.11 8.38 29.19
N GLU A 83 30.17 7.87 27.96
CA GLU A 83 30.76 8.59 26.83
C GLU A 83 29.78 9.50 26.05
N CYS A 84 28.49 9.56 26.46
CA CYS A 84 27.40 10.31 25.84
C CYS A 84 27.14 11.51 26.75
N GLU A 85 28.16 11.85 27.53
CA GLU A 85 28.16 12.94 28.49
C GLU A 85 27.77 14.25 27.89
N LEU A 86 28.17 14.52 26.67
CA LEU A 86 27.90 15.82 26.10
C LEU A 86 26.46 16.00 25.70
N LEU A 87 25.66 14.94 25.77
CA LEU A 87 24.28 15.02 25.42
C LEU A 87 23.39 15.21 26.65
N ILE A 88 23.94 15.15 27.86
CA ILE A 88 23.06 15.15 29.05
C ILE A 88 22.37 16.49 29.29
N SER A 89 22.92 17.53 28.67
CA SER A 89 22.44 18.89 28.75
C SER A 89 21.67 19.34 27.51
N LYS A 90 21.38 18.42 26.59
CA LYS A 90 20.64 18.79 25.38
C LYS A 90 19.18 18.49 25.57
N GLU A 91 18.42 19.51 25.89
CA GLU A 91 17.01 19.35 26.24
C GLU A 91 16.05 19.45 25.07
N SER A 92 16.44 20.07 23.96
CA SER A 92 15.50 20.21 22.86
C SER A 92 16.17 20.13 21.51
N TRP A 93 15.38 19.76 20.50
CA TRP A 93 15.87 19.62 19.14
C TRP A 93 14.80 19.67 18.07
N SER A 94 15.23 19.96 16.84
CA SER A 94 14.33 19.91 15.68
C SER A 94 14.20 18.52 15.06
N TYR A 95 15.24 17.73 15.20
CA TYR A 95 15.30 16.36 14.70
C TYR A 95 16.47 15.69 15.38
N ILE A 96 16.56 14.37 15.30
CA ILE A 96 17.68 13.65 15.89
C ILE A 96 18.48 12.95 14.83
N VAL A 97 19.80 13.11 14.87
CA VAL A 97 20.64 12.46 13.90
C VAL A 97 21.53 11.40 14.54
N GLU A 98 21.38 10.18 14.03
CA GLU A 98 22.12 9.04 14.50
C GLU A 98 23.06 8.57 13.39
N THR A 99 24.25 8.18 13.75
CA THR A 99 25.20 7.64 12.78
C THR A 99 24.69 6.26 12.31
N PRO A 100 24.97 5.80 11.08
CA PRO A 100 24.66 4.47 10.60
C PRO A 100 25.28 3.35 11.42
N ASN A 101 26.34 3.64 12.15
CA ASN A 101 26.97 2.60 12.92
C ASN A 101 27.50 3.14 14.25
N PRO A 102 26.65 3.36 15.26
CA PRO A 102 27.00 3.93 16.53
C PRO A 102 27.79 2.92 17.26
N GLU A 103 28.69 3.38 18.10
CA GLU A 103 29.49 2.48 18.94
C GLU A 103 29.17 2.49 20.43
N ASN A 104 28.68 3.65 20.97
CA ASN A 104 28.40 3.85 22.39
C ASN A 104 26.91 3.68 22.65
N GLY A 105 26.53 2.48 23.12
CA GLY A 105 25.17 2.02 23.37
C GLY A 105 25.16 1.42 24.73
N THR A 106 24.81 0.16 24.81
CA THR A 106 24.84 -0.48 26.10
C THR A 106 26.32 -0.83 26.39
N CYS A 107 26.90 -0.33 27.52
CA CYS A 107 28.30 -0.56 27.90
C CYS A 107 28.42 -1.76 28.83
N TYR A 108 27.33 -2.10 29.47
CA TYR A 108 27.31 -3.27 30.31
C TYR A 108 26.35 -4.18 29.57
N PRO A 109 26.83 -5.20 28.86
CA PRO A 109 26.08 -6.00 27.94
C PRO A 109 24.83 -6.56 28.53
N GLY A 110 23.81 -6.61 27.71
CA GLY A 110 22.53 -7.14 28.09
C GLY A 110 21.52 -6.86 27.01
N TYR A 111 20.31 -7.27 27.26
CA TYR A 111 19.19 -7.10 26.36
C TYR A 111 18.41 -5.85 26.68
N PHE A 112 18.10 -5.05 25.69
CA PHE A 112 17.32 -3.85 25.95
C PHE A 112 15.90 -4.20 25.54
N ALA A 113 15.01 -4.31 26.51
CA ALA A 113 13.66 -4.72 26.19
C ALA A 113 12.93 -3.67 25.40
N ASP A 114 12.22 -4.09 24.38
CA ASP A 114 11.39 -3.21 23.59
C ASP A 114 12.15 -1.98 23.12
N TYR A 115 13.38 -2.18 22.67
CA TYR A 115 14.19 -1.08 22.21
C TYR A 115 13.62 -0.40 21.02
N GLU A 116 13.16 -1.17 20.06
CA GLU A 116 12.64 -0.61 18.84
C GLU A 116 11.39 0.20 19.11
N GLU A 117 10.54 -0.25 20.03
CA GLU A 117 9.33 0.51 20.36
C GLU A 117 9.71 1.79 21.07
N LEU A 118 10.74 1.77 21.89
CA LEU A 118 11.13 2.99 22.55
C LEU A 118 11.69 3.97 21.56
N ARG A 119 12.47 3.50 20.61
CA ARG A 119 13.05 4.36 19.60
C ARG A 119 11.93 5.03 18.79
N GLU A 120 10.84 4.28 18.54
CA GLU A 120 9.68 4.83 17.83
C GLU A 120 9.00 5.87 18.72
N GLN A 121 8.85 5.62 20.00
CA GLN A 121 8.21 6.60 20.88
C GLN A 121 9.00 7.87 21.03
N LEU A 122 10.32 7.77 21.01
CA LEU A 122 11.20 8.92 21.17
C LEU A 122 11.34 9.69 19.88
N SER A 123 10.72 9.19 18.81
CA SER A 123 10.80 9.88 17.56
C SER A 123 9.81 11.02 17.54
N SER A 124 8.81 11.04 18.43
CA SER A 124 7.88 12.16 18.43
C SER A 124 8.20 13.14 19.54
N VAL A 125 9.23 12.87 20.32
CA VAL A 125 9.61 13.74 21.42
C VAL A 125 10.42 14.89 20.87
N SER A 126 10.02 16.13 21.20
CA SER A 126 10.73 17.30 20.69
C SER A 126 11.66 17.86 21.74
N SER A 127 11.35 17.57 22.99
CA SER A 127 12.17 18.02 24.09
C SER A 127 11.88 17.21 25.31
N PHE A 128 12.76 17.29 26.29
CA PHE A 128 12.47 16.68 27.56
C PHE A 128 13.26 17.26 28.71
N GLU A 129 12.77 17.03 29.92
CA GLU A 129 13.50 17.39 31.11
C GLU A 129 14.12 16.18 31.72
N ARG A 130 15.43 16.21 31.93
CA ARG A 130 16.06 15.10 32.61
C ARG A 130 16.02 15.51 34.06
N PHE A 131 15.40 14.72 34.92
CA PHE A 131 15.30 15.11 36.31
C PHE A 131 15.67 13.96 37.18
N GLU A 132 16.06 14.24 38.41
CA GLU A 132 16.48 13.16 39.27
C GLU A 132 15.26 12.58 39.96
N ILE A 133 14.93 11.33 39.63
CA ILE A 133 13.74 10.66 40.16
C ILE A 133 13.96 10.06 41.55
N PHE A 134 15.11 9.44 41.75
CA PHE A 134 15.44 8.83 43.02
C PHE A 134 16.86 9.18 43.44
N PRO A 135 17.12 10.36 43.98
CA PRO A 135 18.45 10.85 44.23
C PRO A 135 19.29 9.86 45.02
N LYS A 136 20.52 9.61 44.58
CA LYS A 136 21.34 8.59 45.25
C LYS A 136 21.79 8.99 46.61
N GLU A 137 21.90 10.29 46.85
CA GLU A 137 22.40 10.77 48.11
C GLU A 137 21.46 10.52 49.27
N SER A 138 20.16 10.57 49.02
CA SER A 138 19.21 10.41 50.09
C SER A 138 18.31 9.20 49.96
N SER A 139 18.21 8.59 48.79
CA SER A 139 17.25 7.53 48.64
C SER A 139 17.66 6.18 49.24
N TRP A 140 18.96 5.86 49.28
CA TRP A 140 19.31 4.54 49.80
C TRP A 140 20.39 4.50 50.87
N PRO A 141 20.13 4.96 52.10
CA PRO A 141 21.08 5.01 53.20
C PRO A 141 21.71 3.68 53.63
N ASN A 142 21.04 2.53 53.34
CA ASN A 142 21.48 1.18 53.71
C ASN A 142 22.00 0.33 52.53
N HIS A 143 22.33 0.97 51.37
CA HIS A 143 22.85 0.26 50.19
C HIS A 143 24.05 1.00 49.68
N THR A 144 24.90 0.31 49.00
CA THR A 144 26.04 0.95 48.40
C THR A 144 25.60 1.45 47.03
N VAL A 145 25.85 2.72 46.75
CA VAL A 145 25.40 3.33 45.49
C VAL A 145 26.58 3.67 44.60
N THR A 146 27.70 3.03 44.87
CA THR A 146 28.96 3.29 44.18
C THR A 146 29.44 2.16 43.27
N GLY A 147 28.60 1.21 42.91
CA GLY A 147 29.10 0.14 42.04
C GLY A 147 29.43 0.68 40.65
N VAL A 148 30.53 0.22 40.10
CA VAL A 148 31.01 0.57 38.76
C VAL A 148 31.49 -0.64 38.00
N SER A 149 31.72 -0.49 36.71
CA SER A 149 32.27 -1.55 35.90
C SER A 149 33.32 -1.08 34.92
N ALA A 150 34.32 -1.91 34.72
CA ALA A 150 35.39 -1.64 33.78
C ALA A 150 34.84 -1.55 32.37
N SER A 151 33.75 -2.25 32.14
CA SER A 151 33.10 -2.30 30.83
C SER A 151 32.49 -0.95 30.38
N CYS A 152 32.29 -0.01 31.32
CA CYS A 152 31.72 1.32 31.15
C CYS A 152 32.83 2.34 31.43
N SER A 153 34.08 1.92 31.35
CA SER A 153 35.16 2.84 31.66
C SER A 153 35.16 4.11 30.84
N HIS A 154 35.37 5.22 31.55
CA HIS A 154 35.41 6.57 31.01
C HIS A 154 36.69 7.27 31.44
N ASN A 155 37.52 7.64 30.48
CA ASN A 155 38.80 8.27 30.76
C ASN A 155 39.68 7.41 31.66
N GLY A 156 39.63 6.10 31.46
CA GLY A 156 40.46 5.18 32.19
C GLY A 156 39.88 4.68 33.51
N LYS A 157 38.77 5.22 33.96
CA LYS A 157 38.24 4.76 35.23
C LYS A 157 36.93 4.01 35.08
N SER A 158 36.74 2.99 35.90
CA SER A 158 35.51 2.23 35.87
C SER A 158 34.37 3.17 36.16
N SER A 159 33.25 2.96 35.52
CA SER A 159 32.11 3.86 35.70
C SER A 159 30.81 3.14 35.45
N PHE A 160 29.74 3.89 35.31
CA PHE A 160 28.45 3.25 35.08
C PHE A 160 27.54 4.23 34.41
N TYR A 161 26.34 3.81 34.09
CA TYR A 161 25.41 4.67 33.41
C TYR A 161 25.04 5.87 34.24
N ARG A 162 25.03 7.03 33.63
CA ARG A 162 24.73 8.26 34.31
C ARG A 162 23.33 8.32 34.85
N ASN A 163 22.36 7.66 34.22
CA ASN A 163 21.02 7.78 34.73
C ASN A 163 20.58 6.61 35.63
N LEU A 164 21.50 5.67 35.95
CA LEU A 164 21.18 4.47 36.74
C LEU A 164 22.13 4.19 37.92
N LEU A 165 21.64 3.57 38.99
CA LEU A 165 22.53 3.18 40.07
C LEU A 165 22.63 1.70 40.26
N TRP A 166 23.82 1.22 40.47
CA TRP A 166 23.98 -0.18 40.75
C TRP A 166 23.96 -0.35 42.25
N LEU A 167 22.88 -0.92 42.80
CA LEU A 167 22.75 -1.00 44.26
C LEU A 167 23.16 -2.34 44.79
N THR A 168 24.24 -2.33 45.57
CA THR A 168 24.82 -3.55 46.12
C THR A 168 24.69 -3.48 47.63
N GLY A 169 25.03 -4.54 48.34
CA GLY A 169 24.84 -4.54 49.78
C GLY A 169 25.76 -3.60 50.53
N LYS A 170 25.44 -3.40 51.80
CA LYS A 170 26.23 -2.53 52.66
C LYS A 170 26.37 -3.16 54.02
N ASN A 171 27.61 -3.25 54.48
CA ASN A 171 27.96 -3.82 55.77
C ASN A 171 27.47 -5.26 55.92
N GLY A 172 27.48 -6.03 54.84
CA GLY A 172 27.08 -7.43 54.89
C GLY A 172 25.59 -7.69 54.73
N LEU A 173 24.78 -6.66 54.66
CA LEU A 173 23.35 -6.85 54.53
C LEU A 173 22.79 -6.30 53.24
N TYR A 174 21.69 -6.87 52.78
CA TYR A 174 20.99 -6.29 51.64
C TYR A 174 19.53 -6.15 52.01
N PRO A 175 19.13 -5.10 52.73
CA PRO A 175 17.80 -4.89 53.21
C PRO A 175 16.88 -4.76 52.02
N ASN A 176 15.60 -5.12 52.21
CA ASN A 176 14.54 -4.99 51.20
C ASN A 176 14.31 -3.51 50.84
N LEU A 177 14.19 -3.23 49.54
CA LEU A 177 13.98 -1.91 48.96
C LEU A 177 12.54 -1.71 48.66
N SER A 178 12.07 -0.50 48.90
CA SER A 178 10.75 -0.10 48.49
C SER A 178 10.75 1.39 48.22
N LYS A 179 10.59 1.76 46.96
CA LYS A 179 10.59 3.15 46.55
C LYS A 179 9.47 3.44 45.63
N SER A 180 8.95 4.65 45.70
CA SER A 180 7.92 4.99 44.78
C SER A 180 8.01 6.43 44.34
N TYR A 181 7.44 6.67 43.19
CA TYR A 181 7.38 7.99 42.61
C TYR A 181 6.05 8.32 42.02
N VAL A 182 5.59 9.52 42.30
CA VAL A 182 4.32 10.00 41.77
C VAL A 182 4.57 11.00 40.68
N ASN A 183 3.95 10.79 39.55
CA ASN A 183 4.21 11.66 38.44
C ASN A 183 3.45 12.96 38.53
N ASN A 184 4.13 13.93 39.10
CA ASN A 184 3.62 15.26 39.32
C ASN A 184 4.17 16.23 38.30
N LYS A 185 4.74 15.71 37.20
CA LYS A 185 5.34 16.56 36.18
C LYS A 185 4.34 17.08 35.14
N GLU A 186 3.15 16.48 35.10
CA GLU A 186 2.11 16.79 34.11
C GLU A 186 2.52 16.47 32.67
N LYS A 187 3.47 15.58 32.54
CA LYS A 187 4.00 15.06 31.29
C LYS A 187 4.19 13.58 31.46
N GLU A 188 4.32 12.86 30.37
CA GLU A 188 4.62 11.45 30.54
C GLU A 188 6.05 11.33 31.00
N VAL A 189 6.31 10.39 31.89
CA VAL A 189 7.66 10.21 32.37
C VAL A 189 8.26 8.88 32.00
N LEU A 190 9.43 8.91 31.40
CA LEU A 190 10.13 7.71 31.02
C LEU A 190 11.07 7.28 32.11
N VAL A 191 10.80 6.10 32.64
CA VAL A 191 11.57 5.56 33.74
C VAL A 191 12.35 4.37 33.26
N LEU A 192 13.67 4.43 33.43
CA LEU A 192 14.55 3.34 32.99
C LEU A 192 15.12 2.64 34.21
N TRP A 193 15.31 1.32 34.12
CA TRP A 193 15.93 0.54 35.20
C TRP A 193 16.52 -0.72 34.64
N GLY A 194 17.21 -1.48 35.46
CA GLY A 194 17.70 -2.76 34.95
C GLY A 194 17.82 -3.83 36.02
N VAL A 195 18.17 -5.03 35.57
CA VAL A 195 18.32 -6.18 36.45
C VAL A 195 19.66 -6.85 36.20
N HIS A 196 20.40 -7.15 37.26
CA HIS A 196 21.70 -7.79 37.12
C HIS A 196 21.63 -9.30 37.23
N HIS A 197 22.25 -9.97 36.26
CA HIS A 197 22.35 -11.40 36.15
C HIS A 197 23.83 -11.84 36.22
N PRO A 198 24.36 -12.17 37.41
CA PRO A 198 25.74 -12.53 37.65
C PRO A 198 26.16 -13.78 36.89
N PRO A 199 27.46 -13.94 36.60
CA PRO A 199 28.05 -15.09 35.97
C PRO A 199 28.06 -16.33 36.83
N ASN A 200 27.99 -16.16 38.16
CA ASN A 200 28.01 -17.30 39.02
C ASN A 200 27.39 -16.96 40.36
N ILE A 201 27.18 -17.99 41.16
CA ILE A 201 26.59 -17.84 42.46
C ILE A 201 27.49 -17.14 43.47
N GLY A 202 28.80 -17.17 43.26
CA GLY A 202 29.73 -16.53 44.18
C GLY A 202 29.54 -15.04 44.14
N ASN A 203 29.32 -14.53 42.94
CA ASN A 203 29.13 -13.12 42.72
C ASN A 203 27.75 -12.74 43.24
N GLN A 204 26.76 -13.60 43.03
CA GLN A 204 25.45 -13.29 43.54
C GLN A 204 25.46 -13.14 45.04
N ARG A 205 26.13 -14.03 45.74
CA ARG A 205 26.16 -13.89 47.17
C ARG A 205 27.00 -12.70 47.60
N ALA A 206 28.14 -12.47 46.96
CA ALA A 206 29.02 -11.40 47.36
C ALA A 206 28.38 -10.02 47.26
N LEU A 207 27.56 -9.82 46.25
CA LEU A 207 26.95 -8.53 46.05
C LEU A 207 25.61 -8.34 46.73
N TYR A 208 24.76 -9.37 46.75
CA TYR A 208 23.42 -9.15 47.25
C TYR A 208 23.07 -9.91 48.52
N HIS A 209 23.97 -10.77 48.99
CA HIS A 209 23.77 -11.56 50.20
C HIS A 209 22.50 -12.39 50.20
N THR A 210 22.16 -12.92 49.05
CA THR A 210 21.01 -13.78 48.88
C THR A 210 21.19 -14.60 47.64
N GLU A 211 20.62 -15.79 47.64
CA GLU A 211 20.64 -16.65 46.46
C GLU A 211 19.31 -16.61 45.74
N ASN A 212 18.36 -15.85 46.30
CA ASN A 212 17.01 -15.80 45.77
C ASN A 212 16.51 -14.37 45.72
N ALA A 213 17.13 -13.58 44.89
CA ALA A 213 16.74 -12.22 44.73
C ALA A 213 15.59 -12.13 43.77
N TYR A 214 14.80 -11.10 43.90
CA TYR A 214 13.77 -10.78 42.96
C TYR A 214 13.67 -9.28 42.85
N VAL A 215 13.12 -8.84 41.74
CA VAL A 215 12.82 -7.44 41.49
C VAL A 215 11.37 -7.32 41.06
N SER A 216 10.63 -6.40 41.63
CA SER A 216 9.23 -6.22 41.27
C SER A 216 8.89 -4.78 40.97
N VAL A 217 8.41 -4.53 39.76
CA VAL A 217 8.09 -3.17 39.37
C VAL A 217 6.65 -3.08 38.93
N VAL A 218 5.90 -2.19 39.59
CA VAL A 218 4.49 -2.04 39.26
C VAL A 218 4.06 -0.58 39.11
N SER A 219 2.98 -0.37 38.38
CA SER A 219 2.36 0.95 38.20
C SER A 219 0.90 0.63 37.98
N SER A 220 0.02 1.61 37.78
CA SER A 220 -1.37 1.19 37.71
C SER A 220 -1.66 0.18 36.63
N HIS A 221 -0.98 0.28 35.51
CA HIS A 221 -1.21 -0.62 34.41
C HIS A 221 0.05 -1.32 33.95
N TYR A 222 0.94 -1.60 34.90
CA TYR A 222 2.20 -2.29 34.58
C TYR A 222 2.56 -3.23 35.69
N SER A 223 3.00 -4.41 35.35
CA SER A 223 3.49 -5.30 36.37
C SER A 223 4.47 -6.31 35.86
N ARG A 224 5.67 -6.30 36.42
CA ARG A 224 6.68 -7.29 36.08
C ARG A 224 7.41 -7.78 37.30
N ARG A 225 7.77 -9.03 37.29
CA ARG A 225 8.60 -9.57 38.33
C ARG A 225 9.75 -10.18 37.61
N PHE A 226 10.94 -9.92 38.09
CA PHE A 226 12.11 -10.41 37.44
C PHE A 226 12.81 -11.34 38.38
N THR A 227 13.42 -12.36 37.83
CA THR A 227 14.24 -13.24 38.62
C THR A 227 15.59 -13.28 37.93
N PRO A 228 16.71 -12.98 38.59
CA PRO A 228 18.02 -13.07 38.02
C PRO A 228 18.28 -14.50 37.61
N GLU A 229 18.88 -14.68 36.45
CA GLU A 229 19.22 -15.99 35.94
C GLU A 229 20.72 -16.11 35.86
N ILE A 230 21.30 -16.80 36.84
CA ILE A 230 22.72 -16.93 36.93
C ILE A 230 23.24 -17.95 35.96
N ALA A 231 24.20 -17.52 35.15
CA ALA A 231 24.80 -18.39 34.15
C ALA A 231 26.09 -17.77 33.67
N LYS A 232 27.05 -18.62 33.35
CA LYS A 232 28.28 -18.12 32.80
C LYS A 232 28.09 -17.96 31.32
N ARG A 233 28.25 -16.76 30.83
CA ARG A 233 27.99 -16.44 29.44
C ARG A 233 29.30 -16.18 28.70
N PRO A 234 29.33 -16.17 27.35
CA PRO A 234 30.48 -15.78 26.58
C PRO A 234 30.78 -14.36 26.96
N LYS A 235 32.06 -13.97 26.96
CA LYS A 235 32.37 -12.62 27.34
C LYS A 235 32.06 -11.60 26.28
N VAL A 236 31.40 -10.55 26.70
CA VAL A 236 31.13 -9.41 25.86
C VAL A 236 31.63 -8.20 26.61
N ARG A 237 32.53 -7.44 26.03
CA ARG A 237 33.12 -6.30 26.74
C ARG A 237 33.69 -6.76 28.07
N ASP A 238 34.31 -7.94 28.05
CA ASP A 238 34.93 -8.63 29.18
C ASP A 238 33.99 -9.09 30.29
N GLN A 239 32.67 -9.02 30.11
CA GLN A 239 31.73 -9.51 31.10
C GLN A 239 31.18 -10.87 30.85
N GLU A 240 31.17 -11.70 31.88
CA GLU A 240 30.56 -13.03 31.81
C GLU A 240 29.13 -13.00 32.33
N GLY A 241 28.71 -11.84 32.81
CA GLY A 241 27.36 -11.65 33.32
C GLY A 241 26.66 -10.65 32.44
N ARG A 242 25.43 -10.29 32.79
CA ARG A 242 24.66 -9.33 31.99
C ARG A 242 23.73 -8.42 32.82
N ILE A 243 23.42 -7.25 32.30
CA ILE A 243 22.36 -6.41 32.88
C ILE A 243 21.29 -6.14 31.87
N ASN A 244 20.05 -6.49 32.15
CA ASN A 244 19.01 -6.22 31.15
C ASN A 244 18.38 -4.90 31.44
N TYR A 245 17.86 -4.24 30.41
CA TYR A 245 17.27 -2.93 30.61
C TYR A 245 15.81 -2.93 30.29
N TYR A 246 15.06 -2.24 31.12
CA TYR A 246 13.63 -2.15 31.01
C TYR A 246 13.17 -0.73 31.12
N TRP A 247 12.01 -0.44 30.58
CA TRP A 247 11.47 0.88 30.69
C TRP A 247 9.97 0.90 30.65
N THR A 248 9.40 1.98 31.15
CA THR A 248 7.97 2.19 31.02
C THR A 248 7.67 3.67 31.07
N LEU A 249 6.52 4.06 30.52
CA LEU A 249 6.11 5.44 30.63
C LEU A 249 5.02 5.61 31.65
N LEU A 250 5.11 6.66 32.44
CA LEU A 250 4.07 6.92 33.40
C LEU A 250 3.18 7.98 32.85
N GLU A 251 1.89 7.82 33.02
CA GLU A 251 0.99 8.85 32.64
C GLU A 251 0.95 9.84 33.78
N PRO A 252 0.65 11.12 33.56
CA PRO A 252 0.53 12.10 34.61
C PRO A 252 -0.41 11.62 35.67
N GLY A 253 0.00 11.77 36.91
CA GLY A 253 -0.79 11.37 38.06
C GLY A 253 -0.59 9.93 38.51
N ASP A 254 0.14 9.10 37.76
CA ASP A 254 0.28 7.73 38.23
C ASP A 254 1.44 7.57 39.18
N THR A 255 1.62 6.35 39.68
CA THR A 255 2.68 5.99 40.60
C THR A 255 3.44 4.77 40.13
N ILE A 256 4.75 4.78 40.27
CA ILE A 256 5.55 3.59 39.98
C ILE A 256 6.25 3.14 41.25
N ILE A 257 6.20 1.84 41.52
CA ILE A 257 6.82 1.27 42.70
C ILE A 257 7.88 0.23 42.40
N PHE A 258 9.04 0.42 43.00
CA PHE A 258 10.18 -0.48 42.87
C PHE A 258 10.45 -1.24 44.15
N GLU A 259 10.36 -2.55 44.08
CA GLU A 259 10.59 -3.42 45.23
C GLU A 259 11.65 -4.47 44.96
N ALA A 260 12.60 -4.63 45.83
CA ALA A 260 13.62 -5.65 45.55
C ALA A 260 14.36 -6.16 46.76
N ASN A 261 14.92 -7.36 46.66
CA ASN A 261 15.79 -7.84 47.72
C ASN A 261 17.16 -8.18 47.16
N GLY A 262 17.46 -7.62 46.00
CA GLY A 262 18.73 -7.83 45.36
C GLY A 262 18.62 -7.70 43.87
N ASN A 263 19.77 -7.49 43.24
CA ASN A 263 19.98 -7.41 41.80
C ASN A 263 19.29 -6.27 41.05
N LEU A 264 18.99 -5.17 41.73
CA LEU A 264 18.37 -4.04 41.06
C LEU A 264 19.32 -2.93 40.68
N ILE A 265 19.20 -2.49 39.44
CA ILE A 265 19.90 -1.34 38.94
C ILE A 265 18.81 -0.27 38.96
N ALA A 266 18.87 0.61 39.93
CA ALA A 266 17.79 1.52 40.21
C ALA A 266 17.76 2.74 39.29
N PRO A 267 16.60 3.32 38.98
CA PRO A 267 16.51 4.54 38.25
C PRO A 267 17.13 5.60 39.09
N TRP A 268 17.81 6.54 38.47
CA TRP A 268 18.34 7.68 39.17
C TRP A 268 17.72 8.90 38.53
N TYR A 269 17.83 8.97 37.22
CA TYR A 269 17.24 10.04 36.43
C TYR A 269 16.13 9.50 35.56
N ALA A 270 15.18 10.37 35.24
CA ALA A 270 14.02 10.02 34.42
C ALA A 270 13.68 11.18 33.54
N PHE A 271 12.95 10.93 32.46
CA PHE A 271 12.66 12.03 31.54
C PHE A 271 11.22 12.42 31.41
N ALA A 272 10.96 13.71 31.60
CA ALA A 272 9.60 14.21 31.41
C ALA A 272 9.51 14.61 29.96
N LEU A 273 8.72 13.86 29.21
CA LEU A 273 8.69 13.98 27.76
C LEU A 273 7.66 14.94 27.24
N SER A 274 8.11 15.87 26.41
CA SER A 274 7.23 16.81 25.76
C SER A 274 7.17 16.45 24.29
N ARG A 275 5.99 16.04 23.84
CA ARG A 275 5.86 15.60 22.47
C ARG A 275 5.53 16.73 21.54
N GLY A 276 6.09 16.65 20.34
CA GLY A 276 5.85 17.62 19.30
C GLY A 276 5.37 16.89 18.07
N PHE A 277 5.54 17.50 16.92
CA PHE A 277 5.07 16.88 15.72
C PHE A 277 5.87 17.30 14.52
N GLY A 278 6.22 16.35 13.67
CA GLY A 278 6.97 16.64 12.46
C GLY A 278 8.44 16.31 12.60
N SER A 279 8.87 16.01 13.82
CA SER A 279 10.24 15.61 14.12
C SER A 279 10.39 14.13 13.84
N GLY A 280 11.62 13.63 13.85
CA GLY A 280 11.88 12.22 13.64
C GLY A 280 13.37 11.95 13.71
N ILE A 281 13.76 10.70 13.47
CA ILE A 281 15.16 10.35 13.55
C ILE A 281 15.72 10.02 12.16
N ILE A 282 16.81 10.67 11.84
CA ILE A 282 17.59 10.52 10.62
C ILE A 282 18.84 9.75 10.84
N THR A 283 19.12 8.82 9.95
CA THR A 283 20.37 8.10 10.04
C THR A 283 21.26 8.72 8.97
N SER A 284 22.38 9.33 9.37
CA SER A 284 23.21 10.04 8.40
C SER A 284 24.63 10.35 8.82
N ASN A 285 25.52 10.41 7.83
CA ASN A 285 26.89 10.86 8.02
C ASN A 285 27.18 12.24 7.41
N ALA A 286 26.15 12.99 7.06
CA ALA A 286 26.36 14.31 6.47
C ALA A 286 27.00 15.25 7.50
N PRO A 287 27.87 16.20 7.09
CA PRO A 287 28.45 17.26 7.91
C PRO A 287 27.40 18.17 8.45
N MET A 288 27.64 18.74 9.62
CA MET A 288 26.72 19.70 10.23
C MET A 288 27.16 21.09 9.89
N ASP A 289 26.22 22.00 9.61
CA ASP A 289 26.60 23.39 9.35
C ASP A 289 25.60 24.37 9.95
N GLU A 290 25.88 25.65 9.75
CA GLU A 290 25.07 26.77 10.25
C GLU A 290 23.92 27.23 9.32
N CYS A 291 23.69 26.49 8.21
CA CYS A 291 22.67 26.70 7.20
C CYS A 291 21.27 26.48 7.77
N ASP A 292 20.28 26.89 7.01
CA ASP A 292 18.90 26.81 7.43
C ASP A 292 18.07 26.38 6.26
N ALA A 293 17.13 25.49 6.51
CA ALA A 293 16.30 24.97 5.45
C ALA A 293 14.89 24.64 5.92
N LYS A 294 13.99 24.55 4.96
CA LYS A 294 12.62 24.11 5.24
C LYS A 294 12.36 22.58 5.08
N CYS A 295 13.32 21.85 4.46
CA CYS A 295 13.32 20.43 4.15
C CYS A 295 14.73 19.87 4.33
N GLN A 296 14.83 18.80 5.09
CA GLN A 296 16.11 18.14 5.31
C GLN A 296 16.02 16.66 5.02
N THR A 297 16.94 16.16 4.22
CA THR A 297 16.96 14.74 3.97
C THR A 297 18.28 14.28 4.56
N PRO A 298 18.53 13.00 4.78
CA PRO A 298 19.80 12.48 5.23
C PRO A 298 20.98 12.85 4.35
N GLN A 299 20.77 13.20 3.07
CA GLN A 299 21.90 13.54 2.21
C GLN A 299 22.05 15.01 1.97
N GLY A 300 21.27 15.82 2.64
CA GLY A 300 21.34 17.25 2.41
C GLY A 300 20.00 17.94 2.44
N ALA A 301 20.04 19.25 2.57
CA ALA A 301 18.85 20.05 2.63
C ALA A 301 18.38 20.44 1.26
N ILE A 302 17.09 20.61 1.10
CA ILE A 302 16.52 21.00 -0.18
C ILE A 302 15.83 22.37 -0.17
N ASN A 303 16.28 23.27 -1.06
CA ASN A 303 15.74 24.62 -1.30
C ASN A 303 14.96 24.59 -2.62
N SER A 304 13.67 24.14 -2.57
CA SER A 304 12.87 23.90 -3.78
C SER A 304 11.38 23.98 -3.59
N SER A 305 10.71 24.43 -4.64
CA SER A 305 9.26 24.54 -4.70
C SER A 305 8.64 23.55 -5.68
N LEU A 306 9.44 22.63 -6.22
CA LEU A 306 8.93 21.69 -7.20
C LEU A 306 8.21 20.58 -6.49
N PRO A 307 7.19 19.94 -7.11
CA PRO A 307 6.43 18.84 -6.54
C PRO A 307 7.18 17.53 -6.28
N PHE A 308 8.29 17.27 -6.97
CA PHE A 308 9.01 16.03 -6.78
C PHE A 308 10.48 16.21 -6.56
N GLN A 309 11.10 15.23 -5.93
CA GLN A 309 12.55 15.18 -5.75
C GLN A 309 13.09 13.80 -6.01
N ASN A 310 14.34 13.71 -6.38
CA ASN A 310 14.97 12.41 -6.52
C ASN A 310 16.21 12.30 -5.63
N VAL A 311 16.17 12.99 -4.48
CA VAL A 311 17.28 12.97 -3.55
C VAL A 311 17.21 11.84 -2.52
N HIS A 312 16.10 11.71 -1.80
CA HIS A 312 16.01 10.66 -0.78
C HIS A 312 14.57 10.47 -0.32
N PRO A 313 14.09 9.25 0.01
CA PRO A 313 12.80 8.99 0.60
C PRO A 313 12.58 9.43 2.04
N VAL A 314 13.64 9.63 2.82
CA VAL A 314 13.46 10.05 4.21
C VAL A 314 13.59 11.50 4.33
N THR A 315 12.58 12.12 4.89
CA THR A 315 12.63 13.54 5.02
C THR A 315 12.02 14.08 6.28
N ILE A 316 12.51 15.23 6.71
CA ILE A 316 11.93 16.00 7.78
C ILE A 316 11.63 17.41 7.27
N GLY A 317 10.40 17.89 7.47
CA GLY A 317 10.05 19.22 6.98
C GLY A 317 9.02 19.17 5.86
N GLU A 318 8.91 20.26 5.12
CA GLU A 318 7.92 20.39 4.04
C GLU A 318 8.64 20.07 2.75
N CYS A 319 8.50 18.82 2.22
CA CYS A 319 9.32 18.31 1.13
C CYS A 319 8.54 17.89 -0.12
N PRO A 320 9.20 17.92 -1.29
CA PRO A 320 8.75 17.36 -2.54
C PRO A 320 8.63 15.86 -2.36
N LYS A 321 7.78 15.23 -3.14
CA LYS A 321 7.60 13.80 -3.02
C LYS A 321 8.78 13.06 -3.63
N TYR A 322 9.27 12.02 -2.98
CA TYR A 322 10.36 11.28 -3.59
C TYR A 322 9.86 10.39 -4.71
N VAL A 323 10.50 10.51 -5.86
CA VAL A 323 10.15 9.74 -7.04
C VAL A 323 11.37 9.06 -7.66
N ARG A 324 11.23 7.82 -8.12
CA ARG A 324 12.36 7.15 -8.71
C ARG A 324 12.51 7.46 -10.18
N SER A 325 12.94 8.66 -10.48
CA SER A 325 13.08 9.07 -11.87
C SER A 325 14.23 10.02 -12.03
N ALA A 326 14.80 10.04 -13.23
CA ALA A 326 15.89 10.95 -13.51
C ALA A 326 15.42 12.31 -13.98
N LYS A 327 14.35 12.33 -14.75
CA LYS A 327 13.83 13.58 -15.27
C LYS A 327 12.33 13.54 -15.38
N LEU A 328 11.71 14.66 -15.14
CA LEU A 328 10.29 14.77 -15.26
C LEU A 328 10.03 16.19 -15.71
N ARG A 329 9.74 16.39 -16.98
CA ARG A 329 9.62 17.73 -17.55
C ARG A 329 8.45 17.90 -18.46
N MET A 330 7.75 19.01 -18.29
CA MET A 330 6.60 19.36 -19.12
C MET A 330 6.94 20.39 -20.17
N VAL A 331 6.25 20.32 -21.29
CA VAL A 331 6.41 21.34 -22.32
C VAL A 331 5.31 22.33 -22.21
N THR A 332 5.66 23.59 -22.27
CA THR A 332 4.65 24.62 -22.23
C THR A 332 4.59 25.37 -23.55
N GLY A 333 5.71 25.37 -24.28
CA GLY A 333 5.83 26.10 -25.53
C GLY A 333 5.56 25.25 -26.74
N LEU A 334 6.12 25.66 -27.85
CA LEU A 334 5.86 25.10 -29.16
C LEU A 334 6.95 24.14 -29.56
N ARG A 335 6.71 23.31 -30.57
CA ARG A 335 7.81 22.48 -31.03
C ARG A 335 8.84 23.47 -31.55
N ASN A 336 10.11 23.29 -31.20
CA ASN A 336 11.10 24.28 -31.63
C ASN A 336 11.67 23.99 -32.98
N ILE A 337 10.87 24.21 -34.00
CA ILE A 337 11.31 23.97 -35.35
C ILE A 337 11.29 25.25 -36.13
N PRO A 338 12.39 25.97 -36.29
CA PRO A 338 12.50 27.21 -37.03
C PRO A 338 12.57 26.91 -38.53
N SER A 339 12.15 27.88 -39.38
CA SER A 339 12.28 27.97 -40.86
C SER A 339 10.91 28.34 -41.47
N GLN B 1 33.98 12.27 -24.22
CA GLN B 1 33.84 11.34 -23.11
C GLN B 1 34.56 11.90 -21.87
N VAL B 2 34.14 11.43 -20.68
CA VAL B 2 34.67 11.83 -19.37
C VAL B 2 36.01 11.17 -19.11
N GLN B 3 36.98 11.98 -18.73
CA GLN B 3 38.31 11.51 -18.45
C GLN B 3 38.86 12.18 -17.20
N LEU B 4 39.56 11.43 -16.38
CA LEU B 4 40.18 12.04 -15.22
C LEU B 4 41.66 11.80 -15.32
N ARG B 5 42.48 12.78 -14.98
CA ARG B 5 43.92 12.52 -14.98
C ARG B 5 44.61 13.07 -13.77
N GLU B 6 45.24 12.16 -13.02
CA GLU B 6 45.99 12.50 -11.84
C GLU B 6 47.38 12.95 -12.20
N SER B 7 47.93 13.84 -11.40
CA SER B 7 49.31 14.25 -11.55
C SER B 7 49.95 14.73 -10.26
N GLY B 8 51.23 14.46 -10.12
CA GLY B 8 51.96 14.95 -8.98
C GLY B 8 53.39 14.49 -9.05
N PRO B 9 54.24 14.93 -8.12
CA PRO B 9 55.68 14.65 -8.05
C PRO B 9 56.11 13.19 -8.16
N GLY B 10 55.36 12.27 -7.56
CA GLY B 10 55.69 10.84 -7.61
C GLY B 10 56.71 10.46 -6.53
N LEU B 11 57.22 11.45 -5.83
CA LEU B 11 58.19 11.27 -4.78
C LEU B 11 58.14 12.41 -3.80
N VAL B 12 57.95 12.04 -2.55
CA VAL B 12 57.87 12.97 -1.44
C VAL B 12 58.81 12.47 -0.36
N LYS B 13 59.45 13.39 0.36
CA LYS B 13 60.32 12.96 1.43
C LYS B 13 59.51 12.84 2.72
N PRO B 14 59.95 12.08 3.70
CA PRO B 14 59.29 11.98 4.97
C PRO B 14 59.12 13.35 5.58
N SER B 15 57.97 13.52 6.21
CA SER B 15 57.52 14.72 6.92
C SER B 15 57.13 15.87 6.01
N GLN B 16 57.14 15.65 4.70
CA GLN B 16 56.69 16.67 3.77
C GLN B 16 55.22 16.46 3.49
N THR B 17 54.57 17.48 2.96
CA THR B 17 53.18 17.32 2.56
C THR B 17 53.11 16.88 1.12
N LEU B 18 52.34 15.83 0.88
CA LEU B 18 52.13 15.33 -0.47
C LEU B 18 51.00 16.08 -1.07
N SER B 19 51.14 16.53 -2.30
CA SER B 19 50.03 17.22 -2.95
C SER B 19 49.80 16.76 -4.36
N LEU B 20 48.60 16.21 -4.61
CA LEU B 20 48.21 15.69 -5.92
C LEU B 20 47.06 16.48 -6.51
N THR B 21 47.05 16.59 -7.83
CA THR B 21 45.96 17.26 -8.53
C THR B 21 45.33 16.32 -9.58
N CYS B 22 43.99 16.36 -9.72
CA CYS B 22 43.21 15.62 -10.72
C CYS B 22 42.46 16.59 -11.61
N THR B 23 42.73 16.50 -12.90
CA THR B 23 42.06 17.38 -13.84
C THR B 23 40.94 16.62 -14.49
N VAL B 24 39.76 17.19 -14.44
CA VAL B 24 38.56 16.56 -14.96
C VAL B 24 38.22 17.14 -16.31
N SER B 25 37.98 16.31 -17.30
CA SER B 25 37.59 16.83 -18.59
C SER B 25 36.46 16.00 -19.15
N GLY B 26 35.65 16.60 -20.03
CA GLY B 26 34.52 15.89 -20.63
C GLY B 26 33.32 15.92 -19.70
N ASP B 27 33.44 16.70 -18.65
CA ASP B 27 32.45 16.86 -17.59
C ASP B 27 32.61 18.25 -16.99
N SER B 28 31.79 18.59 -16.01
CA SER B 28 31.89 19.87 -15.34
C SER B 28 31.69 19.76 -13.85
N ILE B 29 32.70 20.20 -13.09
CA ILE B 29 32.60 20.01 -11.66
C ILE B 29 31.88 21.15 -11.01
N SER B 30 31.25 22.00 -11.82
CA SER B 30 30.39 23.04 -11.33
C SER B 30 28.93 22.80 -11.72
N ASN B 31 28.65 21.78 -12.55
CA ASN B 31 27.27 21.56 -13.00
C ASN B 31 26.65 20.22 -12.62
N GLY B 32 27.43 19.14 -12.62
CA GLY B 32 26.91 17.78 -12.39
C GLY B 32 26.18 17.45 -11.06
N GLY B 33 26.58 18.06 -9.94
CA GLY B 33 26.00 17.75 -8.64
C GLY B 33 26.45 16.40 -8.06
N LEU B 34 27.63 15.95 -8.44
CA LEU B 34 28.23 14.67 -8.07
C LEU B 34 29.29 14.77 -6.99
N TYR B 35 29.66 13.67 -6.39
CA TYR B 35 30.76 13.73 -5.45
C TYR B 35 32.06 13.32 -6.12
N TRP B 36 33.14 14.01 -5.79
CA TRP B 36 34.46 13.70 -6.32
C TRP B 36 35.38 13.06 -5.27
N ASN B 37 35.80 11.83 -5.55
CA ASN B 37 36.55 10.99 -4.62
C ASN B 37 38.04 10.89 -4.83
N TRP B 38 38.75 10.66 -3.73
CA TRP B 38 40.15 10.27 -3.77
C TRP B 38 40.27 8.97 -3.02
N ILE B 39 40.98 8.03 -3.61
CA ILE B 39 41.23 6.74 -3.00
C ILE B 39 42.70 6.36 -3.20
N ARG B 40 43.22 5.39 -2.45
CA ARG B 40 44.59 4.93 -2.72
C ARG B 40 44.78 3.44 -2.56
N GLN B 41 45.80 2.90 -3.20
CA GLN B 41 46.14 1.50 -3.01
C GLN B 41 47.60 1.27 -2.63
N ARG B 42 47.85 0.80 -1.42
CA ARG B 42 49.21 0.53 -0.95
C ARG B 42 49.64 -0.72 -1.71
N PRO B 43 50.88 -0.87 -2.19
CA PRO B 43 51.28 -2.06 -2.91
C PRO B 43 51.02 -3.31 -2.11
N GLY B 44 50.42 -4.31 -2.76
CA GLY B 44 50.11 -5.60 -2.16
C GLY B 44 48.80 -5.63 -1.39
N ARG B 45 48.15 -4.49 -1.27
CA ARG B 45 46.92 -4.34 -0.51
C ARG B 45 45.72 -4.03 -1.39
N GLY B 46 44.53 -4.09 -0.78
CA GLY B 46 43.32 -3.77 -1.50
C GLY B 46 43.16 -2.26 -1.49
N LEU B 47 41.98 -1.79 -1.86
CA LEU B 47 41.74 -0.37 -1.99
C LEU B 47 41.29 0.27 -0.68
N GLU B 48 41.74 1.50 -0.43
CA GLU B 48 41.34 2.30 0.72
C GLU B 48 40.78 3.65 0.31
N TRP B 49 39.62 4.01 0.82
CA TRP B 49 39.02 5.29 0.48
C TRP B 49 39.68 6.42 1.26
N ILE B 50 39.97 7.57 0.62
CA ILE B 50 40.57 8.68 1.35
C ILE B 50 39.53 9.69 1.77
N GLY B 51 38.67 10.08 0.85
CA GLY B 51 37.68 11.10 1.14
C GLY B 51 37.00 11.58 -0.11
N TYR B 52 36.10 12.56 0.04
CA TYR B 52 35.44 13.15 -1.12
C TYR B 52 35.00 14.56 -0.89
N ILE B 53 34.81 15.25 -1.99
CA ILE B 53 34.33 16.61 -1.95
C ILE B 53 33.16 16.82 -2.88
N TYR B 54 32.18 17.58 -2.44
CA TYR B 54 31.01 17.83 -3.24
C TYR B 54 31.13 19.17 -3.97
N TYR B 55 30.12 19.52 -4.73
CA TYR B 55 30.11 20.72 -5.54
C TYR B 55 30.05 21.98 -4.74
N ASN B 56 29.55 21.85 -3.54
CA ASN B 56 29.41 22.98 -2.68
C ASN B 56 30.63 23.14 -1.78
N GLY B 57 31.67 22.32 -2.02
CA GLY B 57 32.89 22.40 -1.24
C GLY B 57 32.79 21.61 0.05
N VAL B 58 31.71 20.89 0.19
CA VAL B 58 31.46 20.11 1.38
C VAL B 58 32.40 18.94 1.33
N THR B 59 33.18 18.75 2.38
CA THR B 59 34.18 17.71 2.31
C THR B 59 34.09 16.75 3.45
N THR B 60 34.27 15.48 3.13
CA THR B 60 34.31 14.42 4.11
C THR B 60 35.60 13.64 4.01
N TYR B 61 36.01 13.00 5.10
CA TYR B 61 37.24 12.23 5.08
C TYR B 61 37.13 10.90 5.77
N ASN B 62 38.00 9.98 5.37
CA ASN B 62 38.15 8.72 6.06
C ASN B 62 38.63 9.07 7.45
N PRO B 63 37.90 8.74 8.53
CA PRO B 63 38.18 9.16 9.87
C PRO B 63 39.52 8.73 10.40
N SER B 64 40.14 7.70 9.83
CA SER B 64 41.43 7.29 10.34
C SER B 64 42.55 8.25 9.93
N LEU B 65 42.29 9.06 8.91
CA LEU B 65 43.25 9.99 8.36
C LEU B 65 42.77 11.44 8.37
N ARG B 66 41.63 11.72 9.01
CA ARG B 66 41.01 13.04 8.92
C ARG B 66 41.86 14.19 9.42
N SER B 67 42.78 13.93 10.34
CA SER B 67 43.63 14.99 10.87
C SER B 67 44.77 15.38 9.93
N ARG B 68 45.03 14.55 8.93
CA ARG B 68 46.12 14.76 8.01
C ARG B 68 45.66 15.19 6.63
N ILE B 69 44.46 14.74 6.26
CA ILE B 69 43.93 14.96 4.92
C ILE B 69 43.23 16.28 4.70
N ALA B 70 43.58 16.93 3.61
CA ALA B 70 42.84 18.08 3.19
C ALA B 70 42.44 17.84 1.73
N ILE B 71 41.19 18.09 1.41
CA ILE B 71 40.69 17.95 0.04
C ILE B 71 40.07 19.25 -0.38
N SER B 72 40.35 19.67 -1.60
CA SER B 72 39.78 20.91 -2.07
C SER B 72 39.33 20.81 -3.50
N LEU B 73 38.80 21.90 -4.02
CA LEU B 73 38.26 21.90 -5.37
C LEU B 73 38.22 23.29 -6.02
N GLU B 74 38.73 23.39 -7.25
CA GLU B 74 38.68 24.64 -8.02
C GLU B 74 37.85 24.45 -9.27
N THR B 75 36.66 25.02 -9.25
CA THR B 75 35.75 24.83 -10.36
C THR B 75 36.22 25.50 -11.63
N ALA B 76 36.96 26.59 -11.53
CA ALA B 76 37.38 27.33 -12.70
C ALA B 76 38.23 26.50 -13.65
N LYS B 77 38.98 25.56 -13.12
CA LYS B 77 39.88 24.76 -13.92
C LYS B 77 39.45 23.32 -14.00
N ASN B 78 38.29 22.99 -13.45
CA ASN B 78 37.90 21.60 -13.33
C ASN B 78 38.96 20.78 -12.60
N GLN B 79 39.50 21.30 -11.49
CA GLN B 79 40.51 20.52 -10.78
C GLN B 79 40.19 20.20 -9.34
N LEU B 80 40.55 18.99 -8.97
CA LEU B 80 40.39 18.48 -7.63
C LEU B 80 41.77 18.44 -7.01
N SER B 81 41.88 18.55 -5.70
CA SER B 81 43.20 18.35 -5.12
C SER B 81 43.15 17.66 -3.78
N LEU B 82 44.26 16.97 -3.49
CA LEU B 82 44.48 16.22 -2.28
C LEU B 82 45.78 16.54 -1.62
N ARG B 83 45.76 16.80 -0.33
CA ARG B 83 46.99 17.05 0.40
C ARG B 83 47.08 16.21 1.66
N LEU B 84 48.23 15.56 1.86
CA LEU B 84 48.43 14.77 3.09
C LEU B 84 49.61 15.29 3.87
N SER B 85 49.37 15.81 5.06
CA SER B 85 50.47 16.32 5.86
C SER B 85 51.21 15.16 6.51
N SER B 86 52.43 15.44 6.98
CA SER B 86 53.25 14.46 7.71
C SER B 86 53.39 13.11 7.01
N VAL B 87 53.76 13.11 5.74
CA VAL B 87 53.87 11.89 4.96
C VAL B 87 54.97 10.94 5.41
N SER B 88 54.63 9.66 5.45
CA SER B 88 55.57 8.61 5.87
C SER B 88 55.57 7.41 4.94
N ALA B 89 56.35 6.39 5.28
CA ALA B 89 56.49 5.21 4.42
C ALA B 89 55.18 4.50 4.11
N ALA B 90 54.27 4.56 5.08
CA ALA B 90 52.95 3.94 5.02
C ALA B 90 52.08 4.56 3.92
N ASP B 91 52.47 5.73 3.43
CA ASP B 91 51.68 6.42 2.46
C ASP B 91 52.11 6.08 1.04
N THR B 92 53.06 5.15 0.86
CA THR B 92 53.39 4.79 -0.51
C THR B 92 52.16 4.09 -1.05
N ALA B 93 51.67 4.56 -2.18
CA ALA B 93 50.47 4.01 -2.76
C ALA B 93 50.23 4.55 -4.14
N ILE B 94 49.35 3.91 -4.88
CA ILE B 94 48.90 4.53 -6.09
C ILE B 94 47.66 5.31 -5.74
N TYR B 95 47.66 6.60 -6.04
CA TYR B 95 46.54 7.43 -5.71
C TYR B 95 45.65 7.60 -6.92
N TYR B 96 44.36 7.54 -6.72
CA TYR B 96 43.41 7.68 -7.81
C TYR B 96 42.35 8.71 -7.45
N CYS B 97 41.79 9.39 -8.46
CA CYS B 97 40.62 10.26 -8.32
C CYS B 97 39.46 9.53 -8.99
N ALA B 98 38.24 9.79 -8.55
CA ALA B 98 37.14 9.12 -9.19
C ALA B 98 35.84 9.92 -9.13
N ARG B 99 35.00 9.70 -10.12
CA ARG B 99 33.70 10.35 -10.14
C ARG B 99 32.66 9.43 -9.56
N GLU B 100 31.83 9.95 -8.68
CA GLU B 100 30.75 9.16 -8.12
C GLU B 100 29.41 9.50 -8.76
N GLY B 101 28.84 8.54 -9.46
CA GLY B 101 27.60 8.73 -10.17
C GLY B 101 26.44 8.12 -9.41
N TRP B 102 25.24 8.24 -9.96
CA TRP B 102 24.09 7.66 -9.28
C TRP B 102 22.89 7.41 -10.16
N VAL B 103 22.06 6.51 -9.67
CA VAL B 103 20.75 6.22 -10.23
C VAL B 103 19.81 6.22 -9.03
N PRO B 104 18.65 6.89 -9.04
CA PRO B 104 17.74 6.91 -7.93
C PRO B 104 17.26 5.51 -7.70
N ASP B 105 17.13 5.10 -6.45
CA ASP B 105 16.70 3.77 -6.13
C ASP B 105 15.77 3.76 -4.93
N TYR B 106 15.32 2.58 -4.55
CA TYR B 106 14.51 2.49 -3.37
C TYR B 106 15.49 2.77 -2.26
N GLY B 107 15.13 3.63 -1.33
CA GLY B 107 16.07 3.95 -0.26
C GLY B 107 16.94 5.16 -0.55
N GLY B 108 16.82 5.76 -1.74
CA GLY B 108 17.61 6.94 -2.08
C GLY B 108 18.57 6.71 -3.21
N ARG B 109 19.37 7.70 -3.51
CA ARG B 109 20.31 7.56 -4.62
C ARG B 109 21.30 6.48 -4.34
N ASN B 110 21.50 5.60 -5.31
CA ASN B 110 22.45 4.51 -5.18
C ASN B 110 23.72 4.90 -5.91
N TYR B 111 24.76 5.19 -5.14
CA TYR B 111 26.02 5.72 -5.64
C TYR B 111 27.06 4.68 -6.02
N TYR B 112 27.86 5.04 -7.04
CA TYR B 112 28.95 4.19 -7.53
C TYR B 112 30.10 4.97 -8.13
N LEU B 113 31.29 4.37 -8.18
CA LEU B 113 32.41 5.03 -8.83
C LEU B 113 32.60 4.48 -10.22
N ASP B 114 32.44 5.33 -11.24
CA ASP B 114 32.52 4.88 -12.62
C ASP B 114 33.78 5.32 -13.35
N PHE B 115 34.09 6.59 -13.33
CA PHE B 115 35.30 7.06 -13.96
C PHE B 115 36.41 7.15 -12.93
N TRP B 116 37.43 6.30 -13.06
CA TRP B 116 38.51 6.19 -12.07
C TRP B 116 39.88 6.80 -12.37
N GLY B 117 40.06 7.44 -13.48
CA GLY B 117 41.39 7.98 -13.75
C GLY B 117 42.39 6.89 -14.12
N GLN B 118 43.67 7.22 -13.99
CA GLN B 118 44.74 6.30 -14.37
C GLN B 118 45.50 5.77 -13.18
N GLY B 119 45.76 6.67 -12.23
CA GLY B 119 46.51 6.36 -11.03
C GLY B 119 47.94 6.87 -11.02
N THR B 120 48.31 7.59 -9.96
CA THR B 120 49.66 8.14 -9.81
C THR B 120 50.38 7.48 -8.68
N LEU B 121 51.54 6.92 -8.97
CA LEU B 121 52.28 6.26 -7.92
C LEU B 121 53.16 7.21 -7.19
N VAL B 122 52.99 7.23 -5.89
CA VAL B 122 53.77 8.07 -5.05
C VAL B 122 54.59 7.25 -4.09
N THR B 123 55.89 7.48 -4.11
CA THR B 123 56.84 6.81 -3.22
C THR B 123 57.29 7.75 -2.13
N VAL B 124 57.36 7.26 -0.89
CA VAL B 124 57.87 8.13 0.15
C VAL B 124 59.24 7.61 0.53
N SER B 125 60.26 8.42 0.33
CA SER B 125 61.63 7.96 0.60
C SER B 125 62.62 9.13 0.72
N SER B 126 63.85 8.83 1.21
CA SER B 126 64.99 9.74 1.35
C SER B 126 66.25 8.84 1.39
N ASP C 1 32.63 1.67 11.14
CA ASP C 1 32.82 1.37 9.73
C ASP C 1 32.24 -0.02 9.42
N ILE C 2 31.57 -0.14 8.26
CA ILE C 2 30.96 -1.39 7.77
C ILE C 2 32.04 -2.20 7.10
N GLN C 3 32.25 -3.41 7.58
CA GLN C 3 33.33 -4.20 7.03
C GLN C 3 32.81 -5.06 5.92
N MET C 4 33.62 -5.26 4.90
CA MET C 4 33.23 -6.13 3.82
C MET C 4 34.22 -7.28 3.75
N THR C 5 33.73 -8.50 3.85
CA THR C 5 34.62 -9.65 3.79
C THR C 5 34.39 -10.49 2.56
N GLN C 6 35.43 -10.66 1.76
CA GLN C 6 35.32 -11.45 0.55
C GLN C 6 35.84 -12.85 0.76
N SER C 7 35.31 -13.77 -0.03
CA SER C 7 35.76 -15.14 0.04
C SER C 7 35.61 -15.85 -1.29
N PRO C 8 36.61 -16.62 -1.70
CA PRO C 8 37.91 -16.92 -1.13
C PRO C 8 38.83 -15.75 -1.38
N SER C 9 40.00 -15.72 -0.74
CA SER C 9 40.96 -14.67 -1.07
C SER C 9 41.61 -14.89 -2.44
N SER C 10 41.59 -16.12 -2.90
CA SER C 10 42.16 -16.52 -4.18
C SER C 10 41.39 -17.71 -4.72
N LEU C 11 41.12 -17.68 -6.00
CA LEU C 11 40.38 -18.75 -6.67
C LEU C 11 41.01 -19.00 -8.02
N SER C 12 41.16 -20.26 -8.41
CA SER C 12 41.61 -20.50 -9.77
C SER C 12 40.57 -21.38 -10.47
N ALA C 13 40.38 -21.14 -11.74
CA ALA C 13 39.46 -21.97 -12.51
C ALA C 13 39.83 -21.93 -13.97
N SER C 14 39.52 -22.98 -14.70
CA SER C 14 39.85 -23.02 -16.10
C SER C 14 38.90 -22.23 -16.97
N VAL C 15 39.32 -22.03 -18.19
CA VAL C 15 38.54 -21.30 -19.14
C VAL C 15 37.30 -22.10 -19.45
N GLY C 16 36.18 -21.41 -19.40
CA GLY C 16 34.88 -21.97 -19.64
C GLY C 16 34.18 -22.40 -18.36
N ASP C 17 34.88 -22.34 -17.24
CA ASP C 17 34.30 -22.77 -15.98
C ASP C 17 33.48 -21.65 -15.35
N ARG C 18 32.87 -21.93 -14.21
CA ARG C 18 32.05 -20.95 -13.52
C ARG C 18 32.68 -20.51 -12.22
N VAL C 19 32.80 -19.21 -12.06
CA VAL C 19 33.41 -18.66 -10.88
C VAL C 19 32.47 -17.90 -9.99
N THR C 20 32.39 -18.32 -8.74
CA THR C 20 31.52 -17.61 -7.81
C THR C 20 32.36 -17.00 -6.71
N ILE C 21 32.24 -15.68 -6.55
CA ILE C 21 32.94 -14.90 -5.54
C ILE C 21 31.91 -14.31 -4.61
N THR C 22 32.04 -14.50 -3.31
CA THR C 22 31.00 -13.96 -2.46
C THR C 22 31.58 -12.91 -1.54
N CYS C 23 30.69 -12.07 -0.95
CA CYS C 23 31.03 -10.99 -0.04
C CYS C 23 29.96 -10.81 1.02
N ARG C 24 30.41 -10.67 2.26
CA ARG C 24 29.51 -10.48 3.39
C ARG C 24 29.76 -9.19 4.15
N ALA C 25 28.71 -8.39 4.26
CA ALA C 25 28.78 -7.14 4.98
C ALA C 25 28.51 -7.39 6.45
N SER C 26 29.17 -6.63 7.31
CA SER C 26 28.93 -6.70 8.75
C SER C 26 27.61 -6.06 9.17
N HIS C 27 27.07 -5.23 8.31
CA HIS C 27 25.84 -4.49 8.53
C HIS C 27 24.96 -4.54 7.31
N ASN C 28 23.68 -4.29 7.49
CA ASN C 28 22.73 -4.24 6.40
C ASN C 28 22.96 -3.04 5.52
N ILE C 29 23.34 -3.28 4.26
CA ILE C 29 23.65 -2.22 3.34
C ILE C 29 22.68 -2.21 2.18
N GLN C 30 21.61 -2.94 2.33
CA GLN C 30 20.57 -3.02 1.33
C GLN C 30 21.13 -3.30 -0.07
N ASN C 31 20.81 -2.45 -1.05
CA ASN C 31 21.26 -2.66 -2.41
C ASN C 31 22.50 -1.87 -2.79
N PHE C 32 23.16 -1.32 -1.80
CA PHE C 32 24.30 -0.47 -2.05
C PHE C 32 25.61 -1.22 -2.13
N LEU C 33 25.74 -2.05 -3.14
CA LEU C 33 26.97 -2.81 -3.38
C LEU C 33 27.43 -2.81 -4.81
N ASN C 34 28.65 -2.35 -5.01
CA ASN C 34 29.29 -2.28 -6.31
C ASN C 34 30.38 -3.34 -6.42
N TRP C 35 30.63 -3.85 -7.62
CA TRP C 35 31.77 -4.75 -7.81
C TRP C 35 32.72 -4.20 -8.87
N TYR C 36 34.01 -4.32 -8.59
CA TYR C 36 35.06 -3.84 -9.49
C TYR C 36 36.06 -4.87 -9.94
N GLN C 37 36.54 -4.70 -11.16
CA GLN C 37 37.58 -5.57 -11.75
C GLN C 37 38.90 -4.85 -11.92
N GLN C 38 39.94 -5.30 -11.25
CA GLN C 38 41.23 -4.63 -11.35
C GLN C 38 42.29 -5.42 -12.06
N LYS C 39 42.68 -4.95 -13.24
CA LYS C 39 43.72 -5.63 -13.99
C LYS C 39 45.00 -5.11 -13.39
N PRO C 40 46.09 -5.87 -13.33
CA PRO C 40 47.34 -5.40 -12.81
C PRO C 40 47.78 -4.14 -13.50
N GLY C 41 48.19 -3.14 -12.72
CA GLY C 41 48.68 -1.88 -13.26
C GLY C 41 47.59 -0.86 -13.62
N LYS C 42 46.33 -1.21 -13.47
CA LYS C 42 45.25 -0.30 -13.86
C LYS C 42 44.29 0.07 -12.76
N ALA C 43 43.63 1.20 -12.93
CA ALA C 43 42.57 1.58 -12.01
C ALA C 43 41.45 0.57 -12.18
N PRO C 44 40.72 0.19 -11.13
CA PRO C 44 39.58 -0.70 -11.18
C PRO C 44 38.46 -0.24 -12.10
N LYS C 45 37.87 -1.21 -12.80
CA LYS C 45 36.75 -1.01 -13.72
C LYS C 45 35.44 -1.37 -13.04
N LEU C 46 34.40 -0.60 -13.25
CA LEU C 46 33.13 -0.97 -12.66
C LEU C 46 32.44 -2.05 -13.46
N LEU C 47 32.03 -3.13 -12.79
CA LEU C 47 31.31 -4.21 -13.43
C LEU C 47 29.85 -4.11 -13.09
N ILE C 48 29.61 -4.18 -11.78
CA ILE C 48 28.27 -4.23 -11.24
C ILE C 48 27.99 -3.02 -10.42
N TYR C 49 26.91 -2.37 -10.78
CA TYR C 49 26.44 -1.15 -10.16
C TYR C 49 25.45 -1.37 -9.01
N ALA C 50 24.23 -1.75 -9.30
CA ALA C 50 23.31 -2.03 -8.23
C ALA C 50 23.72 -3.39 -7.84
N ALA C 51 23.30 -3.97 -6.74
CA ALA C 51 23.85 -5.30 -6.49
C ALA C 51 23.60 -6.23 -7.68
N SER C 52 22.49 -6.04 -8.38
CA SER C 52 22.12 -6.86 -9.51
C SER C 52 22.25 -6.25 -10.93
N THR C 53 22.85 -5.07 -11.12
CA THR C 53 22.87 -4.54 -12.50
C THR C 53 24.25 -4.29 -13.08
N LEU C 54 24.36 -4.33 -14.40
CA LEU C 54 25.65 -4.08 -15.02
C LEU C 54 25.82 -2.69 -15.56
N GLN C 55 27.07 -2.28 -15.56
CA GLN C 55 27.52 -1.05 -16.16
C GLN C 55 27.62 -1.26 -17.66
N SER C 56 27.15 -0.31 -18.45
CA SER C 56 27.23 -0.48 -19.88
C SER C 56 28.68 -0.72 -20.27
N GLY C 57 28.88 -1.66 -21.19
CA GLY C 57 30.21 -2.02 -21.68
C GLY C 57 30.75 -3.29 -21.01
N VAL C 58 30.09 -3.73 -19.96
CA VAL C 58 30.49 -4.93 -19.25
C VAL C 58 29.92 -6.17 -19.92
N PRO C 59 30.72 -7.18 -20.25
CA PRO C 59 30.29 -8.40 -20.88
C PRO C 59 29.19 -9.08 -20.10
N SER C 60 28.28 -9.70 -20.82
CA SER C 60 27.10 -10.38 -20.30
C SER C 60 27.41 -11.59 -19.45
N ARG C 61 28.65 -12.04 -19.48
CA ARG C 61 29.07 -13.17 -18.69
C ARG C 61 29.09 -12.82 -17.20
N PHE C 62 29.12 -11.51 -16.89
CA PHE C 62 29.16 -11.08 -15.51
C PHE C 62 27.77 -10.85 -14.98
N SER C 63 27.53 -11.28 -13.76
CA SER C 63 26.26 -11.09 -13.11
C SER C 63 26.43 -11.07 -11.62
N GLY C 64 25.37 -10.77 -10.89
CA GLY C 64 25.46 -10.79 -9.44
C GLY C 64 24.11 -10.54 -8.83
N SER C 65 24.04 -10.74 -7.53
CA SER C 65 22.81 -10.56 -6.77
C SER C 65 23.08 -10.46 -5.29
N GLY C 66 22.08 -10.07 -4.52
CA GLY C 66 22.24 -10.09 -3.09
C GLY C 66 21.16 -9.37 -2.36
N SER C 67 21.18 -9.55 -1.04
CA SER C 67 20.18 -8.99 -0.15
C SER C 67 20.69 -7.91 0.76
N ARG C 68 20.68 -8.15 2.06
CA ARG C 68 21.09 -7.16 3.04
C ARG C 68 22.57 -7.21 3.34
N THR C 69 23.05 -8.41 3.58
CA THR C 69 24.43 -8.64 3.95
C THR C 69 25.17 -9.59 3.07
N ASP C 70 24.46 -10.45 2.36
CA ASP C 70 25.10 -11.49 1.59
C ASP C 70 24.97 -11.25 0.11
N PHE C 71 26.10 -11.03 -0.54
CA PHE C 71 26.13 -10.69 -1.94
C PHE C 71 27.05 -11.60 -2.74
N THR C 72 26.72 -11.81 -4.02
CA THR C 72 27.51 -12.63 -4.92
C THR C 72 27.84 -12.03 -6.28
N LEU C 73 29.09 -12.24 -6.72
CA LEU C 73 29.57 -11.95 -8.07
C LEU C 73 29.77 -13.27 -8.80
N THR C 74 29.22 -13.40 -9.97
CA THR C 74 29.37 -14.64 -10.72
C THR C 74 29.89 -14.41 -12.13
N ILE C 75 30.87 -15.22 -12.53
CA ILE C 75 31.37 -15.15 -13.89
C ILE C 75 31.07 -16.46 -14.63
N SER C 76 30.23 -16.38 -15.65
CA SER C 76 29.91 -17.56 -16.42
C SER C 76 30.94 -17.71 -17.52
N SER C 77 31.23 -18.93 -17.95
CA SER C 77 32.11 -19.09 -19.09
C SER C 77 33.38 -18.25 -18.98
N LEU C 78 34.16 -18.48 -17.92
CA LEU C 78 35.36 -17.69 -17.65
C LEU C 78 36.32 -17.62 -18.82
N GLN C 79 36.76 -16.42 -19.17
CA GLN C 79 37.71 -16.24 -20.28
C GLN C 79 39.06 -15.76 -19.77
N PRO C 80 40.19 -15.96 -20.48
CA PRO C 80 41.52 -15.49 -20.11
C PRO C 80 41.61 -14.01 -19.74
N GLU C 81 40.77 -13.18 -20.37
CA GLU C 81 40.79 -11.74 -20.11
C GLU C 81 40.14 -11.38 -18.79
N ASP C 82 39.56 -12.35 -18.10
CA ASP C 82 38.90 -12.12 -16.83
C ASP C 82 39.90 -12.28 -15.70
N PHE C 83 41.18 -12.50 -16.01
CA PHE C 83 42.17 -12.55 -14.96
C PHE C 83 42.22 -11.18 -14.32
N ALA C 84 41.92 -11.12 -13.02
CA ALA C 84 41.84 -9.84 -12.34
C ALA C 84 41.67 -9.99 -10.86
N ALA C 85 41.89 -8.92 -10.11
CA ALA C 85 41.46 -8.92 -8.73
C ALA C 85 40.05 -8.40 -8.71
N TYR C 86 39.19 -8.93 -7.87
CA TYR C 86 37.85 -8.38 -7.83
C TYR C 86 37.56 -7.80 -6.48
N TYR C 87 36.91 -6.64 -6.46
CA TYR C 87 36.61 -6.00 -5.20
C TYR C 87 35.13 -5.74 -4.95
N CYS C 88 34.74 -5.90 -3.68
CA CYS C 88 33.41 -5.67 -3.11
C CYS C 88 33.35 -4.30 -2.42
N GLN C 89 32.54 -3.37 -2.93
CA GLN C 89 32.44 -2.04 -2.33
C GLN C 89 31.07 -1.64 -1.85
N GLN C 90 30.98 -1.15 -0.62
CA GLN C 90 29.69 -0.70 -0.15
C GLN C 90 29.61 0.80 -0.28
N SER C 91 28.44 1.29 -0.65
CA SER C 91 28.18 2.71 -0.80
C SER C 91 27.01 3.14 0.04
N TYR C 92 26.79 2.45 1.14
CA TYR C 92 25.70 2.75 2.02
C TYR C 92 26.11 3.80 3.04
N GLY C 93 27.27 3.62 3.67
CA GLY C 93 27.71 4.59 4.66
C GLY C 93 28.71 5.55 4.04
N LEU C 94 29.14 6.55 4.82
CA LEU C 94 30.14 7.49 4.33
C LEU C 94 31.58 6.97 4.29
N PRO C 95 32.11 6.30 5.32
CA PRO C 95 33.47 5.81 5.31
C PRO C 95 33.44 4.62 4.42
N ARG C 96 33.52 4.86 3.13
CA ARG C 96 33.35 3.81 2.14
C ARG C 96 34.43 2.80 2.31
N THR C 97 34.03 1.55 2.22
CA THR C 97 34.96 0.46 2.36
C THR C 97 34.88 -0.52 1.23
N PHE C 98 36.00 -1.17 1.03
CA PHE C 98 36.18 -2.20 0.05
C PHE C 98 36.55 -3.46 0.78
N GLY C 99 36.24 -4.60 0.22
CA GLY C 99 36.70 -5.83 0.82
C GLY C 99 38.17 -5.97 0.50
N GLN C 100 38.81 -7.02 0.99
CA GLN C 100 40.24 -7.19 0.78
C GLN C 100 40.61 -7.56 -0.65
N GLY C 101 39.63 -8.03 -1.39
CA GLY C 101 39.78 -8.42 -2.78
C GLY C 101 40.02 -9.91 -2.95
N THR C 102 39.57 -10.43 -4.08
CA THR C 102 39.77 -11.83 -4.45
C THR C 102 40.58 -11.91 -5.71
N ARG C 103 41.65 -12.68 -5.69
CA ARG C 103 42.44 -12.79 -6.91
C ARG C 103 41.98 -13.98 -7.73
N LEU C 104 41.54 -13.71 -8.96
CA LEU C 104 41.10 -14.79 -9.82
C LEU C 104 42.13 -15.15 -10.86
N GLU C 105 42.64 -16.36 -10.73
CA GLU C 105 43.67 -16.92 -11.60
C GLU C 105 42.99 -17.80 -12.61
N ILE C 106 43.57 -17.96 -13.78
CA ILE C 106 42.94 -18.82 -14.74
C ILE C 106 43.80 -20.07 -15.00
N LYS C 107 43.20 -21.26 -14.79
CA LYS C 107 43.74 -22.64 -14.85
C LYS C 107 44.62 -22.95 -13.61
N PHE D 9 3.51 28.83 -40.90
CA PHE D 9 3.54 27.67 -39.99
C PHE D 9 4.00 26.36 -40.68
N ILE D 10 4.01 26.34 -42.02
CA ILE D 10 4.47 25.25 -42.86
C ILE D 10 5.96 25.40 -43.10
N GLU D 11 6.69 24.32 -42.84
CA GLU D 11 8.15 24.26 -42.88
C GLU D 11 8.85 25.10 -41.80
N GLY D 12 8.28 25.13 -40.59
CA GLY D 12 8.95 25.78 -39.47
C GLY D 12 8.44 27.17 -39.09
N GLY D 13 8.80 27.58 -37.90
CA GLY D 13 8.40 28.86 -37.33
C GLY D 13 9.35 30.00 -37.66
N TRP D 14 9.00 31.12 -37.10
CA TRP D 14 9.68 32.37 -37.30
C TRP D 14 10.51 32.78 -36.12
N THR D 15 11.81 32.81 -36.29
CA THR D 15 12.70 33.17 -35.19
C THR D 15 12.71 34.69 -35.03
N GLY D 16 12.12 35.36 -36.02
CA GLY D 16 12.00 36.81 -36.06
C GLY D 16 10.75 37.27 -35.29
N MET D 17 9.96 36.34 -34.77
CA MET D 17 8.77 36.70 -34.01
C MET D 17 9.08 36.52 -32.55
N VAL D 18 9.02 37.59 -31.79
CA VAL D 18 9.43 37.50 -30.39
C VAL D 18 8.41 37.95 -29.34
N ASP D 19 7.27 38.46 -29.78
CA ASP D 19 6.26 39.02 -28.89
C ASP D 19 5.05 38.11 -28.61
N GLY D 20 5.17 36.83 -28.91
CA GLY D 20 4.08 35.90 -28.67
C GLY D 20 4.39 34.53 -29.25
N TRP D 21 3.39 33.69 -29.30
CA TRP D 21 3.55 32.33 -29.80
C TRP D 21 2.99 32.22 -31.19
N TYR D 22 1.89 32.91 -31.42
CA TYR D 22 1.23 32.82 -32.69
C TYR D 22 1.14 34.20 -33.25
N GLY D 23 1.17 34.33 -34.57
CA GLY D 23 1.08 35.65 -35.17
C GLY D 23 1.10 35.66 -36.67
N TYR D 24 1.32 36.87 -37.20
CA TYR D 24 1.30 37.15 -38.62
C TYR D 24 2.55 37.84 -39.12
N HIS D 25 2.82 37.64 -40.40
CA HIS D 25 3.88 38.35 -41.09
C HIS D 25 3.29 38.98 -42.34
N HIS D 26 3.69 40.19 -42.65
CA HIS D 26 3.13 40.80 -43.85
C HIS D 26 4.14 41.53 -44.68
N GLN D 27 3.77 41.71 -45.95
CA GLN D 27 4.55 42.47 -46.92
C GLN D 27 3.65 43.37 -47.75
N ASN D 28 4.00 44.64 -47.82
CA ASN D 28 3.31 45.63 -48.66
C ASN D 28 4.31 46.76 -48.98
N GLU D 29 3.84 47.78 -49.69
CA GLU D 29 4.68 48.91 -50.12
C GLU D 29 5.21 49.78 -48.98
N GLN D 30 4.61 49.65 -47.79
CA GLN D 30 4.99 50.45 -46.64
C GLN D 30 6.02 49.75 -45.76
N GLY D 31 6.42 48.53 -46.13
CA GLY D 31 7.40 47.76 -45.38
C GLY D 31 6.81 46.53 -44.69
N SER D 32 7.61 45.47 -44.67
CA SER D 32 7.24 44.21 -44.07
C SER D 32 7.53 44.12 -42.58
N GLY D 33 6.98 43.10 -41.94
CA GLY D 33 7.27 42.88 -40.52
C GLY D 33 6.45 41.77 -39.88
N TYR D 34 6.72 41.52 -38.59
CA TYR D 34 6.03 40.48 -37.85
C TYR D 34 5.27 41.09 -36.68
N ALA D 35 4.14 40.48 -36.32
CA ALA D 35 3.43 40.86 -35.12
C ALA D 35 2.69 39.67 -34.53
N ALA D 36 2.69 39.57 -33.21
CA ALA D 36 1.97 38.47 -32.58
C ALA D 36 0.47 38.72 -32.53
N ASP D 37 -0.26 37.63 -32.57
CA ASP D 37 -1.69 37.61 -32.37
C ASP D 37 -1.91 37.41 -30.88
N GLN D 38 -2.19 38.49 -30.17
CA GLN D 38 -2.28 38.39 -28.73
C GLN D 38 -3.47 37.62 -28.24
N LYS D 39 -4.58 37.62 -28.95
CA LYS D 39 -5.68 36.87 -28.39
C LYS D 39 -5.36 35.39 -28.42
N SER D 40 -4.77 34.92 -29.52
CA SER D 40 -4.43 33.51 -29.62
C SER D 40 -3.35 33.13 -28.63
N THR D 41 -2.32 33.97 -28.53
CA THR D 41 -1.22 33.67 -27.64
C THR D 41 -1.65 33.68 -26.20
N GLN D 42 -2.43 34.66 -25.78
CA GLN D 42 -2.78 34.71 -24.39
C GLN D 42 -3.76 33.62 -24.03
N ASN D 43 -4.64 33.22 -24.95
CA ASN D 43 -5.52 32.14 -24.58
C ASN D 43 -4.71 30.86 -24.43
N ALA D 44 -3.72 30.68 -25.31
CA ALA D 44 -2.87 29.51 -25.23
C ALA D 44 -2.07 29.49 -23.94
N ILE D 45 -1.58 30.65 -23.51
CA ILE D 45 -0.81 30.72 -22.28
C ILE D 45 -1.65 30.38 -21.11
N ASN D 46 -2.85 30.93 -21.04
CA ASN D 46 -3.69 30.67 -19.90
C ASN D 46 -4.06 29.20 -19.81
N GLY D 47 -4.32 28.57 -20.94
CA GLY D 47 -4.68 27.16 -20.94
C GLY D 47 -3.53 26.31 -20.42
N ILE D 48 -2.35 26.54 -20.95
CA ILE D 48 -1.20 25.77 -20.54
C ILE D 48 -0.83 26.02 -19.09
N THR D 49 -0.90 27.27 -18.63
CA THR D 49 -0.56 27.56 -17.26
C THR D 49 -1.50 26.82 -16.32
N ASN D 50 -2.80 26.80 -16.63
CA ASN D 50 -3.73 26.11 -15.75
C ASN D 50 -3.40 24.64 -15.68
N LYS D 51 -3.02 24.05 -16.81
CA LYS D 51 -2.66 22.65 -16.88
C LYS D 51 -1.44 22.31 -16.02
N VAL D 52 -0.40 23.13 -16.08
CA VAL D 52 0.79 22.86 -15.29
C VAL D 52 0.42 22.94 -13.83
N ASN D 53 -0.36 23.94 -13.46
CA ASN D 53 -0.75 24.08 -12.08
C ASN D 53 -1.59 22.90 -11.63
N SER D 54 -2.47 22.36 -12.47
CA SER D 54 -3.27 21.20 -12.07
C SER D 54 -2.38 20.00 -11.78
N VAL D 55 -1.31 19.83 -12.55
CA VAL D 55 -0.42 18.71 -12.28
C VAL D 55 0.21 18.85 -10.90
N ILE D 56 0.65 20.04 -10.58
CA ILE D 56 1.26 20.30 -9.29
C ILE D 56 0.23 20.19 -8.15
N GLU D 57 -0.93 20.78 -8.32
CA GLU D 57 -1.98 20.82 -7.31
C GLU D 57 -2.52 19.46 -6.92
N LYS D 58 -2.53 18.49 -7.84
CA LYS D 58 -3.06 17.19 -7.49
C LYS D 58 -2.05 16.27 -6.81
N MET D 59 -0.80 16.69 -6.69
CA MET D 59 0.19 15.88 -6.01
C MET D 59 0.34 16.54 -4.64
N ASN D 60 0.20 15.78 -3.57
CA ASN D 60 0.27 16.45 -2.29
C ASN D 60 1.69 16.63 -1.77
N THR D 61 1.81 17.29 -0.62
CA THR D 61 3.07 17.56 0.05
C THR D 61 3.56 16.34 0.79
N GLN D 62 4.87 16.11 0.77
CA GLN D 62 5.41 15.02 1.53
C GLN D 62 5.73 15.54 2.92
N PHE D 63 5.20 14.84 3.89
CA PHE D 63 5.35 15.18 5.28
C PHE D 63 6.34 14.26 5.90
N THR D 64 6.86 14.66 7.04
CA THR D 64 7.88 13.89 7.69
C THR D 64 7.57 12.43 7.78
N ALA D 65 8.55 11.66 7.35
CA ALA D 65 8.50 10.23 7.35
C ALA D 65 9.91 9.70 7.50
N VAL D 66 10.07 8.82 8.47
CA VAL D 66 11.36 8.22 8.78
C VAL D 66 11.21 6.72 8.83
N GLY D 67 12.33 6.00 8.85
CA GLY D 67 12.26 4.55 8.90
C GLY D 67 12.07 4.00 10.31
N LYS D 68 12.03 2.68 10.41
CA LYS D 68 11.83 1.96 11.65
C LYS D 68 12.85 0.88 11.84
N GLU D 69 13.22 0.63 13.08
CA GLU D 69 14.09 -0.48 13.37
C GLU D 69 13.27 -1.67 13.74
N PHE D 70 13.79 -2.85 13.41
CA PHE D 70 13.18 -4.12 13.71
C PHE D 70 14.20 -5.03 14.37
N ASN D 71 13.72 -5.97 15.14
CA ASN D 71 14.58 -6.91 15.84
C ASN D 71 14.95 -8.09 14.94
N LYS D 72 15.75 -9.00 15.44
CA LYS D 72 16.17 -10.17 14.68
C LYS D 72 15.02 -11.11 14.40
N LEU D 73 14.08 -11.13 15.32
CA LEU D 73 12.92 -11.99 15.26
C LEU D 73 11.70 -11.24 14.80
N GLU D 74 11.90 -10.12 14.13
CA GLU D 74 10.81 -9.35 13.57
C GLU D 74 10.98 -9.18 12.09
N ARG D 75 11.59 -10.15 11.44
CA ARG D 75 11.86 -10.05 10.02
C ARG D 75 10.59 -9.99 9.21
N ARG D 76 9.54 -10.66 9.64
CA ARG D 76 8.33 -10.57 8.84
C ARG D 76 7.78 -9.13 8.83
N MET D 77 7.90 -8.40 9.95
CA MET D 77 7.42 -7.01 10.00
C MET D 77 8.29 -6.12 9.18
N GLU D 78 9.60 -6.37 9.22
CA GLU D 78 10.52 -5.58 8.46
C GLU D 78 10.23 -5.71 7.00
N ASN D 79 9.96 -6.92 6.56
CA ASN D 79 9.68 -7.13 5.17
C ASN D 79 8.36 -6.53 4.75
N LEU D 80 7.35 -6.56 5.60
CA LEU D 80 6.10 -5.93 5.20
C LEU D 80 6.26 -4.44 5.12
N ASN D 81 6.98 -3.84 6.07
CA ASN D 81 7.18 -2.41 6.07
C ASN D 81 7.86 -1.98 4.80
N LYS D 82 8.91 -2.72 4.39
CA LYS D 82 9.60 -2.36 3.18
C LYS D 82 8.69 -2.53 1.99
N LYS D 83 7.93 -3.62 1.95
CA LYS D 83 7.03 -3.87 0.84
C LYS D 83 6.07 -2.72 0.64
N VAL D 84 5.55 -2.18 1.72
CA VAL D 84 4.63 -1.08 1.65
C VAL D 84 5.30 0.15 1.08
N ASP D 85 6.50 0.48 1.56
CA ASP D 85 7.19 1.65 1.04
C ASP D 85 7.58 1.53 -0.42
N ASP D 86 8.00 0.35 -0.84
CA ASP D 86 8.42 0.20 -2.21
C ASP D 86 7.22 0.22 -3.11
N GLY D 87 6.12 -0.36 -2.67
CA GLY D 87 4.92 -0.39 -3.45
C GLY D 87 4.40 1.01 -3.70
N PHE D 88 4.32 1.83 -2.67
CA PHE D 88 3.81 3.17 -2.85
C PHE D 88 4.73 4.00 -3.72
N LEU D 89 6.03 3.84 -3.57
CA LEU D 89 6.95 4.60 -4.39
C LEU D 89 6.83 4.21 -5.84
N ASP D 90 6.68 2.91 -6.14
CA ASP D 90 6.59 2.45 -7.51
C ASP D 90 5.30 2.99 -8.14
N ILE D 91 4.22 3.06 -7.37
CA ILE D 91 2.96 3.60 -7.88
C ILE D 91 3.04 5.07 -8.15
N TRP D 92 3.61 5.86 -7.23
CA TRP D 92 3.67 7.28 -7.48
C TRP D 92 4.64 7.64 -8.58
N THR D 93 5.69 6.86 -8.77
CA THR D 93 6.60 7.16 -9.86
C THR D 93 5.86 6.94 -11.14
N TYR D 94 5.12 5.85 -11.23
CA TYR D 94 4.32 5.57 -12.41
C TYR D 94 3.36 6.69 -12.68
N ASN D 95 2.61 7.14 -11.67
CA ASN D 95 1.64 8.18 -11.91
C ASN D 95 2.26 9.48 -12.33
N ALA D 96 3.38 9.87 -11.73
CA ALA D 96 3.99 11.13 -12.09
C ALA D 96 4.50 11.14 -13.51
N GLU D 97 5.14 10.05 -13.94
CA GLU D 97 5.67 10.00 -15.27
C GLU D 97 4.60 9.88 -16.31
N LEU D 98 3.56 9.11 -16.02
CA LEU D 98 2.52 8.96 -17.00
C LEU D 98 1.78 10.24 -17.21
N LEU D 99 1.51 10.99 -16.14
CA LEU D 99 0.80 12.23 -16.30
C LEU D 99 1.59 13.19 -17.15
N VAL D 100 2.89 13.28 -16.94
CA VAL D 100 3.66 14.18 -17.75
C VAL D 100 3.66 13.76 -19.22
N LEU D 101 3.81 12.47 -19.52
CA LEU D 101 3.79 12.11 -20.93
C LEU D 101 2.46 12.41 -21.59
N LEU D 102 1.36 12.17 -20.87
CA LEU D 102 0.06 12.39 -21.46
C LEU D 102 -0.19 13.87 -21.72
N GLU D 103 0.25 14.72 -20.81
CA GLU D 103 0.03 16.12 -21.01
C GLU D 103 0.98 16.72 -22.02
N ASN D 104 2.20 16.20 -22.14
CA ASN D 104 3.08 16.76 -23.13
C ASN D 104 2.54 16.51 -24.53
N GLU D 105 1.94 15.34 -24.74
CA GLU D 105 1.37 15.08 -26.05
C GLU D 105 0.24 16.05 -26.34
N ARG D 106 -0.65 16.26 -25.36
CA ARG D 106 -1.75 17.17 -25.60
C ARG D 106 -1.31 18.60 -25.82
N THR D 107 -0.27 19.04 -25.13
CA THR D 107 0.20 20.41 -25.30
C THR D 107 0.61 20.66 -26.70
N LEU D 108 1.37 19.75 -27.26
CA LEU D 108 1.83 20.00 -28.60
C LEU D 108 0.66 19.97 -29.58
N ASP D 109 -0.32 19.08 -29.36
CA ASP D 109 -1.46 19.04 -30.29
C ASP D 109 -2.29 20.33 -30.20
N PHE D 110 -2.42 20.86 -28.99
CA PHE D 110 -3.13 22.09 -28.69
C PHE D 110 -2.53 23.23 -29.47
N HIS D 111 -1.22 23.35 -29.42
CA HIS D 111 -0.57 24.42 -30.12
C HIS D 111 -0.70 24.29 -31.65
N ASP D 112 -0.63 23.07 -32.19
CA ASP D 112 -0.78 22.97 -33.64
C ASP D 112 -2.18 23.41 -34.05
N SER D 113 -3.18 23.08 -33.25
CA SER D 113 -4.53 23.48 -33.56
C SER D 113 -4.66 25.00 -33.57
N ASN D 114 -4.07 25.66 -32.59
CA ASN D 114 -4.21 27.11 -32.50
C ASN D 114 -3.62 27.84 -33.71
N VAL D 115 -2.48 27.39 -34.24
CA VAL D 115 -1.97 28.14 -35.38
C VAL D 115 -2.81 27.86 -36.61
N LYS D 116 -3.30 26.63 -36.76
CA LYS D 116 -4.14 26.31 -37.89
C LYS D 116 -5.42 27.11 -37.88
N ASN D 117 -5.95 27.39 -36.68
CA ASN D 117 -7.16 28.17 -36.58
C ASN D 117 -6.95 29.61 -37.03
N LEU D 118 -5.75 30.20 -36.82
CA LEU D 118 -5.58 31.57 -37.29
C LEU D 118 -5.60 31.58 -38.80
N TYR D 119 -5.01 30.56 -39.39
CA TYR D 119 -4.97 30.48 -40.84
C TYR D 119 -6.37 30.47 -41.41
N GLU D 120 -7.23 29.63 -40.84
CA GLU D 120 -8.59 29.53 -41.33
C GLU D 120 -9.35 30.83 -41.12
N LYS D 121 -9.12 31.52 -40.00
CA LYS D 121 -9.79 32.79 -39.76
C LYS D 121 -9.47 33.78 -40.89
N VAL D 122 -8.19 33.85 -41.26
CA VAL D 122 -7.80 34.73 -42.33
C VAL D 122 -8.37 34.30 -43.66
N LYS D 123 -8.32 33.00 -43.94
CA LYS D 123 -8.82 32.45 -45.18
C LYS D 123 -10.27 32.82 -45.38
N SER D 124 -11.05 32.70 -44.30
CA SER D 124 -12.47 33.01 -44.30
C SER D 124 -12.73 34.46 -44.62
N GLN D 125 -11.96 35.38 -44.02
CA GLN D 125 -12.17 36.79 -44.34
C GLN D 125 -11.80 37.16 -45.76
N LEU D 126 -10.68 36.62 -46.26
CA LEU D 126 -10.23 37.03 -47.57
C LEU D 126 -11.05 36.48 -48.72
N LYS D 127 -11.56 35.26 -48.60
CA LYS D 127 -12.39 34.71 -49.68
C LYS D 127 -11.71 34.84 -51.04
N ASN D 128 -12.31 35.61 -51.94
CA ASN D 128 -11.83 35.76 -53.31
C ASN D 128 -11.00 37.02 -53.52
N ASN D 129 -10.57 37.66 -52.44
CA ASN D 129 -9.74 38.84 -52.57
C ASN D 129 -8.26 38.53 -52.48
N ALA D 130 -7.92 37.25 -52.36
CA ALA D 130 -6.54 36.81 -52.31
C ALA D 130 -6.40 35.38 -52.82
N LYS D 131 -5.23 35.06 -53.32
CA LYS D 131 -4.86 33.75 -53.77
C LYS D 131 -4.31 32.92 -52.62
N GLU D 132 -4.79 31.72 -52.47
CA GLU D 132 -4.22 30.88 -51.44
C GLU D 132 -2.90 30.37 -52.01
N ILE D 133 -1.83 30.44 -51.24
CA ILE D 133 -0.54 30.02 -51.76
C ILE D 133 -0.25 28.54 -51.55
N GLY D 134 -0.60 28.01 -50.39
CA GLY D 134 -0.36 26.60 -50.06
C GLY D 134 0.80 26.37 -49.08
N ASN D 135 1.37 27.46 -48.58
CA ASN D 135 2.45 27.41 -47.60
C ASN D 135 2.03 28.10 -46.30
N GLY D 136 0.73 28.17 -46.05
CA GLY D 136 0.24 28.86 -44.85
C GLY D 136 0.21 30.40 -44.97
N CYS D 137 -0.02 30.93 -46.21
CA CYS D 137 -0.01 32.35 -46.54
C CYS D 137 -0.95 32.67 -47.72
N PHE D 138 -1.28 33.97 -47.84
CA PHE D 138 -2.14 34.47 -48.92
C PHE D 138 -1.54 35.64 -49.69
N GLU D 139 -1.81 35.68 -50.99
CA GLU D 139 -1.39 36.80 -51.84
C GLU D 139 -2.57 37.63 -52.30
N PHE D 140 -2.57 38.89 -52.03
CA PHE D 140 -3.73 39.70 -52.38
C PHE D 140 -3.91 39.89 -53.87
N TYR D 141 -5.18 40.02 -54.28
CA TYR D 141 -5.50 40.31 -55.68
C TYR D 141 -5.77 41.80 -55.84
N HIS D 142 -5.50 42.54 -54.80
CA HIS D 142 -5.68 43.97 -54.75
C HIS D 142 -4.53 44.58 -54.02
N LYS D 143 -4.28 45.84 -54.25
CA LYS D 143 -3.23 46.51 -53.50
C LYS D 143 -3.72 46.63 -52.04
N CYS D 144 -2.86 46.32 -51.03
CA CYS D 144 -3.23 46.41 -49.62
C CYS D 144 -2.13 47.09 -48.79
N ASN D 145 -2.55 48.14 -48.10
CA ASN D 145 -1.74 48.98 -47.24
C ASN D 145 -1.77 48.50 -45.81
N ASN D 146 -1.10 49.23 -44.92
CA ASN D 146 -1.07 48.78 -43.55
C ASN D 146 -2.44 48.75 -42.89
N GLU D 147 -3.34 49.66 -43.25
CA GLU D 147 -4.65 49.66 -42.60
C GLU D 147 -5.47 48.38 -42.86
N CYS D 148 -5.49 47.85 -44.11
CA CYS D 148 -6.19 46.59 -44.45
C CYS D 148 -5.43 45.39 -43.90
N MET D 149 -4.11 45.50 -43.73
CA MET D 149 -3.42 44.37 -43.12
C MET D 149 -3.88 44.26 -41.67
N GLU D 150 -4.03 45.41 -41.00
CA GLU D 150 -4.46 45.40 -39.62
C GLU D 150 -5.89 44.92 -39.52
N SER D 151 -6.72 45.29 -40.49
CA SER D 151 -8.12 44.90 -40.49
C SER D 151 -8.24 43.37 -40.58
N VAL D 152 -7.42 42.75 -41.42
CA VAL D 152 -7.48 41.29 -41.53
C VAL D 152 -7.03 40.67 -40.21
N LYS D 153 -5.96 41.19 -39.60
CA LYS D 153 -5.50 40.66 -38.33
C LYS D 153 -6.56 40.84 -37.23
N ASN D 154 -7.28 41.96 -37.27
CA ASN D 154 -8.33 42.28 -36.31
C ASN D 154 -9.56 41.39 -36.47
N GLY D 155 -9.80 40.91 -37.69
CA GLY D 155 -10.99 40.11 -37.95
C GLY D 155 -12.14 40.99 -38.43
N THR D 156 -11.80 42.18 -38.96
CA THR D 156 -12.75 43.17 -39.43
C THR D 156 -12.61 43.46 -40.92
N TYR D 157 -11.97 42.58 -41.69
CA TYR D 157 -11.76 42.85 -43.10
C TYR D 157 -13.05 43.02 -43.88
N ASP D 158 -13.09 44.08 -44.69
CA ASP D 158 -14.21 44.40 -45.55
C ASP D 158 -14.05 43.74 -46.90
N TYR D 159 -14.67 42.58 -47.10
CA TYR D 159 -14.52 41.90 -48.37
C TYR D 159 -15.04 42.71 -49.56
N PRO D 160 -16.32 43.16 -49.58
CA PRO D 160 -16.94 43.88 -50.70
C PRO D 160 -16.13 45.06 -51.18
N LYS D 161 -15.46 45.76 -50.27
CA LYS D 161 -14.67 46.91 -50.65
C LYS D 161 -13.65 46.66 -51.74
N TYR D 162 -13.07 45.47 -51.78
CA TYR D 162 -12.04 45.20 -52.76
C TYR D 162 -12.45 44.16 -53.78
N SER D 163 -13.73 43.77 -53.80
CA SER D 163 -14.11 42.68 -54.69
C SER D 163 -14.03 43.06 -56.16
N GLU D 164 -14.19 44.35 -56.48
CA GLU D 164 -14.10 44.79 -57.87
C GLU D 164 -12.65 44.82 -58.31
N GLU D 165 -11.76 45.29 -57.45
CA GLU D 165 -10.37 45.34 -57.84
C GLU D 165 -9.88 43.93 -58.06
N SER D 166 -10.29 43.03 -57.16
CA SER D 166 -9.88 41.66 -57.26
C SER D 166 -10.37 40.99 -58.53
N LYS D 167 -11.65 41.11 -58.87
CA LYS D 167 -12.06 40.36 -60.06
C LYS D 167 -11.32 40.85 -61.31
N LEU D 168 -10.98 42.13 -61.34
CA LEU D 168 -10.28 42.66 -62.50
C LEU D 168 -8.84 42.14 -62.56
N ASN D 169 -8.19 42.06 -61.40
CA ASN D 169 -6.82 41.56 -61.35
C ASN D 169 -6.73 40.05 -61.52
N ARG D 170 -7.77 39.33 -61.11
CA ARG D 170 -7.80 37.87 -61.26
C ARG D 170 -7.88 37.43 -62.74
N GLU D 171 -8.70 38.15 -63.57
CA GLU D 171 -8.95 37.92 -65.01
C GLU D 171 -9.80 36.64 -65.28
N ASP E 18 -10.60 9.74 -65.67
CA ASP E 18 -9.38 9.41 -64.95
C ASP E 18 -9.51 9.94 -63.50
N THR E 19 -9.20 9.08 -62.49
CA THR E 19 -9.34 9.42 -61.04
C THR E 19 -8.18 9.04 -60.13
N ILE E 20 -8.13 9.76 -59.00
CA ILE E 20 -7.28 9.45 -57.84
C ILE E 20 -8.15 9.42 -56.61
N CYS E 21 -8.16 8.29 -55.87
CA CYS E 21 -8.93 8.08 -54.64
C CYS E 21 -7.98 7.86 -53.47
N ILE E 22 -8.37 8.35 -52.31
CA ILE E 22 -7.60 8.22 -51.09
C ILE E 22 -8.29 7.26 -50.14
N GLY E 23 -7.54 6.29 -49.63
CA GLY E 23 -8.15 5.30 -48.74
C GLY E 23 -7.18 4.64 -47.79
N TYR E 24 -7.66 3.56 -47.18
CA TYR E 24 -6.88 2.84 -46.18
C TYR E 24 -7.17 1.36 -46.20
N HIS E 25 -6.27 0.61 -45.58
CA HIS E 25 -6.24 -0.84 -45.42
C HIS E 25 -7.36 -1.49 -44.62
N ALA E 26 -7.76 -2.67 -45.04
CA ALA E 26 -8.76 -3.48 -44.34
C ALA E 26 -8.42 -4.94 -44.60
N ASN E 27 -8.85 -5.83 -43.72
CA ASN E 27 -8.54 -7.26 -43.84
C ASN E 27 -9.60 -8.12 -43.22
N ASN E 28 -9.27 -9.37 -42.95
CA ASN E 28 -10.21 -10.31 -42.38
C ASN E 28 -10.02 -10.57 -40.89
N SER E 29 -9.32 -9.67 -40.19
CA SER E 29 -9.11 -9.84 -38.76
C SER E 29 -10.38 -9.68 -37.96
N THR E 30 -10.48 -10.49 -36.91
CA THR E 30 -11.59 -10.49 -35.97
C THR E 30 -11.14 -10.06 -34.59
N ASP E 31 -9.93 -9.53 -34.48
CA ASP E 31 -9.42 -9.05 -33.20
C ASP E 31 -10.24 -7.86 -32.76
N THR E 32 -10.64 -7.81 -31.49
CA THR E 32 -11.32 -6.60 -31.06
C THR E 32 -10.67 -6.01 -29.82
N VAL E 33 -10.87 -4.70 -29.67
CA VAL E 33 -10.39 -3.97 -28.52
C VAL E 33 -11.47 -3.12 -27.91
N ASP E 34 -11.26 -2.70 -26.68
CA ASP E 34 -12.20 -1.78 -26.09
C ASP E 34 -11.56 -0.41 -25.99
N THR E 35 -12.37 0.64 -26.07
CA THR E 35 -11.91 2.01 -25.93
C THR E 35 -12.80 2.65 -24.89
N VAL E 36 -12.53 3.90 -24.54
CA VAL E 36 -13.38 4.53 -23.55
C VAL E 36 -14.81 4.78 -24.06
N LEU E 37 -14.96 5.27 -25.29
CA LEU E 37 -16.30 5.55 -25.84
C LEU E 37 -17.01 4.36 -26.49
N GLU E 38 -16.27 3.36 -26.94
CA GLU E 38 -16.87 2.27 -27.70
C GLU E 38 -16.31 0.90 -27.31
N LYS E 39 -17.16 -0.12 -27.23
CA LYS E 39 -16.67 -1.46 -26.90
C LYS E 39 -16.68 -2.39 -28.10
N ASN E 40 -15.82 -3.42 -28.03
CA ASN E 40 -15.74 -4.49 -29.03
C ASN E 40 -15.48 -3.99 -30.46
N VAL E 41 -14.50 -3.11 -30.62
CA VAL E 41 -14.15 -2.54 -31.92
C VAL E 41 -13.26 -3.49 -32.66
N THR E 42 -13.62 -3.86 -33.88
CA THR E 42 -12.79 -4.79 -34.65
C THR E 42 -11.70 -4.00 -35.32
N VAL E 43 -10.46 -4.49 -35.19
CA VAL E 43 -9.29 -3.81 -35.71
C VAL E 43 -8.46 -4.71 -36.62
N THR E 44 -7.62 -4.11 -37.47
CA THR E 44 -6.82 -4.91 -38.39
C THR E 44 -5.57 -5.54 -37.78
N HIS E 45 -5.03 -4.92 -36.73
CA HIS E 45 -3.82 -5.39 -36.04
C HIS E 45 -3.91 -5.10 -34.55
N SER E 46 -3.41 -6.01 -33.70
CA SER E 46 -3.44 -5.79 -32.25
C SER E 46 -2.30 -6.47 -31.49
N VAL E 47 -2.10 -6.04 -30.25
CA VAL E 47 -1.11 -6.57 -29.32
C VAL E 47 -1.69 -7.07 -28.00
N ASN E 48 -1.40 -8.32 -27.68
CA ASN E 48 -1.85 -8.90 -26.43
C ASN E 48 -0.84 -8.61 -25.35
N LEU E 49 -1.21 -7.85 -24.33
CA LEU E 49 -0.26 -7.53 -23.29
C LEU E 49 -0.33 -8.48 -22.10
N LEU E 50 -1.32 -9.36 -22.11
CA LEU E 50 -1.57 -10.24 -20.97
C LEU E 50 -1.41 -11.71 -21.25
N GLU E 51 -0.55 -12.35 -20.47
CA GLU E 51 -0.26 -13.76 -20.57
C GLU E 51 -1.21 -14.62 -19.76
N ASP E 52 -1.82 -15.62 -20.38
CA ASP E 52 -2.66 -16.51 -19.65
C ASP E 52 -2.31 -18.00 -19.80
N SER E 53 -1.21 -18.35 -20.45
CA SER E 53 -0.91 -19.77 -20.54
C SER E 53 0.09 -20.13 -19.47
N HIS E 54 0.19 -21.41 -19.19
CA HIS E 54 1.23 -21.87 -18.31
C HIS E 54 1.48 -23.33 -18.54
N ASN E 55 2.65 -23.75 -18.17
CA ASN E 55 3.09 -25.12 -18.18
C ASN E 55 2.80 -25.66 -16.82
N GLY E 56 1.72 -26.41 -16.61
CA GLY E 56 1.26 -26.76 -15.24
C GLY E 56 2.07 -27.81 -14.47
N LYS E 57 3.37 -27.61 -14.44
CA LYS E 57 4.41 -28.40 -13.83
C LYS E 57 5.41 -27.53 -13.10
N LEU E 58 6.15 -28.11 -12.19
CA LEU E 58 7.24 -27.44 -11.52
C LEU E 58 8.51 -27.72 -12.34
N CYS E 59 9.15 -26.64 -12.83
CA CYS E 59 10.33 -26.64 -13.69
C CYS E 59 11.57 -26.23 -12.93
N LEU E 60 12.70 -26.49 -13.53
CA LEU E 60 13.97 -26.09 -12.99
C LEU E 60 14.10 -24.62 -13.34
N LEU E 61 14.76 -23.84 -12.52
CA LEU E 61 14.97 -22.45 -12.92
C LEU E 61 16.36 -22.25 -13.39
N LYS E 62 16.47 -21.96 -14.66
CA LYS E 62 17.77 -21.75 -15.25
C LYS E 62 18.74 -22.90 -14.92
N GLY E 63 18.27 -24.14 -15.05
CA GLY E 63 19.05 -25.34 -14.80
C GLY E 63 19.06 -25.90 -13.37
N ILE E 64 18.50 -25.20 -12.40
CA ILE E 64 18.55 -25.72 -11.04
C ILE E 64 17.19 -26.17 -10.49
N ALA E 65 17.16 -27.41 -10.03
CA ALA E 65 15.97 -28.02 -9.47
C ALA E 65 15.57 -27.44 -8.11
N PRO E 66 14.29 -27.45 -7.76
CA PRO E 66 13.75 -27.10 -6.48
C PRO E 66 13.97 -28.19 -5.47
N LEU E 67 13.80 -27.85 -4.21
CA LEU E 67 13.77 -28.82 -3.16
C LEU E 67 12.34 -29.16 -2.89
N GLN E 68 11.96 -30.40 -3.09
CA GLN E 68 10.60 -30.74 -2.79
C GLN E 68 10.59 -31.34 -1.44
N LEU E 69 9.67 -30.92 -0.58
CA LEU E 69 9.64 -31.47 0.75
C LEU E 69 8.72 -32.68 0.83
N GLY E 70 8.10 -33.03 -0.27
CA GLY E 70 7.22 -34.19 -0.24
C GLY E 70 6.08 -33.98 0.76
N ASN E 71 5.95 -34.91 1.73
CA ASN E 71 4.92 -34.90 2.79
C ASN E 71 5.35 -34.10 4.03
N CYS E 72 6.58 -33.49 4.03
CA CYS E 72 7.18 -32.79 5.16
C CYS E 72 6.88 -31.29 5.17
N SER E 73 6.77 -30.78 6.37
CA SER E 73 6.63 -29.36 6.63
C SER E 73 8.03 -28.82 6.81
N VAL E 74 8.19 -27.51 6.91
CA VAL E 74 9.52 -27.00 7.16
C VAL E 74 10.03 -27.51 8.50
N ALA E 75 9.19 -27.51 9.54
CA ALA E 75 9.67 -27.99 10.84
C ALA E 75 10.15 -29.43 10.76
N GLY E 76 9.46 -30.24 9.98
CA GLY E 76 9.83 -31.64 9.82
C GLY E 76 11.21 -31.73 9.19
N TRP E 77 11.39 -30.99 8.10
CA TRP E 77 12.64 -30.94 7.35
C TRP E 77 13.84 -30.55 8.16
N ILE E 78 13.74 -29.49 8.96
CA ILE E 78 14.89 -29.03 9.74
C ILE E 78 15.11 -29.76 11.08
N LEU E 79 14.05 -30.23 11.75
CA LEU E 79 14.26 -30.97 12.99
C LEU E 79 14.78 -32.35 12.65
N GLY E 80 14.41 -32.86 11.48
CA GLY E 80 14.85 -34.19 11.12
C GLY E 80 13.81 -35.22 11.46
N ASN E 81 12.56 -34.93 11.18
CA ASN E 81 11.53 -35.92 11.39
C ASN E 81 12.04 -37.20 10.74
N PRO E 82 11.96 -38.37 11.37
CA PRO E 82 12.43 -39.63 10.85
C PRO E 82 11.96 -39.95 9.44
N GLU E 83 10.79 -39.44 9.05
CA GLU E 83 10.24 -39.70 7.72
C GLU E 83 10.66 -38.70 6.61
N CYS E 84 11.53 -37.71 6.95
CA CYS E 84 12.03 -36.65 6.08
C CYS E 84 13.48 -37.02 5.75
N GLU E 85 13.77 -38.30 5.89
CA GLU E 85 15.07 -38.90 5.67
C GLU E 85 15.63 -38.59 4.30
N LEU E 86 14.80 -38.56 3.29
CA LEU E 86 15.31 -38.37 1.95
C LEU E 86 15.78 -36.94 1.69
N LEU E 87 15.52 -36.04 2.62
CA LEU E 87 15.92 -34.67 2.45
C LEU E 87 17.23 -34.37 3.17
N ILE E 88 17.79 -35.32 3.94
CA ILE E 88 18.96 -34.97 4.77
C ILE E 88 20.22 -34.72 3.95
N SER E 89 20.21 -35.20 2.72
CA SER E 89 21.27 -35.08 1.76
C SER E 89 21.04 -34.02 0.70
N LYS E 90 19.98 -33.22 0.84
CA LYS E 90 19.72 -32.18 -0.14
C LYS E 90 20.28 -30.86 0.34
N GLU E 91 21.44 -30.51 -0.18
CA GLU E 91 22.17 -29.34 0.29
C GLU E 91 21.85 -28.05 -0.45
N SER E 92 21.31 -28.12 -1.65
CA SER E 92 21.05 -26.87 -2.38
C SER E 92 19.81 -26.95 -3.24
N TRP E 93 19.24 -25.78 -3.53
CA TRP E 93 18.03 -25.67 -4.32
C TRP E 93 17.80 -24.32 -4.95
N SER E 94 16.96 -24.29 -5.99
CA SER E 94 16.53 -23.03 -6.60
C SER E 94 15.33 -22.39 -5.92
N TYR E 95 14.50 -23.22 -5.32
CA TYR E 95 13.31 -22.80 -4.58
C TYR E 95 12.87 -23.96 -3.74
N ILE E 96 11.98 -23.74 -2.79
CA ILE E 96 11.47 -24.82 -1.95
C ILE E 96 9.99 -25.00 -2.17
N VAL E 97 9.55 -26.24 -2.37
CA VAL E 97 8.15 -26.49 -2.57
C VAL E 97 7.55 -27.30 -1.42
N GLU E 98 6.55 -26.72 -0.80
CA GLU E 98 5.85 -27.32 0.31
C GLU E 98 4.42 -27.65 -0.11
N THR E 99 3.92 -28.78 0.31
CA THR E 99 2.53 -29.16 0.03
C THR E 99 1.60 -28.24 0.82
N PRO E 100 0.38 -27.92 0.38
CA PRO E 100 -0.61 -27.18 1.12
C PRO E 100 -1.01 -27.82 2.45
N ASN E 101 -0.78 -29.11 2.60
CA ASN E 101 -1.16 -29.76 3.84
C ASN E 101 -0.17 -30.84 4.21
N PRO E 102 1.01 -30.50 4.76
CA PRO E 102 2.05 -31.43 5.10
C PRO E 102 1.60 -32.20 6.28
N GLU E 103 2.07 -33.43 6.38
CA GLU E 103 1.75 -34.26 7.52
C GLU E 103 2.90 -34.55 8.48
N ASN E 104 4.17 -34.56 7.99
CA ASN E 104 5.37 -34.89 8.76
C ASN E 104 6.08 -33.60 9.18
N GLY E 105 5.83 -33.19 10.43
CA GLY E 105 6.30 -31.96 11.05
C GLY E 105 6.86 -32.34 12.39
N THR E 106 6.29 -31.79 13.43
CA THR E 106 6.76 -32.18 14.74
C THR E 106 6.11 -33.54 15.06
N CYS E 107 6.94 -34.60 15.35
CA CYS E 107 6.45 -35.95 15.65
C CYS E 107 6.30 -36.17 17.14
N TYR E 108 7.00 -35.36 17.92
CA TYR E 108 6.86 -35.43 19.35
C TYR E 108 6.23 -34.08 19.66
N PRO E 109 4.93 -34.03 19.95
CA PRO E 109 4.13 -32.83 20.04
C PRO E 109 4.72 -31.82 20.96
N GLY E 110 4.58 -30.57 20.57
CA GLY E 110 5.05 -29.44 21.32
C GLY E 110 4.92 -28.20 20.51
N TYR E 111 5.36 -27.10 21.09
CA TYR E 111 5.32 -25.80 20.49
C TYR E 111 6.63 -25.48 19.80
N PHE E 112 6.58 -24.99 18.58
CA PHE E 112 7.80 -24.63 17.90
C PHE E 112 7.93 -23.13 18.03
N ALA E 113 8.89 -22.67 18.81
CA ALA E 113 9.00 -21.25 19.04
C ALA E 113 9.41 -20.52 17.79
N ASP E 114 8.77 -19.39 17.54
CA ASP E 114 9.12 -18.53 16.43
C ASP E 114 9.22 -19.30 15.12
N TYR E 115 8.28 -20.19 14.88
CA TYR E 115 8.29 -20.97 13.67
C TYR E 115 8.15 -20.15 12.44
N GLU E 116 7.23 -19.22 12.46
CA GLU E 116 6.96 -18.41 11.31
C GLU E 116 8.16 -17.54 10.97
N GLU E 117 8.88 -17.04 11.98
CA GLU E 117 10.06 -16.23 11.70
C GLU E 117 11.16 -17.11 11.13
N LEU E 118 11.26 -18.36 11.59
CA LEU E 118 12.28 -19.21 11.02
C LEU E 118 11.97 -19.53 9.60
N ARG E 119 10.70 -19.78 9.29
CA ARG E 119 10.31 -20.10 7.93
C ARG E 119 10.65 -18.93 7.01
N GLU E 120 10.48 -17.70 7.52
CA GLU E 120 10.83 -16.51 6.75
C GLU E 120 12.34 -16.44 6.57
N GLN E 121 13.12 -16.74 7.59
CA GLN E 121 14.57 -16.69 7.45
C GLN E 121 15.11 -17.74 6.49
N LEU E 122 14.47 -18.90 6.45
CA LEU E 122 14.91 -19.98 5.60
C LEU E 122 14.45 -19.78 4.17
N SER E 123 13.70 -18.73 3.92
CA SER E 123 13.23 -18.46 2.60
C SER E 123 14.33 -17.80 1.80
N SER E 124 15.36 -17.25 2.44
CA SER E 124 16.43 -16.63 1.65
C SER E 124 17.65 -17.55 1.58
N VAL E 125 17.56 -18.72 2.19
CA VAL E 125 18.67 -19.65 2.19
C VAL E 125 18.65 -20.42 0.89
N SER E 126 19.79 -20.44 0.18
CA SER E 126 19.86 -21.15 -1.10
C SER E 126 20.51 -22.50 -0.95
N SER E 127 21.31 -22.64 0.09
CA SER E 127 21.96 -23.89 0.37
C SER E 127 22.43 -23.91 1.79
N PHE E 128 22.76 -25.10 2.27
CA PHE E 128 23.37 -25.19 3.57
C PHE E 128 24.16 -26.46 3.79
N GLU E 129 25.04 -26.42 4.77
CA GLU E 129 25.76 -27.60 5.19
C GLU E 129 25.17 -28.15 6.45
N ARG E 130 24.78 -29.40 6.45
CA ARG E 130 24.29 -30.01 7.67
C ARG E 130 25.54 -30.61 8.29
N PHE E 131 25.90 -30.21 9.49
CA PHE E 131 27.12 -30.73 10.09
C PHE E 131 26.86 -31.15 11.49
N GLU E 132 27.69 -32.02 12.01
CA GLU E 132 27.44 -32.50 13.35
C GLU E 132 28.07 -31.54 14.34
N ILE E 133 27.23 -30.86 15.13
CA ILE E 133 27.68 -29.84 16.08
C ILE E 133 28.16 -30.43 17.40
N PHE E 134 27.44 -31.42 17.90
CA PHE E 134 27.78 -32.07 19.15
C PHE E 134 27.67 -33.58 19.02
N PRO E 135 28.64 -34.27 18.43
CA PRO E 135 28.54 -35.67 18.10
C PRO E 135 28.12 -36.51 19.30
N LYS E 136 27.15 -37.41 19.10
CA LYS E 136 26.64 -38.18 20.23
C LYS E 136 27.62 -39.20 20.75
N GLU E 137 28.49 -39.65 19.89
CA GLU E 137 29.42 -40.68 20.28
C GLU E 137 30.45 -40.21 21.30
N SER E 138 30.87 -38.96 21.20
CA SER E 138 31.90 -38.48 22.09
C SER E 138 31.47 -37.36 23.02
N SER E 139 30.35 -36.70 22.75
CA SER E 139 30.00 -35.56 23.56
C SER E 139 29.43 -35.88 24.92
N TRP E 140 28.71 -36.98 25.09
CA TRP E 140 28.12 -37.22 26.40
C TRP E 140 28.35 -38.60 27.01
N PRO E 141 29.57 -38.93 27.47
CA PRO E 141 29.93 -40.21 28.04
C PRO E 141 29.16 -40.67 29.29
N ASN E 142 28.54 -39.70 30.04
CA ASN E 142 27.80 -39.95 31.28
C ASN E 142 26.27 -39.81 31.13
N HIS E 143 25.73 -39.80 29.88
CA HIS E 143 24.29 -39.68 29.63
C HIS E 143 23.89 -40.71 28.63
N THR E 144 22.64 -41.08 28.66
CA THR E 144 22.14 -42.01 27.69
C THR E 144 21.71 -41.20 26.48
N VAL E 145 22.18 -41.57 25.30
CA VAL E 145 21.89 -40.83 24.06
C VAL E 145 21.00 -41.63 23.14
N THR E 146 20.31 -42.60 23.70
CA THR E 146 19.47 -43.53 22.95
C THR E 146 17.98 -43.39 23.21
N GLY E 147 17.51 -42.29 23.78
CA GLY E 147 16.07 -42.20 24.01
C GLY E 147 15.33 -42.06 22.68
N VAL E 148 14.19 -42.76 22.59
CA VAL E 148 13.31 -42.76 21.43
C VAL E 148 11.86 -42.65 21.84
N SER E 149 10.99 -42.39 20.88
CA SER E 149 9.56 -42.37 21.14
C SER E 149 8.74 -43.03 20.05
N ALA E 150 7.69 -43.69 20.47
CA ALA E 150 6.74 -44.35 19.58
C ALA E 150 6.10 -43.34 18.67
N SER E 151 5.98 -42.12 19.14
CA SER E 151 5.34 -41.03 18.41
C SER E 151 6.11 -40.59 17.15
N CYS E 152 7.41 -40.97 17.04
CA CYS E 152 8.32 -40.67 15.97
C CYS E 152 8.67 -41.98 15.25
N SER E 153 7.84 -43.00 15.42
CA SER E 153 8.13 -44.29 14.82
C SER E 153 8.35 -44.24 13.33
N HIS E 154 9.41 -44.94 12.90
CA HIS E 154 9.86 -45.04 11.51
C HIS E 154 10.02 -46.51 11.15
N ASN E 155 9.25 -46.96 10.17
CA ASN E 155 9.27 -48.37 9.75
C ASN E 155 8.98 -49.31 10.90
N GLY E 156 8.08 -48.92 11.78
CA GLY E 156 7.66 -49.76 12.90
C GLY E 156 8.49 -49.62 14.16
N LYS E 157 9.60 -48.91 14.13
CA LYS E 157 10.40 -48.81 15.34
C LYS E 157 10.39 -47.42 15.93
N SER E 158 10.41 -47.35 17.25
CA SER E 158 10.45 -46.07 17.92
C SER E 158 11.71 -45.36 17.48
N SER E 159 11.62 -44.05 17.34
CA SER E 159 12.77 -43.28 16.87
C SER E 159 12.72 -41.85 17.36
N PHE E 160 13.53 -40.99 16.80
CA PHE E 160 13.53 -39.61 17.26
C PHE E 160 14.06 -38.75 16.15
N TYR E 161 14.11 -37.46 16.38
CA TYR E 161 14.56 -36.54 15.37
C TYR E 161 16.00 -36.77 15.02
N ARG E 162 16.29 -36.78 13.73
CA ARG E 162 17.63 -37.02 13.24
C ARG E 162 18.63 -35.98 13.66
N ASN E 163 18.21 -34.73 13.86
CA ASN E 163 19.19 -33.74 14.21
C ASN E 163 19.27 -33.44 15.72
N LEU E 164 18.54 -34.20 16.56
CA LEU E 164 18.48 -33.95 18.01
C LEU E 164 18.70 -35.19 18.89
N LEU E 165 19.25 -35.02 20.09
CA LEU E 165 19.37 -36.16 20.99
C LEU E 165 18.56 -36.00 22.24
N TRP E 166 17.91 -37.06 22.64
CA TRP E 166 17.18 -37.02 23.88
C TRP E 166 18.10 -37.54 24.97
N LEU E 167 18.59 -36.65 25.84
CA LEU E 167 19.56 -37.07 26.84
C LEU E 167 18.94 -37.36 28.18
N THR E 168 19.01 -38.62 28.57
CA THR E 168 18.41 -39.11 29.80
C THR E 168 19.52 -39.57 30.71
N GLY E 169 19.21 -39.93 31.95
CA GLY E 169 20.27 -40.30 32.88
C GLY E 169 20.95 -41.61 32.56
N LYS E 170 22.06 -41.85 33.23
CA LYS E 170 22.82 -43.06 33.04
C LYS E 170 23.30 -43.58 34.38
N ASN E 171 23.02 -44.85 34.62
CA ASN E 171 23.41 -45.52 35.85
C ASN E 171 22.85 -44.85 37.10
N GLY E 172 21.65 -44.27 37.01
CA GLY E 172 21.01 -43.65 38.16
C GLY E 172 21.38 -42.18 38.38
N LEU E 173 22.30 -41.65 37.60
CA LEU E 173 22.69 -40.27 37.80
C LEU E 173 22.40 -39.40 36.60
N TYR E 174 22.21 -38.10 36.84
CA TYR E 174 22.09 -37.17 35.74
C TYR E 174 23.04 -36.01 36.00
N PRO E 175 24.33 -36.16 35.68
CA PRO E 175 25.35 -35.18 35.95
C PRO E 175 25.02 -33.92 35.17
N ASN E 176 25.46 -32.76 35.68
CA ASN E 176 25.32 -31.47 35.03
C ASN E 176 26.06 -31.42 33.68
N LEU E 177 25.40 -30.88 32.65
CA LEU E 177 25.91 -30.76 31.29
C LEU E 177 26.44 -29.38 31.08
N SER E 178 27.53 -29.31 30.34
CA SER E 178 28.06 -28.03 29.89
C SER E 178 28.77 -28.25 28.58
N LYS E 179 28.22 -27.71 27.52
CA LYS E 179 28.79 -27.84 26.18
C LYS E 179 28.82 -26.54 25.47
N SER E 180 29.81 -26.37 24.63
CA SER E 180 29.84 -25.15 23.87
C SER E 180 30.37 -25.37 22.49
N TYR E 181 29.98 -24.46 21.62
CA TYR E 181 30.41 -24.48 20.24
C TYR E 181 30.79 -23.12 19.74
N VAL E 182 31.90 -23.06 19.03
CA VAL E 182 32.35 -21.83 18.43
C VAL E 182 32.13 -21.85 16.95
N ASN E 183 31.50 -20.81 16.45
CA ASN E 183 31.17 -20.81 15.05
C ASN E 183 32.34 -20.43 14.18
N ASN E 184 33.03 -21.47 13.75
CA ASN E 184 34.20 -21.37 12.91
C ASN E 184 33.85 -21.68 11.46
N LYS E 185 32.56 -21.66 11.11
CA LYS E 185 32.13 -22.00 9.75
C LYS E 185 32.17 -20.82 8.79
N GLU E 186 32.29 -19.60 9.32
CA GLU E 186 32.25 -18.34 8.56
C GLU E 186 30.92 -18.10 7.85
N LYS E 187 29.87 -18.73 8.37
CA LYS E 187 28.50 -18.63 7.92
C LYS E 187 27.63 -18.56 9.15
N GLU E 188 26.41 -18.10 9.01
CA GLU E 188 25.55 -18.14 10.16
C GLU E 188 25.18 -19.58 10.43
N VAL E 189 25.10 -19.95 11.68
CA VAL E 189 24.74 -21.31 12.02
C VAL E 189 23.43 -21.43 12.75
N LEU E 190 22.55 -22.27 12.24
CA LEU E 190 21.28 -22.50 12.86
C LEU E 190 21.35 -23.67 13.80
N VAL E 191 21.10 -23.37 15.07
CA VAL E 191 21.20 -24.38 16.11
C VAL E 191 19.81 -24.66 16.66
N LEU E 192 19.40 -25.92 16.60
CA LEU E 192 18.08 -26.31 17.08
C LEU E 192 18.23 -27.14 18.35
N TRP E 193 17.30 -27.00 19.28
CA TRP E 193 17.29 -27.80 20.52
C TRP E 193 15.90 -27.86 21.08
N GLY E 194 15.69 -28.65 22.13
CA GLY E 194 14.38 -28.61 22.74
C GLY E 194 14.39 -28.91 24.23
N VAL E 195 13.22 -28.80 24.83
CA VAL E 195 13.06 -29.03 26.26
C VAL E 195 11.91 -29.99 26.50
N HIS E 196 12.13 -31.00 27.33
CA HIS E 196 11.10 -31.99 27.63
C HIS E 196 10.29 -31.65 28.86
N HIS E 197 8.97 -31.70 28.70
CA HIS E 197 7.98 -31.44 29.73
C HIS E 197 7.13 -32.71 29.98
N PRO E 198 7.50 -33.57 30.94
CA PRO E 198 6.87 -34.84 31.26
C PRO E 198 5.43 -34.66 31.68
N PRO E 199 4.58 -35.69 31.51
CA PRO E 199 3.22 -35.75 31.95
C PRO E 199 3.05 -35.81 33.45
N ASN E 200 4.07 -36.30 34.15
CA ASN E 200 3.95 -36.40 35.58
C ASN E 200 5.31 -36.41 36.22
N ILE E 201 5.32 -36.32 37.53
CA ILE E 201 6.55 -36.31 38.31
C ILE E 201 7.27 -37.65 38.32
N GLY E 202 6.55 -38.74 38.10
CA GLY E 202 7.16 -40.06 38.11
C GLY E 202 8.11 -40.19 36.96
N ASN E 203 7.71 -39.65 35.82
CA ASN E 203 8.51 -39.69 34.61
C ASN E 203 9.65 -38.72 34.77
N GLN E 204 9.41 -37.57 35.40
CA GLN E 204 10.51 -36.64 35.59
C GLN E 204 11.61 -37.26 36.42
N ARG E 205 11.25 -37.94 37.50
CA ARG E 205 12.29 -38.54 38.29
C ARG E 205 12.95 -39.70 37.58
N ALA E 206 12.17 -40.54 36.90
CA ALA E 206 12.71 -41.71 36.24
C ALA E 206 13.74 -41.38 35.19
N LEU E 207 13.53 -40.30 34.47
CA LEU E 207 14.44 -39.95 33.40
C LEU E 207 15.58 -39.03 33.80
N TYR E 208 15.33 -38.06 34.69
CA TYR E 208 16.38 -37.10 34.94
C TYR E 208 16.92 -37.10 36.36
N HIS E 209 16.33 -37.90 37.25
CA HIS E 209 16.76 -38.02 38.63
C HIS E 209 16.80 -36.70 39.38
N THR E 210 15.83 -35.84 39.09
CA THR E 210 15.68 -34.56 39.75
C THR E 210 14.28 -34.07 39.57
N GLU E 211 13.80 -33.32 40.55
CA GLU E 211 12.49 -32.71 40.45
C GLU E 211 12.59 -31.25 40.07
N ASN E 212 13.82 -30.77 39.94
CA ASN E 212 14.08 -29.36 39.68
C ASN E 212 15.12 -29.18 38.60
N ALA E 213 14.76 -29.60 37.40
CA ALA E 213 15.65 -29.47 36.28
C ALA E 213 15.54 -28.09 35.71
N TYR E 214 16.59 -27.64 35.08
CA TYR E 214 16.59 -26.42 34.32
C TYR E 214 17.46 -26.61 33.12
N VAL E 215 17.22 -25.79 32.11
CA VAL E 215 18.02 -25.71 30.91
C VAL E 215 18.42 -24.27 30.66
N SER E 216 19.67 -24.01 30.39
CA SER E 216 20.14 -22.65 30.14
C SER E 216 20.95 -22.54 28.87
N VAL E 217 20.49 -21.70 27.96
CA VAL E 217 21.18 -21.54 26.69
C VAL E 217 21.56 -20.09 26.48
N VAL E 218 22.84 -19.86 26.28
CA VAL E 218 23.31 -18.50 26.07
C VAL E 218 24.28 -18.35 24.90
N SER E 219 24.37 -17.15 24.37
CA SER E 219 25.31 -16.80 23.30
C SER E 219 25.60 -15.34 23.52
N SER E 220 26.42 -14.66 22.72
CA SER E 220 26.71 -13.30 23.13
C SER E 220 25.50 -12.43 23.24
N HIS E 221 24.51 -12.64 22.38
CA HIS E 221 23.33 -11.81 22.41
C HIS E 221 22.07 -12.63 22.54
N TYR E 222 22.14 -13.73 23.29
CA TYR E 222 21.00 -14.60 23.50
C TYR E 222 21.01 -15.16 24.89
N SER E 223 19.88 -15.18 25.55
CA SER E 223 19.83 -15.82 26.83
C SER E 223 18.45 -16.29 27.20
N ARG E 224 18.33 -17.59 27.44
CA ARG E 224 17.08 -18.17 27.89
C ARG E 224 17.30 -19.18 28.98
N ARG E 225 16.37 -19.24 29.91
CA ARG E 225 16.40 -20.27 30.91
C ARG E 225 15.05 -20.90 30.82
N PHE E 226 15.03 -22.20 30.82
CA PHE E 226 13.79 -22.90 30.69
C PHE E 226 13.57 -23.71 31.92
N THR E 227 12.32 -23.83 32.31
CA THR E 227 11.97 -24.69 33.42
C THR E 227 10.91 -25.63 32.89
N PRO E 228 11.07 -26.95 32.98
CA PRO E 228 10.08 -27.90 32.57
C PRO E 228 8.82 -27.69 33.38
N GLU E 229 7.67 -27.75 32.74
CA GLU E 229 6.40 -27.58 33.39
C GLU E 229 5.63 -28.89 33.30
N ILE E 230 5.63 -29.62 34.40
CA ILE E 230 5.01 -30.92 34.43
C ILE E 230 3.51 -30.81 34.55
N ALA E 231 2.82 -31.45 33.64
CA ALA E 231 1.37 -31.43 33.61
C ALA E 231 0.87 -32.54 32.73
N LYS E 232 -0.27 -33.11 33.08
CA LYS E 232 -0.86 -34.11 32.24
C LYS E 232 -1.68 -33.40 31.20
N ARG E 233 -1.35 -33.62 29.95
CA ARG E 233 -1.99 -32.94 28.85
C ARG E 233 -2.87 -33.88 28.06
N PRO E 234 -3.79 -33.40 27.20
CA PRO E 234 -4.56 -34.23 26.30
C PRO E 234 -3.57 -34.95 25.42
N LYS E 235 -3.88 -36.17 25.02
CA LYS E 235 -2.94 -36.88 24.19
C LYS E 235 -2.91 -36.42 22.77
N VAL E 236 -1.71 -36.20 22.28
CA VAL E 236 -1.46 -35.87 20.89
C VAL E 236 -0.45 -36.87 20.40
N ARG E 237 -0.77 -37.63 19.37
CA ARG E 237 0.15 -38.66 18.89
C ARG E 237 0.54 -39.58 20.04
N ASP E 238 -0.45 -39.88 20.88
CA ASP E 238 -0.37 -40.72 22.07
C ASP E 238 0.49 -40.20 23.21
N GLN E 239 0.97 -38.96 23.15
CA GLN E 239 1.75 -38.40 24.25
C GLN E 239 0.99 -37.51 25.18
N GLU E 240 1.18 -37.73 26.48
CA GLU E 240 0.59 -36.87 27.51
C GLU E 240 1.56 -35.78 27.93
N GLY E 241 2.77 -35.82 27.38
CA GLY E 241 3.80 -34.84 27.69
C GLY E 241 4.11 -34.09 26.42
N ARG E 242 5.08 -33.19 26.47
CA ARG E 242 5.46 -32.38 25.30
C ARG E 242 6.95 -32.05 25.20
N ILE E 243 7.45 -31.82 24.00
CA ILE E 243 8.80 -31.26 23.82
C ILE E 243 8.74 -29.97 23.06
N ASN E 244 9.24 -28.89 23.62
CA ASN E 244 9.17 -27.63 22.87
C ASN E 244 10.43 -27.45 22.09
N TYR E 245 10.36 -26.73 20.98
CA TYR E 245 11.53 -26.55 20.14
C TYR E 245 11.93 -25.11 20.07
N TYR E 246 13.22 -24.90 20.14
CA TYR E 246 13.81 -23.59 20.13
C TYR E 246 14.95 -23.51 19.14
N TRP E 247 15.24 -22.31 18.69
CA TRP E 247 16.36 -22.14 17.78
C TRP E 247 16.96 -20.79 17.87
N THR E 248 18.19 -20.69 17.41
CA THR E 248 18.85 -19.40 17.29
C THR E 248 19.91 -19.45 16.22
N LEU E 249 20.25 -18.30 15.67
CA LEU E 249 21.33 -18.26 14.71
C LEU E 249 22.59 -17.70 15.32
N LEU E 250 23.72 -18.30 15.02
CA LEU E 250 24.97 -17.78 15.52
C LEU E 250 25.62 -17.00 14.43
N GLU E 251 26.18 -15.86 14.77
CA GLU E 251 26.94 -15.11 13.82
C GLU E 251 28.31 -15.73 13.79
N PRO E 252 29.07 -15.64 12.69
CA PRO E 252 30.41 -16.13 12.61
C PRO E 252 31.24 -15.59 13.73
N GLY E 253 32.00 -16.45 14.38
CA GLY E 253 32.85 -16.09 15.47
C GLY E 253 32.21 -16.14 16.85
N ASP E 254 30.90 -16.35 16.95
CA ASP E 254 30.32 -16.36 18.28
C ASP E 254 30.38 -17.74 18.90
N THR E 255 29.89 -17.83 20.14
CA THR E 255 29.84 -19.06 20.92
C THR E 255 28.46 -19.30 21.49
N ILE E 256 28.01 -20.55 21.45
CA ILE E 256 26.76 -20.91 22.11
C ILE E 256 27.05 -21.91 23.21
N ILE E 257 26.45 -21.71 24.37
CA ILE E 257 26.65 -22.58 25.51
C ILE E 257 25.37 -23.21 26.02
N PHE E 258 25.39 -24.53 26.16
CA PHE E 258 24.28 -25.31 26.67
C PHE E 258 24.58 -25.89 28.03
N GLU E 259 23.77 -25.51 29.01
CA GLU E 259 23.93 -25.97 30.38
C GLU E 259 22.65 -26.59 30.93
N ALA E 260 22.74 -27.76 31.53
CA ALA E 260 21.49 -28.35 32.04
C ALA E 260 21.69 -29.37 33.14
N ASN E 261 20.66 -29.58 33.94
CA ASN E 261 20.72 -30.67 34.92
C ASN E 261 19.56 -31.61 34.69
N GLY E 262 18.99 -31.56 33.50
CA GLY E 262 17.88 -32.42 33.14
C GLY E 262 17.01 -31.78 32.10
N ASN E 263 16.22 -32.63 31.45
CA ASN E 263 15.21 -32.29 30.46
C ASN E 263 15.68 -31.63 29.16
N LEU E 264 16.93 -31.84 28.77
CA LEU E 264 17.43 -31.26 27.53
C LEU E 264 17.45 -32.22 26.35
N ILE E 265 16.91 -31.73 25.25
CA ILE E 265 16.99 -32.41 23.98
C ILE E 265 18.11 -31.66 23.27
N ALA E 266 19.27 -32.27 23.20
CA ALA E 266 20.48 -31.58 22.77
C ALA E 266 20.60 -31.47 21.26
N PRO E 267 21.23 -30.43 20.72
CA PRO E 267 21.52 -30.32 19.33
C PRO E 267 22.46 -31.42 18.98
N TRP E 268 22.33 -32.00 17.82
CA TRP E 268 23.26 -32.99 17.33
C TRP E 268 23.83 -32.44 16.05
N TYR E 269 22.94 -32.06 15.15
CA TYR E 269 23.31 -31.45 13.87
C TYR E 269 22.86 -30.01 13.84
N ALA E 270 23.57 -29.21 13.07
CA ALA E 270 23.30 -27.79 12.90
C ALA E 270 23.57 -27.38 11.48
N PHE E 271 22.99 -26.26 11.06
CA PHE E 271 23.15 -25.89 9.66
C PHE E 271 23.93 -24.63 9.39
N ALA E 272 24.94 -24.73 8.55
CA ALA E 272 25.69 -23.55 8.16
C ALA E 272 24.99 -22.99 6.95
N LEU E 273 24.37 -21.84 7.11
CA LEU E 273 23.48 -21.29 6.10
C LEU E 273 24.14 -20.36 5.13
N SER E 274 23.96 -20.65 3.84
CA SER E 274 24.46 -19.81 2.79
C SER E 274 23.28 -19.12 2.14
N ARG E 275 23.23 -17.80 2.28
CA ARG E 275 22.08 -17.08 1.75
C ARG E 275 22.29 -16.66 0.32
N GLY E 276 21.20 -16.69 -0.42
CA GLY E 276 21.18 -16.28 -1.80
C GLY E 276 20.11 -15.24 -1.98
N PHE E 277 19.64 -15.08 -3.20
CA PHE E 277 18.65 -14.06 -3.44
C PHE E 277 17.76 -14.43 -4.59
N GLY E 278 16.46 -14.22 -4.43
CA GLY E 278 15.51 -14.50 -5.50
C GLY E 278 14.78 -15.81 -5.26
N SER E 279 15.23 -16.59 -4.31
CA SER E 279 14.62 -17.86 -3.94
C SER E 279 13.46 -17.57 -2.99
N GLY E 280 12.66 -18.58 -2.70
CA GLY E 280 11.55 -18.44 -1.77
C GLY E 280 10.80 -19.75 -1.66
N ILE E 281 9.71 -19.75 -0.88
CA ILE E 281 8.96 -20.97 -0.69
C ILE E 281 7.59 -20.88 -1.35
N ILE E 282 7.30 -21.88 -2.17
CA ILE E 282 6.06 -22.09 -2.90
C ILE E 282 5.21 -23.14 -2.27
N THR E 283 3.93 -22.86 -2.14
CA THR E 283 3.02 -23.87 -1.65
C THR E 283 2.30 -24.40 -2.88
N SER E 284 2.46 -25.68 -3.19
CA SER E 284 1.88 -26.21 -4.41
C SER E 284 1.76 -27.72 -4.51
N ASN E 285 0.75 -28.16 -5.28
CA ASN E 285 0.56 -29.56 -5.60
C ASN E 285 0.87 -29.87 -7.09
N ALA E 286 1.53 -28.98 -7.79
CA ALA E 286 1.83 -29.22 -9.20
C ALA E 286 2.82 -30.39 -9.33
N PRO E 287 2.76 -31.21 -10.39
CA PRO E 287 3.70 -32.26 -10.74
C PRO E 287 5.07 -31.72 -11.01
N MET E 288 6.09 -32.49 -10.72
CA MET E 288 7.47 -32.10 -10.99
C MET E 288 7.90 -32.66 -12.32
N ASP E 289 8.66 -31.90 -13.11
CA ASP E 289 9.17 -32.43 -14.36
C ASP E 289 10.59 -31.96 -14.66
N GLU E 290 11.11 -32.41 -15.78
CA GLU E 290 12.47 -32.09 -16.25
C GLU E 290 12.60 -30.80 -17.10
N CYS E 291 11.51 -30.03 -17.21
CA CYS E 291 11.39 -28.77 -17.93
C CYS E 291 12.23 -27.68 -17.28
N ASP E 292 12.39 -26.58 -17.99
CA ASP E 292 13.20 -25.48 -17.53
C ASP E 292 12.50 -24.20 -17.88
N ALA E 293 12.53 -23.25 -16.95
CA ALA E 293 11.87 -22.00 -17.15
C ALA E 293 12.57 -20.84 -16.49
N LYS E 294 12.26 -19.64 -16.93
CA LYS E 294 12.76 -18.42 -16.30
C LYS E 294 11.84 -17.80 -15.21
N CYS E 295 10.57 -18.29 -15.12
CA CYS E 295 9.50 -17.87 -14.23
C CYS E 295 8.69 -19.09 -13.80
N GLN E 296 8.51 -19.25 -12.51
CA GLN E 296 7.72 -20.34 -11.98
C GLN E 296 6.66 -19.84 -11.03
N THR E 297 5.42 -20.26 -11.23
CA THR E 297 4.40 -19.88 -10.29
C THR E 297 3.96 -21.20 -9.68
N PRO E 298 3.22 -21.24 -8.58
CA PRO E 298 2.67 -22.44 -8.01
C PRO E 298 1.81 -23.26 -8.96
N GLN E 299 1.23 -22.65 -10.01
CA GLN E 299 0.38 -23.42 -10.92
C GLN E 299 1.04 -23.77 -12.22
N GLY E 300 2.33 -23.48 -12.34
CA GLY E 300 3.01 -23.77 -13.59
C GLY E 300 4.01 -22.73 -14.00
N ALA E 301 4.87 -23.08 -14.92
CA ALA E 301 5.90 -22.19 -15.39
C ALA E 301 5.41 -21.34 -16.52
N ILE E 302 5.96 -20.15 -16.62
CA ILE E 302 5.57 -19.23 -17.69
C ILE E 302 6.70 -18.89 -18.68
N ASN E 303 6.46 -19.16 -19.98
CA ASN E 303 7.34 -18.87 -21.11
C ASN E 303 6.76 -17.66 -21.85
N SER E 304 7.06 -16.42 -21.37
CA SER E 304 6.44 -15.18 -21.88
C SER E 304 7.26 -13.94 -21.69
N SER E 305 7.11 -13.02 -22.64
CA SER E 305 7.74 -11.72 -22.64
C SER E 305 6.75 -10.57 -22.45
N LEU E 306 5.50 -10.91 -22.16
CA LEU E 306 4.47 -9.88 -22.02
C LEU E 306 4.60 -9.25 -20.64
N PRO E 307 4.22 -7.98 -20.46
CA PRO E 307 4.27 -7.28 -19.19
C PRO E 307 3.32 -7.77 -18.08
N PHE E 308 2.23 -8.46 -18.42
CA PHE E 308 1.30 -8.91 -17.40
C PHE E 308 0.93 -10.36 -17.53
N GLN E 309 0.50 -10.96 -16.43
CA GLN E 309 -0.01 -12.32 -16.41
C GLN E 309 -1.26 -12.41 -15.56
N ASN E 310 -2.10 -13.39 -15.84
CA ASN E 310 -3.24 -13.63 -14.99
C ASN E 310 -3.23 -15.05 -14.44
N VAL E 311 -2.03 -15.60 -14.24
CA VAL E 311 -1.87 -16.96 -13.72
C VAL E 311 -1.83 -17.04 -12.20
N HIS E 312 -0.96 -16.28 -11.54
CA HIS E 312 -0.87 -16.38 -10.09
C HIS E 312 -0.06 -15.20 -9.52
N PRO E 313 -0.38 -14.65 -8.34
CA PRO E 313 0.40 -13.65 -7.64
C PRO E 313 1.74 -14.09 -7.05
N VAL E 314 1.94 -15.38 -6.81
CA VAL E 314 3.20 -15.84 -6.23
C VAL E 314 4.12 -16.30 -7.28
N THR E 315 5.30 -15.73 -7.31
CA THR E 315 6.21 -16.13 -8.33
C THR E 315 7.65 -16.17 -7.88
N ILE E 316 8.42 -17.01 -8.54
CA ILE E 316 9.86 -17.05 -8.40
C ILE E 316 10.50 -16.89 -9.78
N GLY E 317 11.43 -15.96 -9.92
CA GLY E 317 12.06 -15.74 -11.22
C GLY E 317 11.72 -14.38 -11.80
N GLU E 318 11.93 -14.23 -13.10
CA GLU E 318 11.70 -12.95 -13.80
C GLU E 318 10.32 -13.04 -14.43
N CYS E 319 9.28 -12.46 -13.79
CA CYS E 319 7.88 -12.68 -14.17
C CYS E 319 7.12 -11.41 -14.58
N PRO E 320 6.07 -11.57 -15.40
CA PRO E 320 5.08 -10.58 -15.71
C PRO E 320 4.35 -10.22 -14.44
N LYS E 321 3.80 -9.02 -14.37
CA LYS E 321 3.09 -8.60 -13.18
C LYS E 321 1.73 -9.28 -13.10
N TYR E 322 1.32 -9.75 -11.94
CA TYR E 322 0.00 -10.35 -11.85
C TYR E 322 -1.07 -9.29 -11.84
N VAL E 323 -2.05 -9.45 -12.71
CA VAL E 323 -3.16 -8.52 -12.84
C VAL E 323 -4.50 -9.25 -12.82
N ARG E 324 -5.50 -8.69 -12.14
CA ARG E 324 -6.80 -9.34 -12.11
C ARG E 324 -7.66 -8.98 -13.28
N SER E 325 -7.32 -9.51 -14.43
CA SER E 325 -8.06 -9.20 -15.64
C SER E 325 -8.09 -10.37 -16.57
N ALA E 326 -9.12 -10.43 -17.40
CA ALA E 326 -9.23 -11.51 -18.38
C ALA E 326 -8.52 -11.19 -19.68
N LYS E 327 -8.56 -9.93 -20.09
CA LYS E 327 -7.94 -9.53 -21.34
C LYS E 327 -7.41 -8.13 -21.24
N LEU E 328 -6.30 -7.89 -21.90
CA LEU E 328 -5.72 -6.59 -21.93
C LEU E 328 -5.04 -6.49 -23.28
N ARG E 329 -5.66 -5.78 -24.22
CA ARG E 329 -5.18 -5.75 -25.60
C ARG E 329 -5.20 -4.37 -26.20
N MET E 330 -4.11 -4.04 -26.89
CA MET E 330 -3.98 -2.78 -27.57
C MET E 330 -4.21 -2.90 -29.06
N VAL E 331 -4.72 -1.84 -29.65
CA VAL E 331 -4.85 -1.80 -31.10
C VAL E 331 -3.72 -1.06 -31.70
N THR E 332 -3.14 -1.62 -32.74
CA THR E 332 -2.07 -0.94 -33.43
C THR E 332 -2.47 -0.55 -34.84
N GLY E 333 -3.44 -1.27 -35.39
CA GLY E 333 -3.89 -1.06 -36.74
C GLY E 333 -5.11 -0.18 -36.84
N LEU E 334 -5.84 -0.35 -37.91
CA LEU E 334 -6.95 0.49 -38.29
C LEU E 334 -8.27 -0.13 -37.90
N ARG E 335 -9.35 0.64 -37.88
CA ARG E 335 -10.63 0.01 -37.64
C ARG E 335 -10.82 -0.95 -38.81
N ASN E 336 -11.22 -2.18 -38.57
CA ASN E 336 -11.34 -3.12 -39.69
C ASN E 336 -12.67 -3.06 -40.37
N ILE E 337 -12.88 -2.00 -41.10
CA ILE E 337 -14.12 -1.83 -41.81
C ILE E 337 -13.86 -1.78 -43.30
N PRO E 338 -14.00 -2.88 -44.05
CA PRO E 338 -13.81 -2.96 -45.49
C PRO E 338 -15.02 -2.38 -46.20
N SER E 339 -14.83 -1.87 -47.46
CA SER E 339 -15.83 -1.45 -48.48
C SER E 339 -15.43 -0.08 -49.03
N GLN F 1 -23.32 -24.03 -27.75
CA GLN F 1 -23.07 -24.12 -26.33
C GLN F 1 -22.21 -25.36 -26.05
N VAL F 2 -21.50 -25.34 -24.88
CA VAL F 2 -20.60 -26.39 -24.41
C VAL F 2 -21.39 -27.56 -23.86
N GLN F 3 -21.06 -28.75 -24.33
CA GLN F 3 -21.72 -29.96 -23.90
C GLN F 3 -20.71 -31.06 -23.68
N LEU F 4 -20.91 -31.85 -22.64
CA LEU F 4 -20.02 -32.97 -22.42
C LEU F 4 -20.86 -34.22 -22.42
N ARG F 5 -20.39 -35.30 -23.05
CA ARG F 5 -21.16 -36.54 -22.98
C ARG F 5 -20.30 -37.73 -22.68
N GLU F 6 -20.62 -38.39 -21.57
CA GLU F 6 -19.93 -39.59 -21.14
C GLU F 6 -20.49 -40.80 -21.84
N SER F 7 -19.65 -41.78 -22.06
CA SER F 7 -20.08 -43.05 -22.60
C SER F 7 -19.20 -44.22 -22.21
N GLY F 8 -19.81 -45.37 -22.01
CA GLY F 8 -19.04 -46.56 -21.73
C GLY F 8 -19.99 -47.73 -21.55
N PRO F 9 -19.46 -48.95 -21.38
CA PRO F 9 -20.19 -50.21 -21.24
C PRO F 9 -21.33 -50.25 -20.23
N GLY F 10 -21.15 -49.61 -19.08
CA GLY F 10 -22.19 -49.59 -18.04
C GLY F 10 -22.13 -50.84 -17.15
N LEU F 11 -21.27 -51.77 -17.51
CA LEU F 11 -21.09 -53.00 -16.80
C LEU F 11 -19.72 -53.56 -17.03
N VAL F 12 -19.02 -53.79 -15.95
CA VAL F 12 -17.68 -54.34 -15.96
C VAL F 12 -17.64 -55.49 -14.97
N LYS F 13 -16.88 -56.52 -15.27
CA LYS F 13 -16.79 -57.63 -14.34
C LYS F 13 -15.64 -57.36 -13.37
N PRO F 14 -15.63 -57.97 -12.19
CA PRO F 14 -14.56 -57.84 -11.26
C PRO F 14 -13.25 -58.20 -11.89
N SER F 15 -12.23 -57.44 -11.52
CA SER F 15 -10.84 -57.55 -11.96
C SER F 15 -10.59 -57.09 -13.39
N GLN F 16 -11.60 -56.57 -14.05
CA GLN F 16 -11.43 -56.02 -15.38
C GLN F 16 -11.12 -54.54 -15.28
N THR F 17 -10.58 -53.98 -16.34
CA THR F 17 -10.35 -52.54 -16.35
C THR F 17 -11.57 -51.83 -16.91
N LEU F 18 -12.03 -50.82 -16.20
CA LEU F 18 -13.15 -50.03 -16.64
C LEU F 18 -12.63 -48.94 -17.50
N SER F 19 -13.25 -48.69 -18.65
CA SER F 19 -12.79 -47.59 -19.48
C SER F 19 -13.93 -46.75 -20.00
N LEU F 20 -13.92 -45.47 -19.63
CA LEU F 20 -14.95 -44.51 -20.04
C LEU F 20 -14.38 -43.41 -20.91
N THR F 21 -15.20 -42.92 -21.83
CA THR F 21 -14.81 -41.81 -22.71
C THR F 21 -15.81 -40.66 -22.60
N CYS F 22 -15.32 -39.40 -22.59
CA CYS F 22 -16.11 -38.17 -22.59
C CYS F 22 -15.81 -37.35 -23.84
N THR F 23 -16.84 -37.08 -24.61
CA THR F 23 -16.66 -36.32 -25.82
C THR F 23 -17.08 -34.89 -25.54
N VAL F 24 -16.20 -33.97 -25.85
CA VAL F 24 -16.43 -32.56 -25.59
C VAL F 24 -16.83 -31.87 -26.87
N SER F 25 -17.91 -31.11 -26.83
CA SER F 25 -18.30 -30.36 -28.02
C SER F 25 -18.69 -28.96 -27.64
N GLY F 26 -18.57 -28.03 -28.59
CA GLY F 26 -18.95 -26.63 -28.33
C GLY F 26 -17.79 -25.91 -27.64
N ASP F 27 -16.65 -26.59 -27.59
CA ASP F 27 -15.42 -26.12 -26.96
C ASP F 27 -14.24 -26.78 -27.66
N SER F 28 -13.04 -26.49 -27.23
CA SER F 28 -11.85 -27.11 -27.79
C SER F 28 -10.83 -27.46 -26.74
N ILE F 29 -10.47 -28.74 -26.70
CA ILE F 29 -9.60 -29.17 -25.62
C ILE F 29 -8.15 -29.00 -26.02
N SER F 30 -7.92 -28.31 -27.14
CA SER F 30 -6.59 -27.94 -27.56
C SER F 30 -6.38 -26.43 -27.49
N ASN F 31 -7.44 -25.64 -27.21
CA ASN F 31 -7.28 -24.19 -27.21
C ASN F 31 -7.58 -23.48 -25.87
N GLY F 32 -8.56 -23.96 -25.11
CA GLY F 32 -9.00 -23.28 -23.88
C GLY F 32 -8.00 -23.08 -22.71
N GLY F 33 -7.06 -23.98 -22.51
CA GLY F 33 -6.11 -23.89 -21.39
C GLY F 33 -6.74 -24.22 -20.03
N LEU F 34 -7.76 -25.07 -20.03
CA LEU F 34 -8.54 -25.47 -18.86
C LEU F 34 -8.21 -26.86 -18.35
N TYR F 35 -8.62 -27.18 -17.15
CA TYR F 35 -8.42 -28.55 -16.70
C TYR F 35 -9.67 -29.38 -16.92
N TRP F 36 -9.49 -30.62 -17.34
CA TRP F 36 -10.59 -31.55 -17.55
C TRP F 36 -10.67 -32.63 -16.48
N ASN F 37 -11.77 -32.65 -15.74
CA ASN F 37 -11.97 -33.50 -14.57
C ASN F 37 -12.81 -34.74 -14.76
N TRP F 38 -12.51 -35.75 -13.96
CA TRP F 38 -13.36 -36.92 -13.80
C TRP F 38 -13.70 -37.04 -12.33
N ILE F 39 -14.97 -37.26 -12.05
CA ILE F 39 -15.44 -37.44 -10.70
C ILE F 39 -16.42 -38.61 -10.66
N ARG F 40 -16.73 -39.16 -9.48
CA ARG F 40 -17.77 -40.19 -9.41
C ARG F 40 -18.64 -40.11 -8.18
N GLN F 41 -19.83 -40.68 -8.27
CA GLN F 41 -20.70 -40.76 -7.11
C GLN F 41 -21.21 -42.17 -6.82
N ARG F 42 -20.78 -42.76 -5.71
CA ARG F 42 -21.20 -44.11 -5.32
C ARG F 42 -22.65 -43.95 -4.88
N PRO F 43 -23.59 -44.84 -5.18
CA PRO F 43 -24.96 -44.68 -4.77
C PRO F 43 -25.07 -44.49 -3.26
N GLY F 44 -25.86 -43.50 -2.87
CA GLY F 44 -26.11 -43.17 -1.47
C GLY F 44 -25.05 -42.27 -0.83
N ARG F 45 -24.00 -41.96 -1.58
CA ARG F 45 -22.88 -41.18 -1.10
C ARG F 45 -22.77 -39.83 -1.79
N GLY F 46 -21.90 -38.98 -1.25
CA GLY F 46 -21.67 -37.68 -1.85
C GLY F 46 -20.68 -37.86 -3.00
N LEU F 47 -20.15 -36.77 -3.48
CA LEU F 47 -19.27 -36.79 -4.64
C LEU F 47 -17.81 -37.02 -4.26
N GLU F 48 -17.09 -37.78 -5.08
CA GLU F 48 -15.66 -38.02 -4.93
C GLU F 48 -14.89 -37.64 -6.18
N TRP F 49 -13.84 -36.86 -6.03
CA TRP F 49 -13.04 -36.46 -7.19
C TRP F 49 -12.09 -37.58 -7.62
N ILE F 50 -11.96 -37.85 -8.93
CA ILE F 50 -11.05 -38.90 -9.37
C ILE F 50 -9.71 -38.33 -9.77
N GLY F 51 -9.74 -37.29 -10.60
CA GLY F 51 -8.50 -36.72 -11.10
C GLY F 51 -8.77 -35.74 -12.21
N TYR F 52 -7.70 -35.19 -12.79
CA TYR F 52 -7.84 -34.27 -13.91
C TYR F 52 -6.64 -34.27 -14.83
N ILE F 53 -6.88 -33.83 -16.04
CA ILE F 53 -5.83 -33.69 -17.01
C ILE F 53 -5.84 -32.32 -17.66
N TYR F 54 -4.66 -31.78 -17.88
CA TYR F 54 -4.56 -30.47 -18.47
C TYR F 54 -4.28 -30.58 -19.97
N TYR F 55 -4.16 -29.45 -20.62
CA TYR F 55 -3.98 -29.38 -22.07
C TYR F 55 -2.65 -29.90 -22.52
N ASN F 56 -1.71 -29.88 -21.62
CA ASN F 56 -0.38 -30.32 -21.92
C ASN F 56 -0.20 -31.78 -21.60
N GLY F 57 -1.29 -32.46 -21.21
CA GLY F 57 -1.24 -33.87 -20.88
C GLY F 57 -0.81 -34.11 -19.44
N VAL F 58 -0.68 -33.03 -18.71
CA VAL F 58 -0.25 -33.11 -17.34
C VAL F 58 -1.39 -33.68 -16.54
N THR F 59 -1.12 -34.74 -15.80
CA THR F 59 -2.23 -35.40 -15.14
C THR F 59 -2.00 -35.55 -13.66
N THR F 60 -3.06 -35.33 -12.91
CA THR F 60 -3.06 -35.50 -11.47
C THR F 60 -4.16 -36.47 -11.06
N TYR F 61 -3.97 -37.12 -9.91
CA TYR F 61 -4.98 -38.06 -9.45
C TYR F 61 -5.28 -37.94 -7.98
N ASN F 62 -6.47 -38.38 -7.59
CA ASN F 62 -6.83 -38.52 -6.20
C ASN F 62 -5.88 -39.54 -5.64
N PRO F 63 -5.04 -39.22 -4.64
CA PRO F 63 -4.00 -40.07 -4.12
C PRO F 63 -4.48 -41.40 -3.57
N SER F 64 -5.75 -41.52 -3.21
CA SER F 64 -6.20 -42.79 -2.67
C SER F 64 -6.36 -43.84 -3.77
N LEU F 65 -6.45 -43.39 -5.01
CA LEU F 65 -6.66 -44.24 -6.16
C LEU F 65 -5.58 -44.12 -7.23
N ARG F 66 -4.51 -43.40 -6.93
CA ARG F 66 -3.50 -43.08 -7.95
C ARG F 66 -2.83 -44.28 -8.59
N SER F 67 -2.75 -45.40 -7.89
CA SER F 67 -2.12 -46.58 -8.45
C SER F 67 -2.99 -47.34 -9.43
N ARG F 68 -4.28 -47.02 -9.47
CA ARG F 68 -5.24 -47.71 -10.30
C ARG F 68 -5.71 -46.85 -11.47
N ILE F 69 -5.73 -45.53 -11.26
CA ILE F 69 -6.27 -44.59 -12.22
C ILE F 69 -5.32 -44.16 -13.32
N ALA F 70 -5.82 -44.19 -14.53
CA ALA F 70 -5.09 -43.62 -15.62
C ALA F 70 -6.05 -42.66 -16.33
N ILE F 71 -5.58 -41.46 -16.61
CA ILE F 71 -6.38 -40.47 -17.33
C ILE F 71 -5.61 -40.02 -18.54
N SER F 72 -6.29 -39.89 -19.66
CA SER F 72 -5.61 -39.46 -20.86
C SER F 72 -6.45 -38.50 -21.65
N LEU F 73 -5.92 -38.04 -22.78
CA LEU F 73 -6.60 -37.05 -23.58
C LEU F 73 -6.18 -37.06 -25.05
N GLU F 74 -7.16 -37.08 -25.96
CA GLU F 74 -6.92 -37.01 -27.40
C GLU F 74 -7.51 -35.73 -27.98
N THR F 75 -6.65 -34.79 -28.30
CA THR F 75 -7.12 -33.51 -28.77
C THR F 75 -7.78 -33.59 -30.14
N ALA F 76 -7.36 -34.53 -30.98
CA ALA F 76 -7.90 -34.62 -32.33
C ALA F 76 -9.40 -34.84 -32.37
N LYS F 77 -9.92 -35.53 -31.38
CA LYS F 77 -11.32 -35.87 -31.35
C LYS F 77 -12.07 -35.15 -30.25
N ASN F 78 -11.41 -34.24 -29.55
CA ASN F 78 -12.00 -33.64 -28.37
C ASN F 78 -12.46 -34.70 -27.37
N GLN F 79 -11.62 -35.72 -27.11
CA GLN F 79 -12.04 -36.74 -26.15
C GLN F 79 -11.13 -36.92 -24.96
N LEU F 80 -11.76 -37.13 -23.83
CA LEU F 80 -11.09 -37.39 -22.57
C LEU F 80 -11.30 -38.86 -22.26
N SER F 81 -10.38 -39.48 -21.53
CA SER F 81 -10.67 -40.85 -21.13
C SER F 81 -10.17 -41.17 -19.74
N LEU F 82 -10.87 -42.12 -19.13
CA LEU F 82 -10.59 -42.63 -17.80
C LEU F 82 -10.52 -44.12 -17.74
N ARG F 83 -9.47 -44.65 -17.13
CA ARG F 83 -9.35 -46.08 -16.96
C ARG F 83 -9.05 -46.47 -15.52
N LEU F 84 -9.80 -47.44 -14.99
CA LEU F 84 -9.53 -47.92 -13.64
C LEU F 84 -9.20 -49.38 -13.65
N SER F 85 -7.97 -49.73 -13.26
CA SER F 85 -7.59 -51.13 -13.24
C SER F 85 -8.17 -51.81 -12.01
N SER F 86 -8.21 -53.15 -12.02
CA SER F 86 -8.65 -53.95 -10.89
C SER F 86 -10.00 -53.52 -10.31
N VAL F 87 -11.01 -53.39 -11.14
CA VAL F 87 -12.32 -52.93 -10.72
C VAL F 87 -13.05 -53.89 -9.79
N SER F 88 -13.67 -53.33 -8.75
CA SER F 88 -14.41 -54.12 -7.76
C SER F 88 -15.77 -53.52 -7.43
N ALA F 89 -16.48 -54.12 -6.50
CA ALA F 89 -17.84 -53.68 -6.15
C ALA F 89 -17.91 -52.23 -5.70
N ALA F 90 -16.84 -51.79 -5.04
CA ALA F 90 -16.70 -50.45 -4.49
C ALA F 90 -16.69 -49.38 -5.58
N ASP F 91 -16.48 -49.79 -6.82
CA ASP F 91 -16.39 -48.85 -7.91
C ASP F 91 -17.73 -48.63 -8.59
N THR F 92 -18.81 -49.23 -8.07
CA THR F 92 -20.09 -48.92 -8.68
C THR F 92 -20.36 -47.47 -8.38
N ALA F 93 -20.63 -46.71 -9.42
CA ALA F 93 -20.85 -45.28 -9.26
C ALA F 93 -21.35 -44.66 -10.52
N ILE F 94 -21.86 -43.45 -10.42
CA ILE F 94 -22.11 -42.71 -11.64
C ILE F 94 -20.86 -41.90 -11.90
N TYR F 95 -20.31 -42.05 -13.07
CA TYR F 95 -19.10 -41.33 -13.41
C TYR F 95 -19.45 -40.12 -14.23
N TYR F 96 -18.79 -39.02 -13.94
CA TYR F 96 -19.04 -37.77 -14.66
C TYR F 96 -17.72 -37.17 -15.12
N CYS F 97 -17.75 -36.43 -16.24
CA CYS F 97 -16.63 -35.61 -16.72
C CYS F 97 -17.03 -34.16 -16.48
N ALA F 98 -16.07 -33.28 -16.30
CA ALA F 98 -16.43 -31.90 -16.09
C ALA F 98 -15.36 -30.93 -16.56
N ARG F 99 -15.80 -29.75 -16.94
CA ARG F 99 -14.87 -28.71 -17.33
C ARG F 99 -14.60 -27.79 -16.18
N GLU F 100 -13.33 -27.49 -15.94
CA GLU F 100 -12.98 -26.55 -14.89
C GLU F 100 -12.64 -25.19 -15.44
N GLY F 101 -13.44 -24.21 -15.09
CA GLY F 101 -13.28 -22.85 -15.58
C GLY F 101 -12.66 -21.97 -14.53
N TRP F 102 -12.44 -20.70 -14.85
CA TRP F 102 -11.84 -19.81 -13.88
C TRP F 102 -12.07 -18.34 -14.14
N VAL F 103 -11.94 -17.58 -13.07
CA VAL F 103 -11.93 -16.13 -13.09
C VAL F 103 -10.72 -15.73 -12.24
N PRO F 104 -9.85 -14.83 -12.67
CA PRO F 104 -8.69 -14.44 -11.89
C PRO F 104 -9.18 -13.79 -10.63
N ASP F 105 -8.54 -14.07 -9.52
CA ASP F 105 -8.93 -13.51 -8.25
C ASP F 105 -7.74 -13.14 -7.39
N TYR F 106 -8.00 -12.63 -6.21
CA TYR F 106 -6.93 -12.33 -5.31
C TYR F 106 -6.42 -13.68 -4.91
N GLY F 107 -5.13 -13.89 -4.96
CA GLY F 107 -4.61 -15.21 -4.60
C GLY F 107 -4.44 -16.15 -5.81
N GLY F 108 -4.83 -15.71 -7.00
CA GLY F 108 -4.67 -16.54 -8.20
C GLY F 108 -5.98 -16.92 -8.81
N ARG F 109 -5.94 -17.75 -9.84
CA ARG F 109 -7.16 -18.14 -10.52
C ARG F 109 -8.04 -18.92 -9.60
N ASN F 110 -9.31 -18.54 -9.54
CA ASN F 110 -10.29 -19.22 -8.72
C ASN F 110 -11.09 -20.16 -9.59
N TYR F 111 -10.83 -21.46 -9.42
CA TYR F 111 -11.38 -22.51 -10.26
C TYR F 111 -12.71 -23.09 -9.78
N TYR F 112 -13.52 -23.51 -10.77
CA TYR F 112 -14.82 -24.12 -10.54
C TYR F 112 -15.24 -25.09 -11.62
N LEU F 113 -16.15 -26.02 -11.29
CA LEU F 113 -16.66 -26.93 -12.31
C LEU F 113 -18.02 -26.45 -12.79
N ASP F 114 -18.11 -26.09 -14.07
CA ASP F 114 -19.35 -25.55 -14.61
C ASP F 114 -20.11 -26.51 -15.51
N PHE F 115 -19.46 -27.06 -16.51
CA PHE F 115 -20.12 -28.01 -17.37
C PHE F 115 -19.83 -29.42 -16.89
N TRP F 116 -20.87 -30.10 -16.41
CA TRP F 116 -20.72 -31.44 -15.79
C TRP F 116 -21.14 -32.69 -16.56
N GLY F 117 -21.58 -32.57 -17.79
CA GLY F 117 -22.00 -33.77 -18.48
C GLY F 117 -23.32 -34.31 -17.97
N GLN F 118 -23.59 -35.58 -18.24
CA GLN F 118 -24.85 -36.20 -17.88
C GLN F 118 -24.69 -37.23 -16.79
N GLY F 119 -23.62 -38.01 -16.90
CA GLY F 119 -23.31 -39.08 -15.96
C GLY F 119 -23.61 -40.47 -16.48
N THR F 120 -22.62 -41.35 -16.39
CA THR F 120 -22.76 -42.74 -16.83
C THR F 120 -22.70 -43.69 -15.66
N LEU F 121 -23.73 -44.51 -15.52
CA LEU F 121 -23.74 -45.43 -14.42
C LEU F 121 -23.04 -46.70 -14.76
N VAL F 122 -22.07 -47.04 -13.94
CA VAL F 122 -21.33 -48.25 -14.11
C VAL F 122 -21.53 -49.18 -12.95
N THR F 123 -21.97 -50.39 -13.25
CA THR F 123 -22.16 -51.44 -12.26
C THR F 123 -21.05 -52.45 -12.33
N VAL F 124 -20.55 -52.88 -11.18
CA VAL F 124 -19.54 -53.92 -11.22
C VAL F 124 -20.17 -55.19 -10.70
N SER F 125 -20.25 -56.21 -11.54
CA SER F 125 -20.93 -57.45 -11.14
C SER F 125 -20.56 -58.63 -12.04
N SER F 126 -20.93 -59.86 -11.61
CA SER F 126 -20.78 -61.14 -12.32
C SER F 126 -21.83 -62.09 -11.72
N ASP G 1 -5.32 -33.99 2.91
CA ASP G 1 -6.53 -33.55 2.24
C ASP G 1 -7.34 -32.62 3.16
N ILE G 2 -7.92 -31.55 2.58
CA ILE G 2 -8.74 -30.56 3.29
C ILE G 2 -10.14 -31.11 3.38
N GLN G 3 -10.64 -31.22 4.59
CA GLN G 3 -11.95 -31.81 4.76
C GLN G 3 -12.99 -30.76 4.77
N MET G 4 -14.14 -31.05 4.19
CA MET G 4 -15.23 -30.11 4.23
C MET G 4 -16.40 -30.72 4.98
N THR G 5 -16.86 -30.07 6.01
CA THR G 5 -17.97 -30.62 6.78
C THR G 5 -19.21 -29.77 6.67
N GLN G 6 -20.30 -30.35 6.19
CA GLN G 6 -21.54 -29.63 6.04
C GLN G 6 -22.46 -29.89 7.21
N SER G 7 -23.32 -28.92 7.47
CA SER G 7 -24.30 -29.07 8.52
C SER G 7 -25.56 -28.27 8.24
N PRO G 8 -26.74 -28.86 8.48
CA PRO G 8 -27.08 -30.19 8.95
C PRO G 8 -26.93 -31.17 7.81
N SER G 9 -26.98 -32.47 8.09
CA SER G 9 -26.97 -33.43 6.99
C SER G 9 -28.30 -33.45 6.24
N SER G 10 -29.35 -33.00 6.89
CA SER G 10 -30.69 -32.94 6.35
C SER G 10 -31.46 -31.81 6.99
N LEU G 11 -32.18 -31.06 6.17
CA LEU G 11 -32.97 -29.93 6.62
C LEU G 11 -34.29 -29.93 5.92
N SER G 12 -35.39 -29.66 6.61
CA SER G 12 -36.64 -29.49 5.90
C SER G 12 -37.20 -28.12 6.23
N ALA G 13 -37.83 -27.50 5.24
CA ALA G 13 -38.46 -26.21 5.48
C ALA G 13 -39.58 -26.00 4.50
N SER G 14 -40.57 -25.22 4.87
CA SER G 14 -41.68 -24.98 3.98
C SER G 14 -41.38 -23.96 2.90
N VAL G 15 -42.26 -23.92 1.93
CA VAL G 15 -42.13 -23.00 0.84
C VAL G 15 -42.30 -21.61 1.36
N GLY G 16 -41.38 -20.76 0.96
CA GLY G 16 -41.33 -19.37 1.35
C GLY G 16 -40.42 -19.15 2.56
N ASP G 17 -39.93 -20.22 3.18
CA ASP G 17 -39.09 -20.08 4.34
C ASP G 17 -37.64 -19.80 3.96
N ARG G 18 -36.78 -19.64 4.96
CA ARG G 18 -35.38 -19.36 4.70
C ARG G 18 -34.51 -20.51 5.15
N VAL G 19 -33.67 -20.96 4.23
CA VAL G 19 -32.79 -22.08 4.51
C VAL G 19 -31.33 -21.72 4.57
N THR G 20 -30.70 -22.03 5.69
CA THR G 20 -29.29 -21.75 5.81
C THR G 20 -28.54 -23.06 5.96
N ILE G 21 -27.59 -23.29 5.07
CA ILE G 21 -26.73 -24.46 5.04
C ILE G 21 -25.30 -24.01 5.27
N THR G 22 -24.60 -24.58 6.23
CA THR G 22 -23.25 -24.08 6.45
C THR G 22 -22.24 -25.17 6.18
N CYS G 23 -20.96 -24.76 5.98
CA CYS G 23 -19.84 -25.65 5.70
C CYS G 23 -18.55 -25.13 6.33
N ARG G 24 -17.83 -26.03 6.96
CA ARG G 24 -16.58 -25.68 7.61
C ARG G 24 -15.39 -26.46 7.09
N ALA G 25 -14.39 -25.73 6.63
CA ALA G 25 -13.17 -26.32 6.13
C ALA G 25 -12.21 -26.59 7.26
N SER G 26 -11.46 -27.68 7.17
CA SER G 26 -10.43 -27.98 8.16
C SER G 26 -9.20 -27.09 8.06
N HIS G 27 -9.05 -26.45 6.92
CA HIS G 27 -7.93 -25.58 6.60
C HIS G 27 -8.42 -24.32 5.94
N ASN G 28 -7.59 -23.28 5.97
CA ASN G 28 -7.89 -22.02 5.32
C ASN G 28 -7.86 -22.16 3.82
N ILE G 29 -9.02 -21.96 3.17
CA ILE G 29 -9.12 -22.12 1.75
C ILE G 29 -9.49 -20.81 1.08
N GLN G 30 -9.37 -19.74 1.84
CA GLN G 30 -9.66 -18.40 1.36
C GLN G 30 -11.01 -18.33 0.64
N ASN G 31 -11.02 -17.85 -0.60
CA ASN G 31 -12.25 -17.69 -1.36
C ASN G 31 -12.55 -18.84 -2.30
N PHE G 32 -11.84 -19.92 -2.17
CA PHE G 32 -11.98 -21.02 -3.07
C PHE G 32 -13.04 -22.02 -2.66
N LEU G 33 -14.28 -21.58 -2.67
CA LEU G 33 -15.42 -22.43 -2.35
C LEU G 33 -16.58 -22.32 -3.29
N ASN G 34 -16.95 -23.43 -3.89
CA ASN G 34 -18.06 -23.53 -4.81
C ASN G 34 -19.24 -24.24 -4.17
N TRP G 35 -20.47 -23.91 -4.57
CA TRP G 35 -21.62 -24.68 -4.10
C TRP G 35 -22.39 -25.25 -5.27
N TYR G 36 -22.83 -26.49 -5.11
CA TYR G 36 -23.58 -27.20 -6.14
C TYR G 36 -24.94 -27.71 -5.72
N GLN G 37 -25.87 -27.73 -6.67
CA GLN G 37 -27.22 -28.24 -6.47
C GLN G 37 -27.47 -29.53 -7.24
N GLN G 38 -27.73 -30.62 -6.56
CA GLN G 38 -27.94 -31.88 -7.26
C GLN G 38 -29.36 -32.41 -7.19
N LYS G 39 -30.02 -32.41 -8.34
CA LYS G 39 -31.38 -32.92 -8.38
C LYS G 39 -31.22 -34.42 -8.51
N PRO G 40 -32.10 -35.26 -7.99
CA PRO G 40 -31.98 -36.68 -8.12
C PRO G 40 -31.88 -37.08 -9.58
N GLY G 41 -30.92 -37.95 -9.89
CA GLY G 41 -30.72 -38.46 -11.23
C GLY G 41 -29.90 -37.55 -12.16
N LYS G 42 -29.47 -36.39 -11.68
CA LYS G 42 -28.72 -35.48 -12.53
C LYS G 42 -27.35 -35.10 -12.03
N ALA G 43 -26.49 -34.67 -12.95
CA ALA G 43 -25.20 -34.15 -12.56
C ALA G 43 -25.45 -32.87 -11.79
N PRO G 44 -24.66 -32.52 -10.77
CA PRO G 44 -24.74 -31.28 -10.02
C PRO G 44 -24.62 -30.02 -10.86
N LYS G 45 -25.42 -29.02 -10.52
CA LYS G 45 -25.44 -27.71 -11.14
C LYS G 45 -24.66 -26.71 -10.33
N LEU G 46 -23.88 -25.86 -10.96
CA LEU G 46 -23.18 -24.85 -10.18
C LEU G 46 -24.08 -23.70 -9.80
N LEU G 47 -24.10 -23.36 -8.52
CA LEU G 47 -24.88 -22.24 -8.03
C LEU G 47 -23.97 -21.09 -7.76
N ILE G 48 -23.03 -21.35 -6.85
CA ILE G 48 -22.13 -20.33 -6.35
C ILE G 48 -20.73 -20.64 -6.75
N TYR G 49 -20.11 -19.67 -7.38
CA TYR G 49 -18.76 -19.74 -7.87
C TYR G 49 -17.70 -19.24 -6.90
N ALA G 50 -17.62 -17.95 -6.68
CA ALA G 50 -16.66 -17.47 -5.70
C ALA G 50 -17.40 -17.69 -4.45
N ALA G 51 -16.83 -17.61 -3.26
CA ALA G 51 -17.69 -17.91 -2.14
C ALA G 51 -18.95 -17.05 -2.16
N SER G 52 -18.84 -15.83 -2.65
CA SER G 52 -19.95 -14.89 -2.71
C SER G 52 -20.58 -14.61 -4.08
N THR G 53 -20.25 -15.32 -5.17
CA THR G 53 -20.88 -14.92 -6.45
C THR G 53 -21.70 -16.00 -7.12
N LEU G 54 -22.66 -15.58 -7.94
CA LEU G 54 -23.47 -16.57 -8.64
C LEU G 54 -23.07 -16.81 -10.06
N GLN G 55 -23.35 -18.03 -10.49
CA GLN G 55 -23.21 -18.46 -11.86
C GLN G 55 -24.38 -17.93 -12.65
N SER G 56 -24.13 -17.42 -13.84
CA SER G 56 -25.24 -16.91 -14.62
C SER G 56 -26.27 -18.02 -14.81
N GLY G 57 -27.53 -17.64 -14.70
CA GLY G 57 -28.65 -18.58 -14.85
C GLY G 57 -29.19 -19.06 -13.50
N VAL G 58 -28.47 -18.78 -12.43
CA VAL G 58 -28.89 -19.15 -11.10
C VAL G 58 -29.85 -18.12 -10.52
N PRO G 59 -31.02 -18.51 -10.02
CA PRO G 59 -32.01 -17.62 -9.45
C PRO G 59 -31.42 -16.79 -8.33
N SER G 60 -31.89 -15.56 -8.24
CA SER G 60 -31.45 -14.55 -7.28
C SER G 60 -31.75 -14.89 -5.83
N ARG G 61 -32.56 -15.91 -5.62
CA ARG G 61 -32.90 -16.35 -4.27
C ARG G 61 -31.69 -17.01 -3.62
N PHE G 62 -30.70 -17.43 -4.42
CA PHE G 62 -29.52 -18.08 -3.88
C PHE G 62 -28.44 -17.07 -3.60
N SER G 63 -27.77 -17.23 -2.48
CA SER G 63 -26.68 -16.37 -2.11
C SER G 63 -25.74 -17.10 -1.19
N GLY G 64 -24.62 -16.48 -0.87
CA GLY G 64 -23.70 -17.09 0.07
C GLY G 64 -22.56 -16.17 0.38
N SER G 65 -21.77 -16.56 1.37
CA SER G 65 -20.63 -15.77 1.82
C SER G 65 -19.68 -16.60 2.66
N GLY G 66 -18.50 -16.07 2.92
CA GLY G 66 -17.62 -16.76 3.84
C GLY G 66 -16.23 -16.21 3.85
N SER G 67 -15.46 -16.69 4.82
CA SER G 67 -14.11 -16.24 5.04
C SER G 67 -13.04 -17.28 4.73
N ARG G 68 -12.31 -17.70 5.76
CA ARG G 68 -11.23 -18.66 5.58
C ARG G 68 -11.68 -20.09 5.68
N THR G 69 -12.45 -20.36 6.71
CA THR G 69 -12.92 -21.70 7.00
C THR G 69 -14.42 -21.83 7.11
N ASP G 70 -15.10 -20.75 7.38
CA ASP G 70 -16.53 -20.82 7.64
C ASP G 70 -17.33 -20.18 6.52
N PHE G 71 -18.10 -21.00 5.83
CA PHE G 71 -18.87 -20.57 4.69
C PHE G 71 -20.34 -20.90 4.80
N THR G 72 -21.18 -20.08 4.18
CA THR G 72 -22.63 -20.28 4.17
C THR G 72 -23.32 -20.19 2.81
N LEU G 73 -24.27 -21.09 2.59
CA LEU G 73 -25.21 -21.08 1.47
C LEU G 73 -26.59 -20.72 2.00
N THR G 74 -27.23 -19.73 1.41
CA THR G 74 -28.54 -19.33 1.87
C THR G 74 -29.57 -19.32 0.76
N ILE G 75 -30.75 -19.87 1.04
CA ILE G 75 -31.83 -19.82 0.08
C ILE G 75 -32.99 -19.00 0.64
N SER G 76 -33.29 -17.88 0.01
CA SER G 76 -34.38 -17.05 0.45
C SER G 76 -35.64 -17.52 -0.22
N SER G 77 -36.79 -17.38 0.42
CA SER G 77 -38.04 -17.70 -0.26
C SER G 77 -37.99 -19.06 -0.94
N LEU G 78 -37.75 -20.12 -0.18
CA LEU G 78 -37.60 -21.47 -0.71
C LEU G 78 -38.75 -21.90 -1.59
N GLN G 79 -38.44 -22.43 -2.78
CA GLN G 79 -39.48 -22.89 -3.69
C GLN G 79 -39.42 -24.41 -3.86
N PRO G 80 -40.50 -25.10 -4.26
CA PRO G 80 -40.54 -26.55 -4.49
C PRO G 80 -39.43 -27.08 -5.41
N GLU G 81 -38.99 -26.26 -6.38
CA GLU G 81 -37.96 -26.67 -7.31
C GLU G 81 -36.57 -26.68 -6.69
N ASP G 82 -36.45 -26.20 -5.46
CA ASP G 82 -35.19 -26.14 -4.78
C ASP G 82 -34.93 -27.44 -4.02
N PHE G 83 -35.82 -28.41 -4.17
CA PHE G 83 -35.56 -29.70 -3.55
C PHE G 83 -34.33 -30.29 -4.19
N ALA G 84 -33.29 -30.51 -3.40
CA ALA G 84 -32.01 -30.97 -3.94
C ALA G 84 -31.04 -31.35 -2.86
N ALA G 85 -29.99 -32.05 -3.24
CA ALA G 85 -28.88 -32.19 -2.31
C ALA G 85 -27.95 -31.02 -2.59
N TYR G 86 -27.33 -30.47 -1.57
CA TYR G 86 -26.41 -29.39 -1.84
C TYR G 86 -25.02 -29.77 -1.41
N TYR G 87 -24.03 -29.41 -2.22
CA TYR G 87 -22.65 -29.76 -1.90
C TYR G 87 -21.70 -28.59 -1.81
N CYS G 88 -20.78 -28.68 -0.85
CA CYS G 88 -19.70 -27.74 -0.54
C CYS G 88 -18.38 -28.23 -1.15
N GLN G 89 -17.82 -27.51 -2.13
CA GLN G 89 -16.56 -27.93 -2.77
C GLN G 89 -15.41 -26.96 -2.63
N GLN G 90 -14.26 -27.45 -2.22
CA GLN G 90 -13.12 -26.55 -2.17
C GLN G 90 -12.27 -26.75 -3.39
N SER G 91 -11.73 -25.65 -3.90
CA SER G 91 -10.86 -25.67 -5.06
C SER G 91 -9.53 -25.02 -4.76
N TYR G 92 -9.12 -25.10 -3.50
CA TYR G 92 -7.87 -24.51 -3.09
C TYR G 92 -6.73 -25.48 -3.29
N GLY G 93 -6.91 -26.73 -2.85
CA GLY G 93 -5.84 -27.70 -3.00
C GLY G 93 -6.09 -28.57 -4.21
N LEU G 94 -5.15 -29.46 -4.54
CA LEU G 94 -5.34 -30.38 -5.64
C LEU G 94 -6.29 -31.55 -5.40
N PRO G 95 -6.23 -32.28 -4.28
CA PRO G 95 -7.10 -33.40 -4.04
C PRO G 95 -8.42 -32.78 -3.67
N ARG G 96 -9.18 -32.41 -4.68
CA ARG G 96 -10.40 -31.68 -4.50
C ARG G 96 -11.35 -32.48 -3.70
N THR G 97 -12.01 -31.84 -2.76
CA THR G 97 -12.96 -32.49 -1.92
C THR G 97 -14.28 -31.79 -1.87
N PHE G 98 -15.29 -32.60 -1.61
CA PHE G 98 -16.65 -32.16 -1.45
C PHE G 98 -17.07 -32.51 -0.05
N GLY G 99 -18.01 -31.78 0.50
CA GLY G 99 -18.54 -32.16 1.79
C GLY G 99 -19.47 -33.33 1.55
N GLN G 100 -20.05 -33.87 2.61
CA GLN G 100 -20.89 -35.06 2.50
C GLN G 100 -22.23 -34.76 1.83
N GLY G 101 -22.60 -33.50 1.81
CA GLY G 101 -23.84 -33.03 1.22
C GLY G 101 -24.97 -32.88 2.23
N THR G 102 -25.85 -31.93 1.95
CA THR G 102 -27.03 -31.67 2.77
C THR G 102 -28.27 -31.92 1.97
N ARG G 103 -29.18 -32.71 2.48
CA ARG G 103 -30.40 -32.94 1.72
C ARG G 103 -31.47 -31.97 2.15
N LEU G 104 -31.95 -31.17 1.21
CA LEU G 104 -33.01 -30.22 1.53
C LEU G 104 -34.35 -30.68 1.06
N GLU G 105 -35.22 -30.93 2.02
CA GLU G 105 -36.57 -31.41 1.80
C GLU G 105 -37.50 -30.23 1.90
N ILE G 106 -38.63 -30.28 1.23
CA ILE G 106 -39.54 -29.16 1.34
C ILE G 106 -40.83 -29.58 2.06
N LYS G 107 -41.15 -28.86 3.17
CA LYS G 107 -42.26 -29.04 4.14
C LYS G 107 -41.98 -30.24 5.08
N PHE H 9 -11.62 6.28 -48.40
CA PHE H 9 -11.71 6.15 -46.93
C PHE H 9 -13.16 6.27 -46.40
N ILE H 10 -14.09 6.77 -47.23
CA ILE H 10 -15.51 6.91 -46.97
C ILE H 10 -16.20 5.63 -47.37
N GLU H 11 -16.99 5.09 -46.44
CA GLU H 11 -17.68 3.81 -46.55
C GLU H 11 -16.74 2.59 -46.56
N GLY H 12 -15.67 2.64 -45.78
CA GLY H 12 -14.80 1.48 -45.62
C GLY H 12 -13.50 1.50 -46.41
N GLY H 13 -12.58 0.64 -46.00
CA GLY H 13 -11.27 0.52 -46.58
C GLY H 13 -11.20 -0.45 -47.75
N TRP H 14 -9.99 -0.59 -48.23
CA TRP H 14 -9.67 -1.39 -49.37
C TRP H 14 -8.96 -2.67 -49.02
N THR H 15 -9.62 -3.79 -49.26
CA THR H 15 -9.04 -5.08 -48.92
C THR H 15 -8.02 -5.47 -49.98
N GLY H 16 -8.02 -4.71 -51.07
CA GLY H 16 -7.13 -4.88 -52.19
C GLY H 16 -5.80 -4.15 -51.96
N MET H 17 -5.68 -3.44 -50.83
CA MET H 17 -4.44 -2.73 -50.54
C MET H 17 -3.71 -3.52 -49.50
N VAL H 18 -2.51 -3.98 -49.82
CA VAL H 18 -1.80 -4.86 -48.89
C VAL H 18 -0.38 -4.43 -48.51
N ASP H 19 0.11 -3.34 -49.06
CA ASP H 19 1.47 -2.88 -48.85
C ASP H 19 1.63 -1.71 -47.86
N GLY H 20 0.60 -1.44 -47.07
CA GLY H 20 0.65 -0.35 -46.12
C GLY H 20 -0.68 -0.12 -45.47
N TRP H 21 -0.81 0.98 -44.76
CA TRP H 21 -2.03 1.30 -44.05
C TRP H 21 -2.80 2.35 -44.78
N TYR H 22 -2.08 3.29 -45.37
CA TYR H 22 -2.70 4.40 -46.05
C TYR H 22 -2.21 4.39 -47.46
N GLY H 23 -3.04 4.83 -48.39
CA GLY H 23 -2.60 4.87 -49.78
C GLY H 23 -3.61 5.42 -50.75
N TYR H 24 -3.33 5.17 -52.03
CA TYR H 24 -4.10 5.67 -53.14
C TYR H 24 -4.56 4.58 -54.10
N HIS H 25 -5.65 4.86 -54.78
CA HIS H 25 -6.15 4.03 -55.86
C HIS H 25 -6.35 4.90 -57.08
N HIS H 26 -6.00 4.39 -58.26
CA HIS H 26 -6.19 5.23 -59.43
C HIS H 26 -6.75 4.48 -60.60
N GLN H 27 -7.34 5.25 -61.51
CA GLN H 27 -7.87 4.76 -62.77
C GLN H 27 -7.50 5.70 -63.91
N ASN H 28 -6.93 5.14 -64.98
CA ASN H 28 -6.60 5.87 -66.20
C ASN H 28 -6.56 4.86 -67.36
N GLU H 29 -6.21 5.33 -68.56
CA GLU H 29 -6.17 4.51 -69.77
C GLU H 29 -5.11 3.41 -69.75
N GLN H 30 -4.14 3.52 -68.85
CA GLN H 30 -3.03 2.58 -68.77
C GLN H 30 -3.30 1.46 -67.77
N GLY H 31 -4.45 1.51 -67.11
CA GLY H 31 -4.83 0.49 -66.12
C GLY H 31 -4.85 1.02 -64.68
N SER H 32 -5.82 0.52 -63.93
CA SER H 32 -6.03 0.89 -62.54
C SER H 32 -5.20 0.08 -61.56
N GLY H 33 -5.16 0.55 -60.31
CA GLY H 33 -4.45 -0.20 -59.28
C GLY H 33 -4.35 0.52 -57.95
N TYR H 34 -3.74 -0.16 -56.96
CA TYR H 34 -3.57 0.41 -55.62
C TYR H 34 -2.10 0.52 -55.29
N ALA H 35 -1.76 1.53 -54.50
CA ALA H 35 -0.41 1.64 -53.96
C ALA H 35 -0.41 2.33 -52.61
N ALA H 36 0.41 1.85 -51.70
CA ALA H 36 0.48 2.50 -50.39
C ALA H 36 1.29 3.77 -50.42
N ASP H 37 0.92 4.68 -49.54
CA ASP H 37 1.65 5.89 -49.27
C ASP H 37 2.63 5.57 -48.16
N GLN H 38 3.88 5.33 -48.51
CA GLN H 38 4.82 4.88 -47.51
C GLN H 38 5.19 5.93 -46.50
N LYS H 39 5.20 7.19 -46.86
CA LYS H 39 5.58 8.14 -45.83
C LYS H 39 4.53 8.18 -44.73
N SER H 40 3.25 8.16 -45.13
CA SER H 40 2.19 8.18 -44.14
C SER H 40 2.17 6.91 -43.31
N THR H 41 2.30 5.77 -43.98
CA THR H 41 2.26 4.51 -43.29
C THR H 41 3.42 4.35 -42.35
N GLN H 42 4.63 4.68 -42.76
CA GLN H 42 5.75 4.46 -41.89
C GLN H 42 5.74 5.44 -40.74
N ASN H 43 5.25 6.66 -40.93
CA ASN H 43 5.22 7.54 -39.79
C ASN H 43 4.20 7.03 -38.79
N ALA H 44 3.08 6.50 -39.30
CA ALA H 44 2.06 5.95 -38.41
C ALA H 44 2.58 4.74 -37.65
N ILE H 45 3.37 3.89 -38.32
CA ILE H 45 3.90 2.72 -37.66
C ILE H 45 4.86 3.11 -36.58
N ASN H 46 5.74 4.05 -36.85
CA ASN H 46 6.70 4.42 -35.85
C ASN H 46 6.04 5.03 -34.64
N GLY H 47 5.00 5.84 -34.85
CA GLY H 47 4.30 6.45 -33.73
C GLY H 47 3.65 5.39 -32.85
N ILE H 48 2.94 4.48 -33.47
CA ILE H 48 2.26 3.46 -32.72
C ILE H 48 3.22 2.51 -32.02
N THR H 49 4.32 2.14 -32.69
CA THR H 49 5.28 1.26 -32.07
C THR H 49 5.86 1.91 -30.82
N ASN H 50 6.20 3.20 -30.89
CA ASN H 50 6.76 3.85 -29.72
C ASN H 50 5.78 3.82 -28.58
N LYS H 51 4.50 4.04 -28.88
CA LYS H 51 3.45 4.03 -27.87
C LYS H 51 3.30 2.69 -27.17
N VAL H 52 3.33 1.59 -27.94
CA VAL H 52 3.18 0.28 -27.32
C VAL H 52 4.38 0.05 -26.43
N ASN H 53 5.57 0.41 -26.90
CA ASN H 53 6.74 0.20 -26.10
C ASN H 53 6.69 1.03 -24.83
N SER H 54 6.16 2.26 -24.87
CA SER H 54 6.08 3.07 -23.66
C SER H 54 5.17 2.41 -22.63
N VAL H 55 4.09 1.78 -23.07
CA VAL H 55 3.22 1.10 -22.12
C VAL H 55 3.96 -0.02 -21.42
N ILE H 56 4.73 -0.78 -22.16
CA ILE H 56 5.48 -1.87 -21.60
C ILE H 56 6.63 -1.36 -20.71
N GLU H 57 7.36 -0.36 -21.16
CA GLU H 57 8.51 0.18 -20.46
C GLU H 57 8.17 0.80 -19.11
N LYS H 58 6.98 1.37 -18.96
CA LYS H 58 6.65 1.98 -17.68
C LYS H 58 6.12 1.01 -16.64
N MET H 59 5.92 -0.25 -16.99
CA MET H 59 5.48 -1.22 -16.02
C MET H 59 6.73 -2.02 -15.68
N ASN H 60 7.05 -2.14 -14.41
CA ASN H 60 8.29 -2.83 -14.12
C ASN H 60 8.14 -4.34 -14.05
N THR H 61 9.27 -5.03 -13.83
CA THR H 61 9.35 -6.48 -13.73
C THR H 61 8.91 -6.94 -12.36
N GLN H 62 8.20 -8.06 -12.32
CA GLN H 62 7.83 -8.61 -11.04
C GLN H 62 8.93 -9.53 -10.58
N PHE H 63 9.39 -9.27 -9.39
CA PHE H 63 10.47 -10.00 -8.78
C PHE H 63 9.91 -10.94 -7.77
N THR H 64 10.71 -11.93 -7.39
CA THR H 64 10.24 -12.94 -6.49
C THR H 64 9.56 -12.38 -5.28
N ALA H 65 8.38 -12.94 -5.05
CA ALA H 65 7.52 -12.59 -3.94
C ALA H 65 6.72 -13.81 -3.56
N VAL H 66 6.77 -14.14 -2.28
CA VAL H 66 6.08 -15.30 -1.75
C VAL H 66 5.27 -14.87 -0.54
N GLY H 67 4.37 -15.72 -0.08
CA GLY H 67 3.55 -15.38 1.07
C GLY H 67 4.24 -15.62 2.40
N LYS H 68 3.53 -15.35 3.49
CA LYS H 68 4.02 -15.48 4.86
C LYS H 68 3.06 -16.24 5.71
N GLU H 69 3.58 -16.99 6.65
CA GLU H 69 2.74 -17.67 7.61
C GLU H 69 2.61 -16.82 8.84
N PHE H 70 1.46 -16.92 9.48
CA PHE H 70 1.16 -16.21 10.70
C PHE H 70 0.62 -17.18 11.73
N ASN H 71 0.78 -16.85 12.99
CA ASN H 71 0.31 -17.69 14.07
C ASN H 71 -1.16 -17.43 14.38
N LYS H 72 -1.73 -18.16 15.32
CA LYS H 72 -3.12 -18.00 15.71
C LYS H 72 -3.39 -16.66 16.35
N LEU H 73 -2.38 -16.15 17.04
CA LEU H 73 -2.45 -14.91 17.75
C LEU H 73 -1.79 -13.79 17.00
N GLU H 74 -1.64 -13.96 15.69
CA GLU H 74 -1.10 -12.92 14.85
C GLU H 74 -2.07 -12.55 13.75
N ARG H 75 -3.35 -12.65 14.04
CA ARG H 75 -4.36 -12.37 13.03
C ARG H 75 -4.32 -10.94 12.59
N ARG H 76 -4.01 -10.01 13.47
CA ARG H 76 -3.97 -8.63 12.99
C ARG H 76 -2.87 -8.44 11.94
N MET H 77 -1.72 -9.13 12.07
CA MET H 77 -0.65 -9.01 11.07
C MET H 77 -1.04 -9.67 9.79
N GLU H 78 -1.72 -10.80 9.90
CA GLU H 78 -2.13 -11.52 8.74
C GLU H 78 -3.08 -10.67 7.94
N ASN H 79 -4.00 -10.01 8.60
CA ASN H 79 -4.94 -9.19 7.91
C ASN H 79 -4.30 -7.97 7.30
N LEU H 80 -3.31 -7.37 7.94
CA LEU H 80 -2.67 -6.23 7.32
C LEU H 80 -1.88 -6.66 6.10
N ASN H 81 -1.19 -7.79 6.18
CA ASN H 81 -0.41 -8.26 5.08
C ASN H 81 -1.30 -8.49 3.88
N LYS H 82 -2.45 -9.12 4.10
CA LYS H 82 -3.35 -9.36 2.99
C LYS H 82 -3.88 -8.06 2.45
N LYS H 83 -4.24 -7.13 3.32
CA LYS H 83 -4.76 -5.84 2.89
C LYS H 83 -3.80 -5.15 1.96
N VAL H 84 -2.51 -5.19 2.28
CA VAL H 84 -1.51 -4.57 1.47
C VAL H 84 -1.43 -5.21 0.10
N ASP H 85 -1.43 -6.55 0.05
CA ASP H 85 -1.35 -7.22 -1.24
C ASP H 85 -2.56 -6.99 -2.11
N ASP H 86 -3.74 -6.97 -1.51
CA ASP H 86 -4.94 -6.79 -2.29
C ASP H 86 -5.03 -5.38 -2.78
N GLY H 87 -4.61 -4.43 -1.95
CA GLY H 87 -4.65 -3.04 -2.32
C GLY H 87 -3.75 -2.77 -3.51
N PHE H 88 -2.53 -3.26 -3.48
CA PHE H 88 -1.62 -3.02 -4.58
C PHE H 88 -2.09 -3.70 -5.84
N LEU H 89 -2.64 -4.89 -5.74
CA LEU H 89 -3.13 -5.56 -6.92
C LEU H 89 -4.30 -4.82 -7.54
N ASP H 90 -5.21 -4.31 -6.72
CA ASP H 90 -6.37 -3.61 -7.22
C ASP H 90 -5.93 -2.31 -7.92
N ILE H 91 -4.91 -1.65 -7.40
CA ILE H 91 -4.39 -0.44 -8.02
C ILE H 91 -3.72 -0.72 -9.34
N TRP H 92 -2.87 -1.74 -9.41
CA TRP H 92 -2.20 -2.00 -10.66
C TRP H 92 -3.12 -2.54 -11.72
N THR H 93 -4.18 -3.24 -11.33
CA THR H 93 -5.12 -3.72 -12.32
C THR H 93 -5.80 -2.52 -12.91
N TYR H 94 -6.20 -1.58 -12.06
CA TYR H 94 -6.83 -0.36 -12.52
C TYR H 94 -5.92 0.37 -13.48
N ASN H 95 -4.66 0.57 -13.11
CA ASN H 95 -3.77 1.32 -13.97
C ASN H 95 -3.54 0.64 -15.31
N ALA H 96 -3.37 -0.68 -15.31
CA ALA H 96 -3.10 -1.36 -16.57
C ALA H 96 -4.28 -1.28 -17.52
N GLU H 97 -5.49 -1.45 -17.01
CA GLU H 97 -6.65 -1.43 -17.87
C GLU H 97 -6.97 -0.04 -18.33
N LEU H 98 -6.80 0.95 -17.47
CA LEU H 98 -7.11 2.29 -17.88
C LEU H 98 -6.15 2.76 -18.94
N LEU H 99 -4.87 2.45 -18.80
CA LEU H 99 -3.94 2.89 -19.80
C LEU H 99 -4.25 2.30 -21.15
N VAL H 100 -4.61 1.02 -21.20
CA VAL H 100 -4.95 0.45 -22.47
C VAL H 100 -6.18 1.09 -23.08
N LEU H 101 -7.22 1.35 -22.30
CA LEU H 101 -8.39 1.97 -22.91
C LEU H 101 -8.09 3.36 -23.44
N LEU H 102 -7.29 4.12 -22.71
CA LEU H 102 -6.99 5.47 -23.13
C LEU H 102 -6.17 5.49 -24.41
N GLU H 103 -5.22 4.57 -24.52
CA GLU H 103 -4.42 4.55 -25.72
C GLU H 103 -5.14 3.94 -26.89
N ASN H 104 -6.06 3.01 -26.68
CA ASN H 104 -6.76 2.47 -27.82
C ASN H 104 -7.62 3.53 -28.46
N GLU H 105 -8.22 4.41 -27.65
CA GLU H 105 -9.01 5.48 -28.23
C GLU H 105 -8.14 6.39 -29.05
N ARG H 106 -6.98 6.78 -28.52
CA ARG H 106 -6.12 7.68 -29.27
C ARG H 106 -5.60 7.06 -30.55
N THR H 107 -5.30 5.77 -30.54
CA THR H 107 -4.79 5.13 -31.74
C THR H 107 -5.76 5.23 -32.86
N LEU H 108 -7.00 4.95 -32.59
CA LEU H 108 -7.94 4.99 -33.66
C LEU H 108 -8.13 6.42 -34.16
N ASP H 109 -8.11 7.41 -33.25
CA ASP H 109 -8.27 8.80 -33.71
C ASP H 109 -7.08 9.24 -34.57
N PHE H 110 -5.90 8.78 -34.20
CA PHE H 110 -4.64 9.05 -34.89
C PHE H 110 -4.74 8.56 -36.31
N HIS H 111 -5.19 7.34 -36.48
CA HIS H 111 -5.30 6.80 -37.81
C HIS H 111 -6.34 7.51 -38.66
N ASP H 112 -7.47 7.92 -38.08
CA ASP H 112 -8.44 8.63 -38.91
C ASP H 112 -7.87 9.95 -39.39
N SER H 113 -7.10 10.62 -38.54
CA SER H 113 -6.48 11.87 -38.93
C SER H 113 -5.52 11.67 -40.08
N ASN H 114 -4.70 10.63 -40.03
CA ASN H 114 -3.72 10.41 -41.06
C ASN H 114 -4.34 10.18 -42.45
N VAL H 115 -5.45 9.46 -42.54
CA VAL H 115 -5.99 9.27 -43.88
C VAL H 115 -6.62 10.56 -44.37
N LYS H 116 -7.26 11.31 -43.48
CA LYS H 116 -7.87 12.56 -43.88
C LYS H 116 -6.82 13.54 -44.38
N ASN H 117 -5.63 13.51 -43.78
CA ASN H 117 -4.58 14.40 -44.21
C ASN H 117 -4.09 14.08 -45.63
N LEU H 118 -4.11 12.80 -46.04
CA LEU H 118 -3.67 12.53 -47.41
C LEU H 118 -4.67 13.12 -48.38
N TYR H 119 -5.94 13.03 -48.01
CA TYR H 119 -6.97 13.56 -48.88
C TYR H 119 -6.78 15.03 -49.11
N GLU H 120 -6.53 15.77 -48.03
CA GLU H 120 -6.35 17.20 -48.15
C GLU H 120 -5.09 17.54 -48.93
N LYS H 121 -4.03 16.76 -48.79
CA LYS H 121 -2.81 17.01 -49.55
C LYS H 121 -3.10 16.93 -51.04
N VAL H 122 -3.85 15.91 -51.45
CA VAL H 122 -4.21 15.77 -52.85
C VAL H 122 -5.13 16.88 -53.30
N LYS H 123 -6.11 17.22 -52.49
CA LYS H 123 -7.08 18.25 -52.81
C LYS H 123 -6.37 19.57 -53.09
N SER H 124 -5.38 19.88 -52.25
CA SER H 124 -4.60 21.10 -52.36
C SER H 124 -3.82 21.15 -53.66
N GLN H 125 -3.19 20.03 -54.05
CA GLN H 125 -2.46 20.05 -55.31
C GLN H 125 -3.35 20.17 -56.54
N LEU H 126 -4.48 19.47 -56.53
CA LEU H 126 -5.33 19.47 -57.72
C LEU H 126 -6.08 20.76 -57.95
N LYS H 127 -6.52 21.44 -56.89
CA LYS H 127 -7.23 22.70 -57.09
C LYS H 127 -8.35 22.58 -58.11
N ASN H 128 -8.24 23.30 -59.21
CA ASN H 128 -9.27 23.35 -60.24
C ASN H 128 -9.01 22.41 -61.42
N ASN H 129 -8.08 21.49 -61.26
CA ASN H 129 -7.80 20.54 -62.32
C ASN H 129 -8.55 19.24 -62.16
N ALA H 130 -9.40 19.16 -61.13
CA ALA H 130 -10.22 17.98 -60.88
C ALA H 130 -11.48 18.36 -60.12
N LYS H 131 -12.51 17.55 -60.29
CA LYS H 131 -13.76 17.66 -59.60
C LYS H 131 -13.72 16.91 -58.29
N GLU H 132 -14.13 17.55 -57.22
CA GLU H 132 -14.20 16.82 -55.97
C GLU H 132 -15.45 15.95 -56.07
N ILE H 133 -15.35 14.67 -55.72
CA ILE H 133 -16.50 13.79 -55.84
C ILE H 133 -17.37 13.77 -54.60
N GLY H 134 -16.76 13.75 -53.42
CA GLY H 134 -17.49 13.71 -52.15
C GLY H 134 -17.46 12.35 -51.46
N ASN H 135 -16.71 11.39 -52.01
CA ASN H 135 -16.53 10.07 -51.47
C ASN H 135 -15.07 9.81 -51.13
N GLY H 136 -14.30 10.87 -50.90
CA GLY H 136 -12.87 10.72 -50.63
C GLY H 136 -12.01 10.47 -51.89
N CYS H 137 -12.42 11.03 -53.07
CA CYS H 137 -11.79 10.85 -54.37
C CYS H 137 -11.99 12.07 -55.28
N PHE H 138 -11.15 12.15 -56.32
CA PHE H 138 -11.20 13.22 -57.32
C PHE H 138 -11.27 12.73 -58.76
N GLU H 139 -12.00 13.46 -59.59
CA GLU H 139 -12.09 13.17 -61.03
C GLU H 139 -11.39 14.24 -61.85
N PHE H 140 -10.45 13.87 -62.65
CA PHE H 140 -9.71 14.88 -63.39
C PHE H 140 -10.51 15.57 -64.47
N TYR H 141 -10.18 16.83 -64.72
CA TYR H 141 -10.80 17.59 -65.81
C TYR H 141 -9.91 17.59 -67.02
N HIS H 142 -8.87 16.79 -66.95
CA HIS H 142 -7.89 16.63 -68.01
C HIS H 142 -7.52 15.19 -68.11
N LYS H 143 -7.01 14.79 -69.25
CA LYS H 143 -6.55 13.42 -69.37
C LYS H 143 -5.29 13.28 -68.50
N CYS H 144 -5.17 12.19 -67.70
CA CYS H 144 -4.01 11.96 -66.83
C CYS H 144 -3.49 10.52 -66.93
N ASN H 145 -2.22 10.41 -67.25
CA ASN H 145 -1.47 9.19 -67.43
C ASN H 145 -0.78 8.76 -66.15
N ASN H 146 -0.03 7.67 -66.20
CA ASN H 146 0.61 7.22 -65.00
C ASN H 146 1.62 8.21 -64.43
N GLU H 147 2.30 8.97 -65.28
CA GLU H 147 3.30 9.91 -64.76
C GLU H 147 2.69 11.01 -63.87
N CYS H 148 1.54 11.62 -64.25
CA CYS H 148 0.84 12.64 -63.44
C CYS H 148 0.18 12.00 -62.24
N MET H 149 -0.20 10.72 -62.33
CA MET H 149 -0.77 10.10 -61.14
C MET H 149 0.34 9.98 -60.09
N GLU H 150 1.55 9.63 -60.54
CA GLU H 150 2.65 9.50 -59.61
C GLU H 150 3.04 10.85 -59.05
N SER H 151 2.96 11.89 -59.88
CA SER H 151 3.31 13.23 -59.46
C SER H 151 2.39 13.69 -58.33
N VAL H 152 1.08 13.41 -58.46
CA VAL H 152 0.17 13.80 -57.39
C VAL H 152 0.49 13.03 -56.12
N LYS H 153 0.76 11.73 -56.23
CA LYS H 153 1.09 10.95 -55.06
C LYS H 153 2.40 11.45 -54.41
N ASN H 154 3.35 11.88 -55.23
CA ASN H 154 4.64 12.39 -54.77
C ASN H 154 4.51 13.74 -54.09
N GLY H 155 3.50 14.53 -54.47
CA GLY H 155 3.35 15.86 -53.92
C GLY H 155 4.05 16.89 -54.79
N THR H 156 4.26 16.55 -56.07
CA THR H 156 4.94 17.37 -57.05
C THR H 156 4.06 17.75 -58.23
N TYR H 157 2.74 17.65 -58.10
CA TYR H 157 1.86 17.94 -59.22
C TYR H 157 1.98 19.36 -59.73
N ASP H 158 2.09 19.48 -61.05
CA ASP H 158 2.18 20.75 -61.75
C ASP H 158 0.81 21.24 -62.12
N TYR H 159 0.24 22.13 -61.29
CA TYR H 159 -1.09 22.62 -61.59
C TYR H 159 -1.19 23.37 -62.92
N PRO H 160 -0.37 24.44 -63.17
CA PRO H 160 -0.44 25.26 -64.38
C PRO H 160 -0.40 24.47 -65.66
N LYS H 161 0.36 23.37 -65.68
CA LYS H 161 0.47 22.56 -66.88
C LYS H 161 -0.85 22.11 -67.46
N TYR H 162 -1.85 21.85 -66.62
CA TYR H 162 -3.11 21.36 -67.12
C TYR H 162 -4.25 22.33 -66.94
N SER H 163 -3.96 23.57 -66.54
CA SER H 163 -5.05 24.48 -66.23
C SER H 163 -5.85 24.89 -67.47
N GLU H 164 -5.22 24.88 -68.65
CA GLU H 164 -5.92 25.23 -69.87
C GLU H 164 -6.82 24.09 -70.30
N GLU H 165 -6.32 22.86 -70.20
CA GLU H 165 -7.16 21.74 -70.61
C GLU H 165 -8.36 21.68 -69.71
N SER H 166 -8.12 21.90 -68.40
CA SER H 166 -9.20 21.85 -67.45
C SER H 166 -10.24 22.91 -67.69
N LYS H 167 -9.87 24.18 -67.89
CA LYS H 167 -10.95 25.15 -68.04
C LYS H 167 -11.81 24.85 -69.27
N LEU H 168 -11.20 24.29 -70.31
CA LEU H 168 -11.96 23.99 -71.51
C LEU H 168 -12.91 22.82 -71.28
N ASN H 169 -12.47 21.81 -70.53
CA ASN H 169 -13.31 20.67 -70.24
C ASN H 169 -14.38 20.96 -69.19
N ARG H 170 -14.10 21.89 -68.29
CA ARG H 170 -15.07 22.29 -67.26
C ARG H 170 -16.29 23.02 -67.85
N GLU H 171 -16.08 23.93 -68.85
CA GLU H 171 -17.08 24.74 -69.57
C GLU H 171 -17.67 25.87 -68.69
N ASP I 18 -33.87 32.40 -48.20
CA ASP I 18 -34.10 31.09 -47.60
C ASP I 18 -32.74 30.55 -47.07
N THR I 19 -32.72 30.06 -45.80
CA THR I 19 -31.48 29.57 -45.13
C THR I 19 -31.59 28.26 -44.37
N ILE I 20 -30.41 27.64 -44.21
CA ILE I 20 -30.17 26.49 -43.31
C ILE I 20 -28.99 26.82 -42.42
N CYS I 21 -29.18 26.79 -41.08
CA CYS I 21 -28.15 27.06 -40.08
C CYS I 21 -27.89 25.81 -39.25
N ILE I 22 -26.65 25.62 -38.86
CA ILE I 22 -26.23 24.48 -38.05
C ILE I 22 -25.88 24.94 -36.66
N GLY I 23 -26.44 24.28 -35.65
CA GLY I 23 -26.18 24.70 -34.28
C GLY I 23 -26.36 23.60 -33.24
N TYR I 24 -26.39 24.03 -31.99
CA TYR I 24 -26.48 23.11 -30.87
C TYR I 24 -27.27 23.69 -29.72
N HIS I 25 -27.70 22.80 -28.83
CA HIS I 25 -28.47 23.01 -27.61
C HIS I 25 -27.84 23.86 -26.51
N ALA I 26 -28.67 24.63 -25.83
CA ALA I 26 -28.27 25.43 -24.69
C ALA I 26 -29.47 25.53 -23.76
N ASN I 27 -29.24 25.76 -22.47
CA ASN I 27 -30.31 25.83 -21.48
C ASN I 27 -29.96 26.73 -20.33
N ASN I 28 -30.68 26.60 -19.22
CA ASN I 28 -30.47 27.43 -18.06
C ASN I 28 -29.70 26.74 -16.93
N SER I 29 -28.97 25.66 -17.24
CA SER I 29 -28.21 24.97 -16.23
C SER I 29 -27.04 25.78 -15.73
N THR I 30 -26.78 25.63 -14.43
CA THR I 30 -25.67 26.27 -13.75
C THR I 30 -24.67 25.26 -13.23
N ASP I 31 -24.79 24.01 -13.68
CA ASP I 31 -23.86 22.98 -13.28
C ASP I 31 -22.48 23.29 -13.84
N THR I 32 -21.43 23.16 -13.04
CA THR I 32 -20.12 23.35 -13.64
C THR I 32 -19.20 22.18 -13.36
N VAL I 33 -18.24 22.02 -14.26
CA VAL I 33 -17.22 21.00 -14.13
C VAL I 33 -15.84 21.56 -14.30
N ASP I 34 -14.84 20.83 -13.86
CA ASP I 34 -13.48 21.26 -14.12
C ASP I 34 -12.85 20.36 -15.15
N THR I 35 -11.94 20.90 -15.94
CA THR I 35 -11.21 20.13 -16.94
C THR I 35 -9.75 20.41 -16.70
N VAL I 36 -8.86 19.77 -17.46
CA VAL I 36 -7.45 20.04 -17.24
C VAL I 36 -7.04 21.46 -17.63
N LEU I 37 -7.50 21.96 -18.77
CA LEU I 37 -7.14 23.31 -19.23
C LEU I 37 -8.00 24.45 -18.66
N GLU I 38 -9.23 24.17 -18.23
CA GLU I 38 -10.15 25.22 -17.83
C GLU I 38 -10.94 24.86 -16.58
N LYS I 39 -11.14 25.81 -15.68
CA LYS I 39 -11.93 25.52 -14.48
C LYS I 39 -13.31 26.18 -14.52
N ASN I 40 -14.25 25.60 -13.76
CA ASN I 40 -15.61 26.13 -13.58
C ASN I 40 -16.37 26.33 -14.89
N VAL I 41 -16.37 25.32 -15.76
CA VAL I 41 -17.04 25.39 -17.04
C VAL I 41 -18.50 25.07 -16.87
N THR I 42 -19.39 25.93 -17.32
CA THR I 42 -20.81 25.66 -17.18
C THR I 42 -21.26 24.76 -18.30
N VAL I 43 -21.99 23.70 -17.95
CA VAL I 43 -22.43 22.70 -18.91
C VAL I 43 -23.93 22.49 -18.87
N THR I 44 -24.50 21.93 -19.94
CA THR I 44 -25.95 21.73 -19.98
C THR I 44 -26.44 20.50 -19.22
N HIS I 45 -25.59 19.49 -19.08
CA HIS I 45 -25.93 18.24 -18.38
C HIS I 45 -24.70 17.69 -17.65
N SER I 46 -24.90 17.11 -16.45
CA SER I 46 -23.78 16.54 -15.70
C SER I 46 -24.16 15.36 -14.80
N VAL I 47 -23.15 14.63 -14.36
CA VAL I 47 -23.26 13.49 -13.45
C VAL I 47 -22.43 13.61 -12.18
N ASN I 48 -23.09 13.50 -11.04
CA ASN I 48 -22.41 13.55 -9.77
C ASN I 48 -21.93 12.17 -9.39
N LEU I 49 -20.63 11.96 -9.29
CA LEU I 49 -20.14 10.63 -8.96
C LEU I 49 -19.88 10.45 -7.48
N LEU I 50 -20.00 11.54 -6.71
CA LEU I 50 -19.66 11.51 -5.30
C LEU I 50 -20.82 11.78 -4.36
N GLU I 51 -21.03 10.84 -3.45
CA GLU I 51 -22.07 10.92 -2.45
C GLU I 51 -21.65 11.65 -1.20
N ASP I 52 -22.42 12.64 -0.77
CA ASP I 52 -22.10 13.31 0.45
C ASP I 52 -23.25 13.37 1.47
N SER I 53 -24.37 12.70 1.23
CA SER I 53 -25.41 12.75 2.23
C SER I 53 -25.34 11.52 3.11
N HIS I 54 -25.96 11.59 4.26
CA HIS I 54 -26.08 10.42 5.08
C HIS I 54 -27.23 10.59 6.04
N ASN I 55 -27.73 9.47 6.49
CA ASN I 55 -28.76 9.39 7.49
C ASN I 55 -28.04 9.24 8.80
N GLY I 56 -27.89 10.30 9.60
CA GLY I 56 -27.00 10.25 10.79
C GLY I 56 -27.45 9.46 12.01
N LYS I 57 -27.86 8.22 11.75
CA LYS I 57 -28.37 7.24 12.66
C LYS I 57 -27.77 5.87 12.36
N LEU I 58 -27.83 4.98 13.32
CA LEU I 58 -27.44 3.59 13.13
C LEU I 58 -28.69 2.83 12.71
N CYS I 59 -28.64 2.21 11.52
CA CYS I 59 -29.72 1.48 10.88
C CYS I 59 -29.49 -0.02 10.93
N LEU I 60 -30.53 -0.76 10.66
CA LEU I 60 -30.45 -2.19 10.57
C LEU I 60 -29.87 -2.49 9.21
N LEU I 61 -29.12 -3.56 9.08
CA LEU I 61 -28.63 -3.88 7.75
C LEU I 61 -29.43 -5.00 7.17
N LYS I 62 -30.15 -4.68 6.13
CA LYS I 62 -30.97 -5.68 5.48
C LYS I 62 -31.86 -6.43 6.49
N GLY I 63 -32.49 -5.69 7.39
CA GLY I 63 -33.38 -6.24 8.40
C GLY I 63 -32.76 -6.67 9.74
N ILE I 64 -31.45 -6.68 9.87
CA ILE I 64 -30.86 -7.14 11.13
C ILE I 64 -30.19 -6.03 11.94
N ALA I 65 -30.62 -5.91 13.18
CA ALA I 65 -30.11 -4.92 14.12
C ALA I 65 -28.68 -5.20 14.57
N PRO I 66 -27.89 -4.18 14.91
CA PRO I 66 -26.59 -4.25 15.50
C PRO I 66 -26.66 -4.59 16.96
N LEU I 67 -25.54 -5.00 17.51
CA LEU I 67 -25.40 -5.16 18.93
C LEU I 67 -24.83 -3.90 19.49
N GLN I 68 -25.55 -3.23 20.35
CA GLN I 68 -24.96 -2.05 20.91
C GLN I 68 -24.42 -2.42 22.24
N LEU I 69 -23.20 -2.00 22.53
CA LEU I 69 -22.63 -2.37 23.80
C LEU I 69 -22.91 -1.32 24.86
N GLY I 70 -23.60 -0.25 24.50
CA GLY I 70 -23.90 0.76 25.48
C GLY I 70 -22.62 1.36 26.05
N ASN I 71 -22.47 1.31 27.39
CA ASN I 71 -21.32 1.83 28.14
C ASN I 71 -20.18 0.81 28.28
N CYS I 72 -20.33 -0.43 27.71
CA CYS I 72 -19.39 -1.54 27.83
C CYS I 72 -18.36 -1.59 26.71
N SER I 73 -17.20 -2.05 27.09
CA SER I 73 -16.10 -2.33 26.17
C SER I 73 -16.25 -3.76 25.76
N VAL I 74 -15.46 -4.22 24.80
CA VAL I 74 -15.55 -5.62 24.45
C VAL I 74 -15.17 -6.49 25.64
N ALA I 75 -14.10 -6.13 26.38
CA ALA I 75 -13.73 -6.95 27.52
C ALA I 75 -14.86 -7.04 28.54
N GLY I 76 -15.58 -5.95 28.74
CA GLY I 76 -16.69 -5.94 29.67
C GLY I 76 -17.75 -6.92 29.22
N TRP I 77 -18.11 -6.84 27.94
CA TRP I 77 -19.12 -7.67 27.32
C TRP I 77 -18.85 -9.16 27.43
N ILE I 78 -17.63 -9.59 27.13
CA ILE I 78 -17.31 -11.02 27.17
C ILE I 78 -16.95 -11.56 28.56
N LEU I 79 -16.33 -10.76 29.44
CA LEU I 79 -16.03 -11.27 30.77
C LEU I 79 -17.31 -11.32 31.57
N GLY I 80 -18.25 -10.44 31.26
CA GLY I 80 -19.48 -10.42 32.01
C GLY I 80 -19.44 -9.39 33.11
N ASN I 81 -18.92 -8.22 32.82
CA ASN I 81 -18.93 -7.16 33.81
C ASN I 81 -20.36 -7.11 34.33
N PRO I 82 -20.62 -7.03 35.63
CA PRO I 82 -21.93 -6.99 36.23
C PRO I 82 -22.88 -5.97 35.63
N GLU I 83 -22.35 -4.88 35.09
CA GLU I 83 -23.16 -3.82 34.49
C GLU I 83 -23.48 -3.99 32.99
N CYS I 84 -23.02 -5.11 32.36
CA CYS I 84 -23.18 -5.45 30.95
C CYS I 84 -24.24 -6.55 30.90
N GLU I 85 -25.04 -6.60 31.94
CA GLU I 85 -26.11 -7.57 32.16
C GLU I 85 -27.08 -7.62 31.00
N LEU I 86 -27.38 -6.50 30.40
CA LEU I 86 -28.38 -6.48 29.36
C LEU I 86 -27.90 -7.10 28.07
N LEU I 87 -26.62 -7.41 27.99
CA LEU I 87 -26.07 -7.99 26.79
C LEU I 87 -25.96 -9.52 26.90
N ILE I 88 -26.25 -10.11 28.06
CA ILE I 88 -25.99 -11.55 28.22
C ILE I 88 -26.92 -12.42 27.40
N SER I 89 -28.03 -11.85 26.99
CA SER I 89 -29.06 -12.47 26.20
C SER I 89 -29.03 -12.08 24.73
N LYS I 90 -28.00 -11.35 24.29
CA LYS I 90 -27.93 -10.96 22.89
C LYS I 90 -27.04 -11.93 22.14
N GLU I 91 -27.67 -12.85 21.44
CA GLU I 91 -26.96 -13.92 20.78
C GLU I 91 -26.54 -13.63 19.34
N SER I 92 -27.16 -12.67 18.68
CA SER I 92 -26.80 -12.43 17.28
C SER I 92 -26.89 -10.97 16.91
N TRP I 93 -26.13 -10.60 15.89
CA TRP I 93 -26.09 -9.22 15.40
C TRP I 93 -25.60 -9.06 13.97
N SER I 94 -25.93 -7.91 13.37
CA SER I 94 -25.39 -7.56 12.06
C SER I 94 -24.04 -6.87 12.10
N TYR I 95 -23.77 -6.19 13.20
CA TYR I 95 -22.54 -5.47 13.44
C TYR I 95 -22.47 -5.15 14.91
N ILE I 96 -21.33 -4.76 15.41
CA ILE I 96 -21.20 -4.39 16.82
C ILE I 96 -20.82 -2.93 16.95
N VAL I 97 -21.52 -2.20 17.81
CA VAL I 97 -21.21 -0.81 18.00
C VAL I 97 -20.68 -0.53 19.40
N GLU I 98 -19.48 0.02 19.44
CA GLU I 98 -18.80 0.35 20.68
C GLU I 98 -18.68 1.87 20.78
N THR I 99 -18.86 2.40 21.96
CA THR I 99 -18.69 3.82 22.19
C THR I 99 -17.21 4.17 22.07
N PRO I 100 -16.80 5.38 21.66
CA PRO I 100 -15.42 5.83 21.65
C PRO I 100 -14.75 5.82 23.01
N ASN I 101 -15.52 5.83 24.08
CA ASN I 101 -14.92 5.84 25.40
C ASN I 101 -15.75 5.03 26.38
N PRO I 102 -15.67 3.69 26.37
CA PRO I 102 -16.45 2.81 27.19
C PRO I 102 -15.94 2.94 28.58
N GLU I 103 -16.80 2.74 29.55
CA GLU I 103 -16.40 2.77 30.94
C GLU I 103 -16.42 1.42 31.67
N ASN I 104 -17.30 0.48 31.26
CA ASN I 104 -17.48 -0.83 31.88
C ASN I 104 -16.73 -1.90 31.10
N GLY I 105 -15.52 -2.24 31.60
CA GLY I 105 -14.55 -3.16 31.01
C GLY I 105 -14.12 -4.08 32.10
N THR I 106 -12.84 -4.09 32.38
CA THR I 106 -12.40 -4.91 33.48
C THR I 106 -12.74 -4.17 34.79
N CYS I 107 -13.53 -4.80 35.71
CA CYS I 107 -13.94 -4.20 36.97
C CYS I 107 -13.00 -4.58 38.10
N TYR I 108 -12.28 -5.67 37.91
CA TYR I 108 -11.30 -6.08 38.88
C TYR I 108 -10.00 -5.91 38.10
N PRO I 109 -9.23 -4.86 38.35
CA PRO I 109 -8.11 -4.43 37.57
C PRO I 109 -7.12 -5.51 37.32
N GLY I 110 -6.57 -5.49 36.13
CA GLY I 110 -5.58 -6.45 35.70
C GLY I 110 -5.32 -6.29 34.24
N TYR I 111 -4.45 -7.13 33.73
CA TYR I 111 -4.06 -7.14 32.34
C TYR I 111 -4.88 -8.13 31.55
N PHE I 112 -5.38 -7.73 30.40
CA PHE I 112 -6.15 -8.65 29.59
C PHE I 112 -5.20 -9.12 28.51
N ALA I 113 -4.80 -10.38 28.57
CA ALA I 113 -3.84 -10.86 27.61
C ALA I 113 -4.41 -10.92 26.22
N ASP I 114 -3.63 -10.48 25.25
CA ASP I 114 -4.01 -10.55 23.86
C ASP I 114 -5.39 -9.99 23.60
N TYR I 115 -5.70 -8.86 24.22
CA TYR I 115 -6.99 -8.25 24.05
C TYR I 115 -7.26 -7.83 22.66
N GLU I 116 -6.29 -7.20 22.04
CA GLU I 116 -6.47 -6.70 20.70
C GLU I 116 -6.68 -7.83 19.72
N GLU I 117 -6.00 -8.97 19.90
CA GLU I 117 -6.20 -10.10 19.01
C GLU I 117 -7.58 -10.69 19.23
N LEU I 118 -8.07 -10.69 20.47
CA LEU I 118 -9.39 -11.22 20.68
C LEU I 118 -10.43 -10.32 20.04
N ARG I 119 -10.25 -9.01 20.15
CA ARG I 119 -11.19 -8.08 19.57
C ARG I 119 -11.23 -8.27 18.05
N GLU I 120 -10.08 -8.57 17.44
CA GLU I 120 -10.02 -8.85 16.01
C GLU I 120 -10.75 -10.16 15.71
N GLN I 121 -10.57 -11.19 16.52
CA GLN I 121 -11.25 -12.46 16.27
C GLN I 121 -12.76 -12.36 16.42
N LEU I 122 -13.22 -11.53 17.35
CA LEU I 122 -14.64 -11.36 17.59
C LEU I 122 -15.28 -10.45 16.58
N SER I 123 -14.49 -9.91 15.68
CA SER I 123 -15.02 -9.04 14.67
C SER I 123 -15.63 -9.86 13.56
N SER I 124 -15.30 -11.15 13.44
CA SER I 124 -15.92 -11.94 12.39
C SER I 124 -17.04 -12.81 12.93
N VAL I 125 -17.29 -12.73 14.23
CA VAL I 125 -18.33 -13.53 14.85
C VAL I 125 -19.66 -12.86 14.63
N SER I 126 -20.64 -13.61 14.08
CA SER I 126 -21.96 -13.04 13.80
C SER I 126 -22.95 -13.40 14.88
N SER I 127 -22.67 -14.49 15.58
CA SER I 127 -23.51 -14.92 16.66
C SER I 127 -22.77 -15.88 17.54
N PHE I 128 -23.30 -16.11 18.73
CA PHE I 128 -22.75 -17.13 19.57
C PHE I 128 -23.69 -17.66 20.61
N GLU I 129 -23.39 -18.83 21.12
CA GLU I 129 -24.13 -19.38 22.23
C GLU I 129 -23.35 -19.23 23.51
N ARG I 130 -23.95 -18.60 24.50
CA ARG I 130 -23.28 -18.50 25.78
C ARG I 130 -23.76 -19.73 26.53
N PHE I 131 -22.86 -20.59 26.95
CA PHE I 131 -23.29 -21.81 27.62
C PHE I 131 -22.50 -22.02 28.86
N GLU I 132 -23.02 -22.78 29.79
CA GLU I 132 -22.30 -22.96 31.02
C GLU I 132 -21.31 -24.11 30.85
N ILE I 133 -20.03 -23.80 30.91
CA ILE I 133 -18.95 -24.77 30.69
C ILE I 133 -18.62 -25.59 31.94
N PHE I 134 -18.59 -24.91 33.08
CA PHE I 134 -18.28 -25.56 34.35
C PHE I 134 -19.24 -25.10 35.43
N PRO I 135 -20.46 -25.60 35.50
CA PRO I 135 -21.50 -25.08 36.38
C PRO I 135 -21.01 -24.99 37.82
N LYS I 136 -21.27 -23.85 38.47
CA LYS I 136 -20.77 -23.66 39.82
C LYS I 136 -21.44 -24.51 40.85
N GLU I 137 -22.67 -24.89 40.57
CA GLU I 137 -23.43 -25.66 41.53
C GLU I 137 -22.90 -27.07 41.73
N SER I 138 -22.38 -27.67 40.67
CA SER I 138 -21.92 -29.04 40.77
C SER I 138 -20.43 -29.25 40.54
N SER I 139 -19.75 -28.27 39.96
CA SER I 139 -18.37 -28.50 39.62
C SER I 139 -17.39 -28.44 40.78
N TRP I 140 -17.64 -27.62 41.80
CA TRP I 140 -16.66 -27.53 42.87
C TRP I 140 -17.18 -27.68 44.30
N PRO I 141 -17.58 -28.89 44.74
CA PRO I 141 -18.13 -29.16 46.05
C PRO I 141 -17.22 -28.84 47.25
N ASN I 142 -15.88 -28.76 47.05
CA ASN I 142 -14.89 -28.52 48.09
C ASN I 142 -14.25 -27.11 48.02
N HIS I 143 -14.85 -26.15 47.26
CA HIS I 143 -14.33 -24.79 47.14
C HIS I 143 -15.47 -23.83 47.33
N THR I 144 -15.14 -22.64 47.75
CA THR I 144 -16.14 -21.62 47.89
C THR I 144 -16.29 -20.95 46.54
N VAL I 145 -17.52 -20.84 46.04
CA VAL I 145 -17.77 -20.28 44.70
C VAL I 145 -18.49 -18.95 44.81
N THR I 146 -18.41 -18.34 45.97
CA THR I 146 -19.12 -17.11 46.28
C THR I 146 -18.23 -15.89 46.47
N GLY I 147 -16.98 -15.91 46.02
CA GLY I 147 -16.16 -14.72 46.23
C GLY I 147 -16.66 -13.57 45.35
N VAL I 148 -16.67 -12.38 45.93
CA VAL I 148 -17.06 -11.13 45.27
C VAL I 148 -16.11 -10.01 45.57
N SER I 149 -16.24 -8.92 44.84
CA SER I 149 -15.44 -7.73 45.11
C SER I 149 -16.23 -6.45 45.01
N ALA I 150 -15.89 -5.51 45.88
CA ALA I 150 -16.49 -4.18 45.90
C ALA I 150 -16.23 -3.46 44.59
N SER I 151 -15.11 -3.80 43.97
CA SER I 151 -14.67 -3.17 42.73
C SER I 151 -15.59 -3.48 41.52
N CYS I 152 -16.44 -4.53 41.63
CA CYS I 152 -17.37 -5.02 40.64
C CYS I 152 -18.79 -4.78 41.16
N SER I 153 -18.94 -3.88 42.13
CA SER I 153 -20.25 -3.65 42.71
C SER I 153 -21.32 -3.29 41.71
N HIS I 154 -22.48 -3.94 41.87
CA HIS I 154 -23.67 -3.79 41.04
C HIS I 154 -24.87 -3.48 41.91
N ASN I 155 -25.47 -2.33 41.71
CA ASN I 155 -26.61 -1.90 42.52
C ASN I 155 -26.29 -1.87 44.01
N GLY I 156 -25.07 -1.47 44.34
CA GLY I 156 -24.66 -1.34 45.73
C GLY I 156 -24.07 -2.60 46.36
N LYS I 157 -24.13 -3.73 45.69
CA LYS I 157 -23.59 -4.93 46.31
C LYS I 157 -22.36 -5.45 45.62
N SER I 158 -21.43 -5.98 46.40
CA SER I 158 -20.22 -6.54 45.84
C SER I 158 -20.62 -7.66 44.91
N SER I 159 -19.89 -7.79 43.81
CA SER I 159 -20.22 -8.82 42.83
C SER I 159 -19.02 -9.26 42.05
N PHE I 160 -19.22 -9.96 40.95
CA PHE I 160 -18.08 -10.42 40.19
C PHE I 160 -18.52 -10.65 38.78
N TYR I 161 -17.60 -11.06 37.92
CA TYR I 161 -17.92 -11.28 36.54
C TYR I 161 -18.91 -12.39 36.37
N ARG I 162 -19.90 -12.16 35.53
CA ARG I 162 -20.94 -13.12 35.29
C ARG I 162 -20.46 -14.41 34.66
N ASN I 163 -19.40 -14.37 33.87
CA ASN I 163 -18.97 -15.60 33.24
C ASN I 163 -17.81 -16.30 33.97
N LEU I 164 -17.39 -15.80 35.15
CA LEU I 164 -16.24 -16.36 35.88
C LEU I 164 -16.48 -16.62 37.37
N LEU I 165 -15.82 -17.61 37.96
CA LEU I 165 -15.94 -17.81 39.39
C LEU I 165 -14.66 -17.60 40.13
N TRP I 166 -14.76 -16.93 41.25
CA TRP I 166 -13.59 -16.76 42.08
C TRP I 166 -13.55 -17.89 43.08
N LEU I 167 -12.63 -18.85 42.91
CA LEU I 167 -12.63 -20.02 43.78
C LEU I 167 -11.64 -19.91 44.91
N THR I 168 -12.17 -19.84 46.12
CA THR I 168 -11.38 -19.67 47.33
C THR I 168 -11.52 -20.92 48.16
N GLY I 169 -10.76 -21.03 49.25
CA GLY I 169 -10.82 -22.27 50.03
C GLY I 169 -12.12 -22.48 50.77
N LYS I 170 -12.27 -23.68 51.29
CA LYS I 170 -13.46 -24.05 52.03
C LYS I 170 -13.07 -24.88 53.23
N ASN I 171 -13.56 -24.46 54.39
CA ASN I 171 -13.31 -25.12 55.66
C ASN I 171 -11.82 -25.24 55.97
N GLY I 172 -11.02 -24.24 55.58
CA GLY I 172 -9.60 -24.23 55.89
C GLY I 172 -8.73 -24.94 54.87
N LEU I 173 -9.31 -25.59 53.89
CA LEU I 173 -8.52 -26.31 52.92
C LEU I 173 -8.66 -25.78 51.51
N TYR I 174 -7.63 -25.98 50.70
CA TYR I 174 -7.78 -25.65 49.28
C TYR I 174 -7.31 -26.84 48.47
N PRO I 175 -8.14 -27.85 48.27
CA PRO I 175 -7.80 -29.08 47.60
C PRO I 175 -7.43 -28.75 46.18
N ASN I 176 -6.58 -29.59 45.56
CA ASN I 176 -6.17 -29.48 44.17
C ASN I 176 -7.37 -29.66 43.22
N LEU I 177 -7.45 -28.79 42.20
CA LEU I 177 -8.51 -28.75 41.20
C LEU I 177 -8.05 -29.43 39.96
N SER I 178 -8.96 -30.16 39.34
CA SER I 178 -8.72 -30.72 38.03
C SER I 178 -10.04 -30.83 37.31
N LYS I 179 -10.19 -30.04 36.26
CA LYS I 179 -11.41 -30.01 35.47
C LYS I 179 -11.11 -30.05 34.01
N SER I 180 -12.00 -30.67 33.26
CA SER I 180 -11.78 -30.67 31.85
C SER I 180 -13.08 -30.56 31.09
N TYR I 181 -12.96 -30.08 29.87
CA TYR I 181 -14.07 -29.94 28.98
C TYR I 181 -13.75 -30.37 27.58
N VAL I 182 -14.66 -31.12 26.98
CA VAL I 182 -14.50 -31.57 25.62
C VAL I 182 -15.43 -30.79 24.71
N ASN I 183 -14.87 -30.26 23.66
CA ASN I 183 -15.67 -29.43 22.80
C ASN I 183 -16.52 -30.23 21.85
N ASN I 184 -17.73 -30.47 22.31
CA ASN I 184 -18.73 -31.22 21.60
C ASN I 184 -19.75 -30.30 20.95
N LYS I 185 -19.42 -29.01 20.83
CA LYS I 185 -20.37 -28.04 20.26
C LYS I 185 -20.32 -27.96 18.75
N GLU I 186 -19.28 -28.51 18.14
CA GLU I 186 -19.01 -28.46 16.70
C GLU I 186 -18.78 -27.03 16.17
N LYS I 187 -18.36 -26.16 17.07
CA LYS I 187 -18.01 -24.78 16.83
C LYS I 187 -16.78 -24.48 17.63
N GLU I 188 -16.09 -23.42 17.30
CA GLU I 188 -14.97 -23.06 18.14
C GLU I 188 -15.50 -22.54 19.44
N VAL I 189 -14.84 -22.86 20.53
CA VAL I 189 -15.29 -22.38 21.82
C VAL I 189 -14.31 -21.45 22.49
N LEU I 190 -14.79 -20.30 22.89
CA LEU I 190 -13.97 -19.32 23.57
C LEU I 190 -14.07 -19.50 25.06
N VAL I 191 -12.94 -19.82 25.66
CA VAL I 191 -12.88 -20.09 27.09
C VAL I 191 -12.09 -18.99 27.77
N LEU I 192 -12.72 -18.33 28.74
CA LEU I 192 -12.08 -17.24 29.46
C LEU I 192 -11.78 -17.69 30.88
N TRP I 193 -10.68 -17.23 31.46
CA TRP I 193 -10.34 -17.52 32.86
C TRP I 193 -9.40 -16.46 33.38
N GLY I 194 -9.07 -16.51 34.66
CA GLY I 194 -8.08 -15.57 35.14
C GLY I 194 -7.27 -16.08 36.31
N VAL I 195 -6.29 -15.28 36.71
CA VAL I 195 -5.40 -15.62 37.81
C VAL I 195 -5.33 -14.47 38.80
N HIS I 196 -5.48 -14.78 40.09
CA HIS I 196 -5.45 -13.75 41.12
C HIS I 196 -4.06 -13.56 41.71
N HIS I 197 -3.63 -12.31 41.77
CA HIS I 197 -2.37 -11.86 42.31
C HIS I 197 -2.61 -10.92 43.51
N PRO I 198 -2.64 -11.43 44.76
CA PRO I 198 -2.92 -10.72 45.98
C PRO I 198 -1.92 -9.62 46.25
N PRO I 199 -2.30 -8.58 47.00
CA PRO I 199 -1.45 -7.50 47.44
C PRO I 199 -0.42 -7.90 48.46
N ASN I 200 -0.67 -8.98 49.19
CA ASN I 200 0.28 -9.40 50.18
C ASN I 200 0.12 -10.87 50.48
N ILE I 201 1.07 -11.40 51.23
CA ILE I 201 1.08 -12.79 51.62
C ILE I 201 -0.03 -13.17 52.59
N GLY I 202 -0.54 -12.20 53.35
CA GLY I 202 -1.58 -12.48 54.31
C GLY I 202 -2.85 -12.88 53.60
N ASN I 203 -3.12 -12.19 52.50
CA ASN I 203 -4.28 -12.45 51.69
C ASN I 203 -4.08 -13.75 50.95
N GLN I 204 -2.86 -14.00 50.48
CA GLN I 204 -2.64 -15.26 49.80
C GLN I 204 -2.91 -16.44 50.70
N ARG I 205 -2.45 -16.38 51.94
CA ARG I 205 -2.72 -17.49 52.81
C ARG I 205 -4.18 -17.57 53.19
N ALA I 206 -4.81 -16.44 53.48
CA ALA I 206 -6.20 -16.43 53.91
C ALA I 206 -7.15 -17.03 52.90
N LEU I 207 -6.90 -16.80 51.63
CA LEU I 207 -7.78 -17.28 50.60
C LEU I 207 -7.44 -18.65 50.05
N TYR I 208 -6.16 -18.97 49.89
CA TYR I 208 -5.84 -20.21 49.22
C TYR I 208 -5.11 -21.23 50.08
N HIS I 209 -4.75 -20.88 51.30
CA HIS I 209 -4.07 -21.76 52.23
C HIS I 209 -2.78 -22.35 51.69
N THR I 210 -2.05 -21.56 50.94
CA THR I 210 -0.77 -21.94 50.38
C THR I 210 0.00 -20.71 50.02
N GLU I 211 1.31 -20.80 50.11
CA GLU I 211 2.17 -19.71 49.69
C GLU I 211 2.76 -19.97 48.31
N ASN I 212 2.44 -21.13 47.75
CA ASN I 212 3.01 -21.56 46.48
C ASN I 212 1.96 -22.12 45.57
N ALA I 213 1.03 -21.27 45.16
CA ALA I 213 -0.01 -21.66 44.28
C ALA I 213 0.48 -21.64 42.86
N TYR I 214 -0.13 -22.44 42.03
CA TYR I 214 0.12 -22.41 40.61
C TYR I 214 -1.20 -22.70 39.92
N VAL I 215 -1.26 -22.27 38.66
CA VAL I 215 -2.37 -22.56 37.77
C VAL I 215 -1.83 -23.13 36.47
N SER I 216 -2.38 -24.21 35.99
CA SER I 216 -1.93 -24.82 34.75
C SER I 216 -3.06 -25.10 33.78
N VAL I 217 -2.98 -24.50 32.60
CA VAL I 217 -4.03 -24.68 31.62
C VAL I 217 -3.46 -25.24 30.34
N VAL I 218 -3.99 -26.38 29.92
CA VAL I 218 -3.51 -27.02 28.71
C VAL I 218 -4.62 -27.45 27.76
N SER I 219 -4.29 -27.60 26.49
CA SER I 219 -5.21 -28.12 25.46
C SER I 219 -4.29 -28.76 24.46
N SER I 220 -4.77 -29.35 23.36
CA SER I 220 -3.80 -30.05 22.54
C SER I 220 -2.66 -29.18 22.06
N HIS I 221 -2.96 -27.93 21.76
CA HIS I 221 -1.94 -27.04 21.25
C HIS I 221 -1.82 -25.77 22.07
N TYR I 222 -2.01 -25.90 23.37
CA TYR I 222 -1.90 -24.76 24.28
C TYR I 222 -1.31 -25.19 25.59
N SER I 223 -0.39 -24.41 26.11
CA SER I 223 0.10 -24.72 27.43
C SER I 223 0.65 -23.52 28.15
N ARG I 224 0.09 -23.22 29.30
CA ARG I 224 0.56 -22.15 30.15
C ARG I 224 0.59 -22.55 31.60
N ARG I 225 1.58 -22.04 32.31
CA ARG I 225 1.62 -22.23 33.74
C ARG I 225 1.74 -20.85 34.29
N PHE I 226 0.96 -20.56 35.29
CA PHE I 226 0.97 -19.25 35.84
C PHE I 226 1.41 -19.35 37.27
N THR I 227 2.13 -18.34 37.72
CA THR I 227 2.51 -18.26 39.11
C THR I 227 2.04 -16.92 39.59
N PRO I 228 1.22 -16.82 40.65
CA PRO I 228 0.80 -15.56 41.21
C PRO I 228 2.01 -14.78 41.67
N GLU I 229 2.02 -13.50 41.41
CA GLU I 229 3.10 -12.62 41.81
C GLU I 229 2.58 -11.62 42.82
N ILE I 230 2.88 -11.88 44.08
CA ILE I 230 2.37 -11.07 45.15
C ILE I 230 3.16 -9.79 45.27
N ALA I 231 2.45 -8.68 45.25
CA ALA I 231 3.05 -7.37 45.34
C ALA I 231 1.99 -6.35 45.67
N LYS I 232 2.38 -5.34 46.44
CA LYS I 232 1.46 -4.28 46.73
C LYS I 232 1.54 -3.30 45.60
N ARG I 233 0.41 -3.07 44.94
CA ARG I 233 0.36 -2.23 43.77
C ARG I 233 -0.37 -0.93 44.08
N PRO I 234 -0.28 0.12 43.24
CA PRO I 234 -1.05 1.32 43.38
C PRO I 234 -2.49 0.93 43.29
N LYS I 235 -3.37 1.61 44.00
CA LYS I 235 -4.76 1.23 43.94
C LYS I 235 -5.45 1.64 42.68
N VAL I 236 -6.16 0.69 42.09
CA VAL I 236 -7.00 0.94 40.94
C VAL I 236 -8.36 0.42 41.31
N ARG I 237 -9.38 1.25 41.25
CA ARG I 237 -10.72 0.82 41.67
C ARG I 237 -10.66 0.23 43.07
N ASP I 238 -9.85 0.87 43.92
CA ASP I 238 -9.60 0.52 45.31
C ASP I 238 -8.87 -0.80 45.56
N GLN I 239 -8.38 -1.47 44.53
CA GLN I 239 -7.63 -2.70 44.72
C GLN I 239 -6.14 -2.56 44.70
N GLU I 240 -5.47 -3.18 45.67
CA GLU I 240 -4.01 -3.21 45.71
C GLU I 240 -3.48 -4.48 45.06
N GLY I 241 -4.39 -5.35 44.64
CA GLY I 241 -4.03 -6.60 43.98
C GLY I 241 -4.56 -6.55 42.58
N ARG I 242 -4.39 -7.65 41.83
CA ARG I 242 -4.85 -7.70 40.44
C ARG I 242 -5.36 -9.09 40.00
N ILE I 243 -6.23 -9.13 39.01
CA ILE I 243 -6.60 -10.39 38.35
C ILE I 243 -6.30 -10.32 36.88
N ASN I 244 -5.48 -11.21 36.36
CA ASN I 244 -5.19 -11.12 34.93
C ASN I 244 -6.14 -12.01 34.18
N TYR I 245 -6.42 -11.67 32.93
CA TYR I 245 -7.38 -12.45 32.16
C TYR I 245 -6.72 -13.09 30.97
N TYR I 246 -7.10 -14.32 30.74
CA TYR I 246 -6.57 -15.13 29.68
C TYR I 246 -7.67 -15.79 28.89
N TRP I 247 -7.37 -16.13 27.66
CA TRP I 247 -8.35 -16.83 26.86
C TRP I 247 -7.73 -17.70 25.82
N THR I 248 -8.50 -18.65 25.34
CA THR I 248 -8.08 -19.47 24.21
C THR I 248 -9.28 -20.01 23.48
N LEU I 249 -9.10 -20.35 22.22
CA LEU I 249 -10.18 -20.97 21.48
C LEU I 249 -9.95 -22.45 21.34
N LEU I 250 -11.01 -23.23 21.51
CA LEU I 250 -10.88 -24.65 21.31
C LEU I 250 -11.43 -24.99 19.95
N GLU I 251 -10.75 -25.86 19.26
CA GLU I 251 -11.26 -26.34 18.01
C GLU I 251 -12.24 -27.44 18.35
N PRO I 252 -13.23 -27.73 17.52
CA PRO I 252 -14.16 -28.80 17.72
C PRO I 252 -13.42 -30.09 17.95
N GLY I 253 -13.84 -30.82 18.95
CA GLY I 253 -13.25 -32.09 19.29
C GLY I 253 -12.08 -32.02 20.27
N ASP I 254 -11.58 -30.83 20.59
CA ASP I 254 -10.44 -30.82 21.50
C ASP I 254 -10.87 -30.82 22.96
N THR I 255 -9.90 -30.83 23.85
CA THR I 255 -10.10 -30.82 25.29
C THR I 255 -9.27 -29.75 25.96
N ILE I 256 -9.86 -29.06 26.93
CA ILE I 256 -9.10 -28.11 27.74
C ILE I 256 -9.09 -28.57 29.18
N ILE I 257 -7.93 -28.52 29.81
CA ILE I 257 -7.77 -28.95 31.20
C ILE I 257 -7.26 -27.84 32.11
N PHE I 258 -7.98 -27.65 33.20
CA PHE I 258 -7.64 -26.67 34.24
C PHE I 258 -7.19 -27.33 35.51
N GLU I 259 -5.96 -27.06 35.92
CA GLU I 259 -5.38 -27.63 37.11
C GLU I 259 -4.85 -26.55 38.05
N ALA I 260 -5.18 -26.61 39.32
CA ALA I 260 -4.68 -25.56 40.21
C ALA I 260 -4.64 -25.95 41.67
N ASN I 261 -3.79 -25.27 42.44
CA ASN I 261 -3.82 -25.47 43.89
C ASN I 261 -4.04 -24.13 44.57
N GLY I 262 -4.57 -23.18 43.83
CA GLY I 262 -4.87 -21.87 44.36
C GLY I 262 -4.81 -20.82 43.28
N ASN I 263 -5.42 -19.69 43.59
CA ASN I 263 -5.46 -18.47 42.79
C ASN I 263 -6.13 -18.55 41.42
N LEU I 264 -7.05 -19.48 41.22
CA LEU I 264 -7.75 -19.58 39.95
C LEU I 264 -9.12 -18.94 39.93
N ILE I 265 -9.36 -18.16 38.90
CA ILE I 265 -10.65 -17.60 38.61
C ILE I 265 -11.15 -18.49 37.49
N ALA I 266 -12.06 -19.39 37.81
CA ALA I 266 -12.45 -20.45 36.91
C ALA I 266 -13.44 -20.01 35.85
N PRO I 267 -13.45 -20.60 34.66
CA PRO I 267 -14.45 -20.36 33.67
C PRO I 267 -15.75 -20.84 34.21
N TRP I 268 -16.83 -20.15 33.93
CA TRP I 268 -18.15 -20.60 34.29
C TRP I 268 -18.91 -20.74 33.01
N TYR I 269 -18.92 -19.68 32.22
CA TYR I 269 -19.56 -19.66 30.91
C TYR I 269 -18.53 -19.55 29.82
N ALA I 270 -18.87 -20.07 28.66
CA ALA I 270 -18.00 -20.06 27.48
C ALA I 270 -18.83 -19.84 26.25
N PHE I 271 -18.19 -19.40 25.17
CA PHE I 271 -18.97 -19.09 23.98
C PHE I 271 -18.71 -19.96 22.77
N ALA I 272 -19.77 -20.52 22.23
CA ALA I 272 -19.64 -21.31 21.01
C ALA I 272 -19.83 -20.33 19.88
N LEU I 273 -18.76 -20.07 19.15
CA LEU I 273 -18.72 -19.00 18.16
C LEU I 273 -19.10 -19.42 16.77
N SER I 274 -20.06 -18.72 16.20
CA SER I 274 -20.48 -18.95 14.84
C SER I 274 -20.00 -17.78 14.00
N ARG I 275 -19.09 -18.05 13.08
CA ARG I 275 -18.51 -16.99 12.30
C ARG I 275 -19.31 -16.71 11.05
N GLY I 276 -19.37 -15.44 10.69
CA GLY I 276 -20.05 -14.98 9.51
C GLY I 276 -19.08 -14.17 8.68
N PHE I 277 -19.61 -13.32 7.83
CA PHE I 277 -18.74 -12.56 6.98
C PHE I 277 -19.36 -11.23 6.62
N GLY I 278 -18.57 -10.16 6.67
CA GLY I 278 -19.05 -8.85 6.30
C GLY I 278 -19.38 -8.00 7.51
N SER I 279 -19.40 -8.62 8.68
CA SER I 279 -19.65 -7.94 9.94
C SER I 279 -18.35 -7.31 10.42
N GLY I 280 -18.43 -6.48 11.45
CA GLY I 280 -17.24 -5.86 12.03
C GLY I 280 -17.64 -4.96 13.18
N ILE I 281 -16.66 -4.27 13.76
CA ILE I 281 -16.95 -3.41 14.88
C ILE I 281 -16.76 -1.94 14.52
N ILE I 282 -17.79 -1.16 14.79
CA ILE I 282 -17.88 0.27 14.60
C ILE I 282 -17.74 1.02 15.88
N THR I 283 -16.94 2.07 15.86
CA THR I 283 -16.83 2.91 17.03
C THR I 283 -17.67 4.14 16.71
N SER I 284 -18.72 4.38 17.48
CA SER I 284 -19.63 5.48 17.17
C SER I 284 -20.55 5.95 18.27
N ASN I 285 -20.90 7.24 18.22
CA ASN I 285 -21.90 7.82 19.10
C ASN I 285 -23.21 8.18 18.37
N ALA I 286 -23.43 7.66 17.19
CA ALA I 286 -24.65 7.97 16.45
C ALA I 286 -25.87 7.37 17.18
N PRO I 287 -27.05 8.00 17.15
CA PRO I 287 -28.32 7.51 17.65
C PRO I 287 -28.74 6.27 16.94
N MET I 288 -29.46 5.40 17.63
CA MET I 288 -29.99 4.17 17.04
C MET I 288 -31.41 4.40 16.58
N ASP I 289 -31.80 3.86 15.43
CA ASP I 289 -33.18 3.98 15.00
C ASP I 289 -33.70 2.72 14.32
N GLU I 290 -34.96 2.77 13.91
CA GLU I 290 -35.66 1.66 13.25
C GLU I 290 -35.50 1.59 11.72
N CYS I 291 -34.64 2.45 11.14
CA CYS I 291 -34.32 2.57 9.73
C CYS I 291 -33.57 1.33 9.23
N ASP I 292 -33.46 1.23 7.93
CA ASP I 292 -32.84 0.09 7.30
C ASP I 292 -31.99 0.58 6.15
N ALA I 293 -30.80 0.01 6.01
CA ALA I 293 -29.90 0.42 4.97
C ALA I 293 -29.06 -0.71 4.45
N LYS I 294 -28.49 -0.50 3.27
CA LYS I 294 -27.54 -1.46 2.69
C LYS I 294 -26.04 -1.17 3.00
N CYS I 295 -25.73 0.04 3.53
CA CYS I 295 -24.42 0.59 3.87
C CYS I 295 -24.54 1.41 5.15
N GLN I 296 -23.68 1.12 6.10
CA GLN I 296 -23.65 1.85 7.35
C GLN I 296 -22.26 2.34 7.66
N THR I 297 -22.13 3.62 7.96
CA THR I 297 -20.82 4.11 8.36
C THR I 297 -21.03 4.55 9.80
N PRO I 298 -20.00 4.80 10.59
CA PRO I 298 -20.10 5.34 11.92
C PRO I 298 -20.87 6.65 12.03
N GLN I 299 -20.97 7.44 10.94
CA GLN I 299 -21.69 8.71 11.03
C GLN I 299 -23.05 8.67 10.41
N GLY I 300 -23.51 7.51 10.01
CA GLY I 300 -24.81 7.43 9.38
C GLY I 300 -24.88 6.46 8.22
N ALA I 301 -26.09 6.10 7.84
CA ALA I 301 -26.30 5.17 6.77
C ALA I 301 -26.33 5.87 5.44
N ILE I 302 -25.92 5.15 4.41
CA ILE I 302 -25.92 5.73 3.07
C ILE I 302 -26.86 5.00 2.08
N ASN I 303 -27.79 5.78 1.48
CA ASN I 303 -28.75 5.35 0.46
C ASN I 303 -28.27 5.90 -0.89
N SER I 304 -27.33 5.18 -1.56
CA SER I 304 -26.66 5.67 -2.77
C SER I 304 -26.13 4.60 -3.68
N SER I 305 -26.15 4.91 -4.98
CA SER I 305 -25.64 4.06 -6.04
C SER I 305 -24.39 4.65 -6.71
N LEU I 306 -23.86 5.73 -6.16
CA LEU I 306 -22.71 6.38 -6.76
C LEU I 306 -21.46 5.62 -6.39
N PRO I 307 -20.40 5.62 -7.22
CA PRO I 307 -19.14 4.96 -6.95
C PRO I 307 -18.30 5.48 -5.79
N PHE I 308 -18.48 6.75 -5.38
CA PHE I 308 -17.67 7.29 -4.30
C PHE I 308 -18.47 7.97 -3.24
N GLN I 309 -17.91 8.07 -2.05
CA GLN I 309 -18.50 8.81 -0.95
C GLN I 309 -17.46 9.63 -0.23
N ASN I 310 -17.89 10.70 0.42
CA ASN I 310 -16.97 11.46 1.25
C ASN I 310 -17.46 11.55 2.68
N VAL I 311 -18.17 10.50 3.13
CA VAL I 311 -18.72 10.45 4.48
C VAL I 311 -17.75 9.86 5.52
N HIS I 312 -17.22 8.65 5.28
CA HIS I 312 -16.33 8.05 6.26
C HIS I 312 -15.59 6.85 5.65
N PRO I 313 -14.31 6.58 5.99
CA PRO I 313 -13.58 5.40 5.60
C PRO I 313 -14.01 4.06 6.20
N VAL I 314 -14.71 4.06 7.33
CA VAL I 314 -15.13 2.80 7.93
C VAL I 314 -16.51 2.47 7.54
N THR I 315 -16.68 1.30 6.98
CA THR I 315 -18.01 0.94 6.56
C THR I 315 -18.34 -0.51 6.75
N ILE I 316 -19.62 -0.78 6.91
CA ILE I 316 -20.15 -2.12 6.91
C ILE I 316 -21.26 -2.22 5.85
N GLY I 317 -21.18 -3.19 4.97
CA GLY I 317 -22.21 -3.32 3.91
C GLY I 317 -21.62 -3.07 2.53
N GLU I 318 -22.49 -2.80 1.57
CA GLU I 318 -22.09 -2.59 0.17
C GLU I 318 -22.00 -1.09 -0.04
N CYS I 319 -20.77 -0.52 0.01
CA CYS I 319 -20.55 0.93 0.06
C CYS I 319 -19.74 1.51 -1.10
N PRO I 320 -19.94 2.79 -1.41
CA PRO I 320 -19.14 3.60 -2.28
C PRO I 320 -17.75 3.70 -1.69
N LYS I 321 -16.75 3.91 -2.52
CA LYS I 321 -15.40 4.03 -2.02
C LYS I 321 -15.18 5.36 -1.33
N TYR I 322 -14.50 5.38 -0.20
CA TYR I 322 -14.25 6.66 0.43
C TYR I 322 -13.14 7.40 -0.27
N VAL I 323 -13.41 8.64 -0.62
CA VAL I 323 -12.47 9.50 -1.32
C VAL I 323 -12.32 10.86 -0.64
N ARG I 324 -11.10 11.38 -0.55
CA ARG I 324 -10.93 12.67 0.09
C ARG I 324 -11.13 13.83 -0.86
N SER I 325 -12.38 14.06 -1.21
CA SER I 325 -12.68 15.12 -2.15
C SER I 325 -14.01 15.75 -1.83
N ALA I 326 -14.17 17.01 -2.22
CA ALA I 326 -15.43 17.70 -2.01
C ALA I 326 -16.42 17.47 -3.14
N LYS I 327 -15.91 17.42 -4.36
CA LYS I 327 -16.78 17.24 -5.51
C LYS I 327 -16.09 16.43 -6.57
N LEU I 328 -16.85 15.63 -7.27
CA LEU I 328 -16.34 14.84 -8.35
C LEU I 328 -17.48 14.72 -9.34
N ARG I 329 -17.41 15.50 -10.42
CA ARG I 329 -18.52 15.58 -11.36
C ARG I 329 -18.10 15.53 -12.80
N MET I 330 -18.81 14.74 -13.59
CA MET I 330 -18.58 14.62 -15.00
C MET I 330 -19.55 15.42 -15.84
N VAL I 331 -19.09 15.87 -16.98
CA VAL I 331 -19.99 16.54 -17.92
C VAL I 331 -20.43 15.58 -18.97
N THR I 332 -21.71 15.58 -19.25
CA THR I 332 -22.22 14.73 -20.30
C THR I 332 -22.76 15.54 -21.46
N GLY I 333 -23.16 16.78 -21.17
CA GLY I 333 -23.75 17.65 -22.15
C GLY I 333 -22.76 18.60 -22.79
N LEU I 334 -23.28 19.71 -23.26
CA LEU I 334 -22.55 20.67 -24.06
C LEU I 334 -22.11 21.84 -23.21
N ARG I 335 -21.18 22.65 -23.70
CA ARG I 335 -20.85 23.84 -22.94
C ARG I 335 -22.14 24.65 -22.93
N ASN I 336 -22.54 25.18 -21.80
CA ASN I 336 -23.82 25.91 -21.78
C ASN I 336 -23.69 27.36 -22.14
N ILE I 337 -23.45 27.61 -23.41
CA ILE I 337 -23.30 28.96 -23.88
C ILE I 337 -24.38 29.28 -24.88
N PRO I 338 -25.49 29.92 -24.50
CA PRO I 338 -26.58 30.30 -25.37
C PRO I 338 -26.20 31.54 -26.16
N SER I 339 -26.82 31.75 -27.36
CA SER I 339 -26.84 32.94 -28.25
C SER I 339 -26.54 32.51 -29.69
N GLN J 1 -23.35 36.59 2.90
CA GLN J 1 -22.55 35.83 3.86
C GLN J 1 -23.47 35.21 4.91
N VAL J 2 -22.97 34.13 5.57
CA VAL J 2 -23.68 33.36 6.60
C VAL J 2 -23.67 34.11 7.91
N GLN J 3 -24.85 34.24 8.50
CA GLN J 3 -25.01 34.92 9.76
C GLN J 3 -25.96 34.16 10.66
N LEU J 4 -25.65 34.11 11.93
CA LEU J 4 -26.56 33.47 12.86
C LEU J 4 -26.97 34.48 13.90
N ARG J 5 -28.23 34.53 14.28
CA ARG J 5 -28.60 35.44 15.35
C ARG J 5 -29.50 34.82 16.39
N GLU J 6 -29.02 34.81 17.62
CA GLU J 6 -29.73 34.29 18.75
C GLU J 6 -30.70 35.31 19.28
N SER J 7 -31.81 34.84 19.83
CA SER J 7 -32.74 35.70 20.50
C SER J 7 -33.57 34.99 21.57
N GLY J 8 -33.88 35.72 22.62
CA GLY J 8 -34.72 35.18 23.66
C GLY J 8 -34.91 36.20 24.75
N PRO J 9 -35.76 35.92 25.75
CA PRO J 9 -36.12 36.78 26.86
C PRO J 9 -34.98 37.44 27.64
N GLY J 10 -33.89 36.72 27.86
CA GLY J 10 -32.73 37.25 28.60
C GLY J 10 -32.91 37.12 30.12
N LEU J 11 -34.09 36.68 30.52
CA LEU J 11 -34.43 36.50 31.91
C LEU J 11 -35.52 35.47 32.07
N VAL J 12 -35.22 34.48 32.88
CA VAL J 12 -36.11 33.40 33.17
C VAL J 12 -36.17 33.23 34.67
N LYS J 13 -37.31 32.87 35.22
CA LYS J 13 -37.39 32.67 36.64
C LYS J 13 -37.07 31.21 36.96
N PRO J 14 -36.65 30.87 38.18
CA PRO J 14 -36.39 29.53 38.57
C PRO J 14 -37.60 28.67 38.33
N SER J 15 -37.32 27.45 37.89
CA SER J 15 -38.27 26.38 37.57
C SER J 15 -39.07 26.61 36.30
N GLN J 16 -38.76 27.67 35.56
CA GLN J 16 -39.41 27.89 34.28
C GLN J 16 -38.57 27.27 33.19
N THR J 17 -39.17 27.06 32.03
CA THR J 17 -38.40 26.56 30.90
C THR J 17 -37.83 27.72 30.11
N LEU J 18 -36.55 27.66 29.83
CA LEU J 18 -35.90 28.67 29.02
C LEU J 18 -36.04 28.29 27.59
N SER J 19 -36.39 29.23 26.73
CA SER J 19 -36.49 28.90 25.32
C SER J 19 -35.85 29.95 24.44
N LEU J 20 -34.83 29.53 23.68
CA LEU J 20 -34.08 30.41 22.80
C LEU J 20 -34.26 30.00 21.35
N THR J 21 -34.23 30.98 20.46
CA THR J 21 -34.30 30.73 19.01
C THR J 21 -33.11 31.35 18.28
N CYS J 22 -32.55 30.65 17.28
CA CYS J 22 -31.48 31.09 16.40
C CYS J 22 -31.95 31.13 14.96
N THR J 23 -31.87 32.29 14.35
CA THR J 23 -32.30 32.42 12.98
C THR J 23 -31.07 32.41 12.10
N VAL J 24 -31.09 31.54 11.12
CA VAL J 24 -29.98 31.34 10.22
C VAL J 24 -30.24 32.05 8.91
N SER J 25 -29.30 32.84 8.44
CA SER J 25 -29.49 33.49 7.16
C SER J 25 -28.21 33.40 6.36
N GLY J 26 -28.34 33.46 5.03
CA GLY J 26 -27.16 33.40 4.15
C GLY J 26 -26.75 31.95 3.93
N ASP J 27 -27.61 31.04 4.38
CA ASP J 27 -27.42 29.60 4.32
C ASP J 27 -28.80 28.95 4.28
N SER J 28 -28.83 27.63 4.22
CA SER J 28 -30.10 26.90 4.23
C SER J 28 -30.04 25.66 5.08
N ILE J 29 -30.93 25.59 6.07
CA ILE J 29 -30.84 24.48 6.99
C ILE J 29 -31.61 23.30 6.49
N SER J 30 -32.05 23.37 5.22
CA SER J 30 -32.67 22.24 4.56
C SER J 30 -31.80 21.71 3.42
N ASN J 31 -30.69 22.40 3.09
CA ASN J 31 -29.87 21.96 1.97
C ASN J 31 -28.42 21.57 2.29
N GLY J 32 -27.79 22.26 3.24
CA GLY J 32 -26.36 22.05 3.53
C GLY J 32 -25.86 20.66 4.03
N GLY J 33 -26.68 19.93 4.76
CA GLY J 33 -26.27 18.63 5.31
C GLY J 33 -25.29 18.75 6.50
N LEU J 34 -25.36 19.85 7.22
CA LEU J 34 -24.50 20.19 8.34
C LEU J 34 -25.13 19.99 9.71
N TYR J 35 -24.33 19.98 10.76
CA TYR J 35 -24.95 19.91 12.08
C TYR J 35 -25.06 21.30 12.68
N TRP J 36 -26.18 21.55 13.35
CA TRP J 36 -26.41 22.82 14.03
C TRP J 36 -26.31 22.71 15.55
N ASN J 37 -25.36 23.43 16.13
CA ASN J 37 -25.00 23.35 17.54
C ASN J 37 -25.53 24.43 18.44
N TRP J 38 -25.71 24.07 19.70
CA TRP J 38 -25.96 25.01 20.78
C TRP J 38 -24.90 24.79 21.83
N ILE J 39 -24.31 25.87 22.29
CA ILE J 39 -23.30 25.83 23.33
C ILE J 39 -23.57 26.95 24.34
N ARG J 40 -22.98 26.90 25.54
CA ARG J 40 -23.12 28.02 26.45
C ARG J 40 -21.87 28.32 27.25
N GLN J 41 -21.76 29.55 27.73
CA GLN J 41 -20.66 29.90 28.62
C GLN J 41 -21.11 30.56 29.93
N ARG J 42 -20.89 29.87 31.04
CA ARG J 42 -21.27 30.39 32.36
C ARG J 42 -20.26 31.50 32.64
N PRO J 43 -20.61 32.64 33.23
CA PRO J 43 -19.65 33.69 33.49
C PRO J 43 -18.48 33.17 34.30
N GLY J 44 -17.26 33.53 33.86
CA GLY J 44 -16.02 33.15 34.52
C GLY J 44 -15.50 31.77 34.14
N ARG J 45 -16.27 31.05 33.34
CA ARG J 45 -15.95 29.68 32.94
C ARG J 45 -15.63 29.57 31.45
N GLY J 46 -15.14 28.40 31.07
CA GLY J 46 -14.85 28.14 29.67
C GLY J 46 -16.14 27.72 28.99
N LEU J 47 -16.03 27.20 27.79
CA LEU J 47 -17.20 26.85 27.01
C LEU J 47 -17.71 25.44 27.29
N GLU J 48 -19.02 25.26 27.29
CA GLU J 48 -19.67 23.96 27.45
C GLU J 48 -20.61 23.66 26.29
N TRP J 49 -20.49 22.50 25.70
CA TRP J 49 -21.37 22.13 24.59
C TRP J 49 -22.73 21.68 25.10
N ILE J 50 -23.83 22.12 24.47
CA ILE J 50 -25.15 21.67 24.90
C ILE J 50 -25.65 20.51 24.09
N GLY J 51 -25.57 20.63 22.78
CA GLY J 51 -26.08 19.58 21.91
C GLY J 51 -26.13 20.03 20.47
N TYR J 52 -26.63 19.17 19.59
CA TYR J 52 -26.78 19.54 18.18
C TYR J 52 -27.90 18.80 17.50
N ILE J 53 -28.35 19.37 16.41
CA ILE J 53 -29.37 18.77 15.60
C ILE J 53 -28.97 18.74 14.14
N TYR J 54 -29.29 17.65 13.47
CA TYR J 54 -28.95 17.50 12.08
C TYR J 54 -30.13 17.84 11.20
N TYR J 55 -29.95 17.76 9.90
CA TYR J 55 -30.96 18.12 8.92
C TYR J 55 -32.13 17.19 8.92
N ASN J 56 -31.92 16.00 9.39
CA ASN J 56 -32.96 15.02 9.41
C ASN J 56 -33.69 15.04 10.74
N GLY J 57 -33.38 16.01 11.60
CA GLY J 57 -34.03 16.15 12.89
C GLY J 57 -33.39 15.26 13.94
N VAL J 58 -32.30 14.65 13.57
CA VAL J 58 -31.60 13.75 14.45
C VAL J 58 -30.94 14.60 15.50
N THR J 59 -31.19 14.29 16.76
CA THR J 59 -30.66 15.18 17.79
C THR J 59 -29.86 14.45 18.81
N THR J 60 -28.77 15.07 19.22
CA THR J 60 -27.91 14.56 20.27
C THR J 60 -27.75 15.59 21.36
N TYR J 61 -27.44 15.13 22.58
CA TYR J 61 -27.28 16.06 23.68
C TYR J 61 -26.08 15.74 24.55
N ASN J 62 -25.58 16.77 25.24
CA ASN J 62 -24.58 16.59 26.25
C ASN J 62 -25.22 15.74 27.31
N PRO J 63 -24.71 14.54 27.63
CA PRO J 63 -25.32 13.59 28.52
C PRO J 63 -25.54 14.08 29.93
N SER J 64 -24.83 15.11 30.36
CA SER J 64 -25.05 15.59 31.71
C SER J 64 -26.35 16.37 31.85
N LEU J 65 -26.88 16.84 30.71
CA LEU J 65 -28.09 17.63 30.67
C LEU J 65 -29.18 17.03 29.80
N ARG J 66 -29.01 15.81 29.33
CA ARG J 66 -29.93 15.22 28.35
C ARG J 66 -31.37 15.11 28.81
N SER J 67 -31.61 15.01 30.11
CA SER J 67 -32.97 14.88 30.61
C SER J 67 -33.72 16.22 30.64
N ARG J 68 -32.99 17.33 30.49
CA ARG J 68 -33.58 18.65 30.57
C ARG J 68 -33.64 19.34 29.22
N ILE J 69 -32.71 18.99 28.34
CA ILE J 69 -32.56 19.66 27.05
C ILE J 69 -33.43 19.13 25.95
N ALA J 70 -34.05 20.03 25.24
CA ALA J 70 -34.75 19.67 24.05
C ALA J 70 -34.24 20.59 22.95
N ILE J 71 -33.90 20.03 21.79
CA ILE J 71 -33.45 20.81 20.64
C ILE J 71 -34.32 20.48 19.47
N SER J 72 -34.71 21.49 18.73
CA SER J 72 -35.54 21.25 17.57
C SER J 72 -35.14 22.11 16.40
N LEU J 73 -35.86 21.95 15.30
CA LEU J 73 -35.50 22.67 14.07
C LEU J 73 -36.67 22.85 13.11
N GLU J 74 -36.88 24.08 12.65
CA GLU J 74 -37.91 24.39 11.65
C GLU J 74 -37.28 24.88 10.36
N THR J 75 -37.29 24.02 9.36
CA THR J 75 -36.64 24.37 8.11
C THR J 75 -37.33 25.48 7.37
N ALA J 76 -38.64 25.63 7.53
CA ALA J 76 -39.37 26.64 6.78
C ALA J 76 -38.90 28.05 7.06
N LYS J 77 -38.42 28.29 8.27
CA LYS J 77 -38.02 29.62 8.66
C LYS J 77 -36.54 29.72 8.87
N ASN J 78 -35.79 28.66 8.56
CA ASN J 78 -34.37 28.62 8.90
C ASN J 78 -34.15 28.89 10.39
N GLN J 79 -34.94 28.25 11.27
CA GLN J 79 -34.74 28.48 12.69
C GLN J 79 -34.43 27.24 13.51
N LEU J 80 -33.53 27.43 14.44
CA LEU J 80 -33.13 26.40 15.38
C LEU J 80 -33.71 26.77 16.72
N SER J 81 -33.97 25.81 17.58
CA SER J 81 -34.42 26.20 18.91
C SER J 81 -33.89 25.30 19.99
N LEU J 82 -33.76 25.89 21.18
CA LEU J 82 -33.28 25.25 22.39
C LEU J 82 -34.19 25.47 23.56
N ARG J 83 -34.53 24.40 24.27
CA ARG J 83 -35.34 24.53 25.46
C ARG J 83 -34.73 23.80 26.65
N LEU J 84 -34.64 24.47 27.79
CA LEU J 84 -34.13 23.82 29.00
C LEU J 84 -35.17 23.82 30.09
N SER J 85 -35.64 22.65 30.49
CA SER J 85 -36.63 22.60 31.53
C SER J 85 -35.97 22.79 32.90
N SER J 86 -36.77 23.12 33.91
CA SER J 86 -36.30 23.25 35.30
C SER J 86 -35.08 24.16 35.45
N VAL J 87 -35.13 25.35 34.90
CA VAL J 87 -34.02 26.28 34.94
C VAL J 87 -33.66 26.79 36.33
N SER J 88 -32.35 26.83 36.62
CA SER J 88 -31.85 27.30 37.91
C SER J 88 -30.69 28.27 37.78
N ALA J 89 -30.12 28.68 38.90
CA ALA J 89 -29.05 29.69 38.90
C ALA J 89 -27.83 29.27 38.08
N ALA J 90 -27.58 27.97 38.06
CA ALA J 90 -26.46 27.35 37.37
C ALA J 90 -26.55 27.53 35.85
N ASP J 91 -27.72 27.88 35.37
CA ASP J 91 -27.93 28.03 33.95
C ASP J 91 -27.68 29.45 33.47
N THR J 92 -27.24 30.35 34.35
CA THR J 92 -26.92 31.68 33.84
C THR J 92 -25.73 31.50 32.93
N ALA J 93 -25.84 31.97 31.72
CA ALA J 93 -24.79 31.80 30.74
C ALA J 93 -25.05 32.61 29.51
N ILE J 94 -24.03 32.77 28.69
CA ILE J 94 -24.29 33.30 27.36
C ILE J 94 -24.51 32.12 26.47
N TYR J 95 -25.63 32.09 25.79
CA TYR J 95 -25.94 30.97 24.92
C TYR J 95 -25.61 31.35 23.50
N TYR J 96 -25.02 30.41 22.78
CA TYR J 96 -24.65 30.65 21.39
C TYR J 96 -25.16 29.50 20.51
N CYS J 97 -25.45 29.80 19.24
CA CYS J 97 -25.75 28.81 18.20
C CYS J 97 -24.54 28.77 17.27
N ALA J 98 -24.30 27.64 16.64
CA ALA J 98 -23.17 27.60 15.74
C ALA J 98 -23.34 26.62 14.61
N ARG J 99 -22.71 26.90 13.48
CA ARG J 99 -22.74 25.99 12.37
C ARG J 99 -21.52 25.12 12.37
N GLU J 100 -21.71 23.83 12.18
CA GLU J 100 -20.59 22.92 12.10
C GLU J 100 -20.28 22.53 10.67
N GLY J 101 -19.10 22.92 10.20
CA GLY J 101 -18.69 22.67 8.84
C GLY J 101 -17.71 21.52 8.77
N TRP J 102 -17.26 21.19 7.57
CA TRP J 102 -16.31 20.09 7.44
C TRP J 102 -15.50 20.09 6.17
N VAL J 103 -14.37 19.41 6.26
CA VAL J 103 -13.52 19.09 5.14
C VAL J 103 -13.21 17.61 5.26
N PRO J 104 -13.33 16.78 4.22
CA PRO J 104 -13.07 15.37 4.31
C PRO J 104 -11.61 15.20 4.65
N ASP J 105 -11.30 14.25 5.52
CA ASP J 105 -9.94 14.02 5.94
C ASP J 105 -9.65 12.54 6.08
N TYR J 106 -8.43 12.22 6.47
CA TYR J 106 -8.10 10.84 6.70
C TYR J 106 -8.86 10.52 7.96
N GLY J 107 -9.57 9.41 7.97
CA GLY J 107 -10.34 9.10 9.16
C GLY J 107 -11.80 9.59 9.11
N GLY J 108 -12.18 10.31 8.05
CA GLY J 108 -13.55 10.79 7.92
C GLY J 108 -13.64 12.29 7.94
N ARG J 109 -14.85 12.80 7.91
CA ARG J 109 -15.02 14.24 7.89
C ARG J 109 -14.50 14.86 9.15
N ASN J 110 -13.70 15.91 9.00
CA ASN J 110 -13.13 16.61 10.13
C ASN J 110 -13.96 17.86 10.38
N TYR J 111 -14.73 17.84 11.46
CA TYR J 111 -15.70 18.87 11.79
C TYR J 111 -15.17 20.01 12.65
N TYR J 112 -15.74 21.20 12.41
CA TYR J 112 -15.40 22.41 13.15
C TYR J 112 -16.54 23.42 13.24
N LEU J 113 -16.49 24.29 14.24
CA LEU J 113 -17.51 25.33 14.34
C LEU J 113 -16.97 26.63 13.79
N ASP J 114 -17.59 27.14 12.72
CA ASP J 114 -17.09 28.34 12.06
C ASP J 114 -17.95 29.57 12.28
N PHE J 115 -19.23 29.47 12.02
CA PHE J 115 -20.12 30.60 12.26
C PHE J 115 -20.76 30.45 13.63
N TRP J 116 -20.41 31.35 14.56
CA TRP J 116 -20.86 31.27 15.95
C TRP J 116 -21.96 32.19 16.46
N GLY J 117 -22.52 33.03 15.63
CA GLY J 117 -23.55 33.92 16.15
C GLY J 117 -22.97 35.03 17.00
N GLN J 118 -23.81 35.64 17.83
CA GLN J 118 -23.39 36.77 18.65
C GLN J 118 -23.35 36.44 20.12
N GLY J 119 -24.35 35.68 20.56
CA GLY J 119 -24.50 35.27 21.94
C GLY J 119 -25.56 36.02 22.71
N THR J 120 -26.46 35.28 23.36
CA THR J 120 -27.54 35.87 24.16
C THR J 120 -27.36 35.58 25.62
N LEU J 121 -27.32 36.61 26.42
CA LEU J 121 -27.14 36.39 27.84
C LEU J 121 -28.42 36.17 28.53
N VAL J 122 -28.49 35.06 29.23
CA VAL J 122 -29.65 34.71 29.98
C VAL J 122 -29.34 34.63 31.46
N THR J 123 -30.09 35.40 32.24
CA THR J 123 -29.97 35.42 33.69
C THR J 123 -31.11 34.66 34.32
N VAL J 124 -30.80 33.85 35.33
CA VAL J 124 -31.88 33.18 36.02
C VAL J 124 -32.03 33.83 37.38
N SER J 125 -33.18 34.42 37.64
CA SER J 125 -33.38 35.15 38.89
C SER J 125 -34.86 35.40 39.21
N SER J 126 -35.15 35.85 40.45
CA SER J 126 -36.47 36.23 40.96
C SER J 126 -36.20 37.15 42.18
N ASP K 1 -16.33 10.83 28.42
CA ASP K 1 -16.02 12.09 27.77
C ASP K 1 -14.49 12.26 27.71
N ILE K 2 -13.99 12.78 26.56
CA ILE K 2 -12.56 13.06 26.32
C ILE K 2 -12.23 14.39 26.93
N GLN K 3 -11.28 14.41 27.83
CA GLN K 3 -10.97 15.64 28.51
C GLN K 3 -9.87 16.36 27.78
N MET K 4 -9.96 17.67 27.75
CA MET K 4 -8.90 18.45 27.14
C MET K 4 -8.28 19.34 28.20
N THR K 5 -6.98 19.24 28.39
CA THR K 5 -6.32 20.06 29.39
C THR K 5 -5.36 21.04 28.77
N GLN K 6 -5.58 22.32 29.03
CA GLN K 6 -4.71 23.34 28.48
C GLN K 6 -3.68 23.78 29.50
N SER K 7 -2.56 24.27 28.99
CA SER K 7 -1.53 24.78 29.86
C SER K 7 -0.70 25.86 29.18
N PRO K 8 -0.40 26.95 29.89
CA PRO K 8 -0.74 27.36 31.25
C PRO K 8 -2.16 27.86 31.27
N SER K 9 -2.74 28.07 32.44
CA SER K 9 -4.07 28.67 32.48
C SER K 9 -4.03 30.17 32.14
N SER K 10 -2.86 30.77 32.30
CA SER K 10 -2.63 32.18 32.02
C SER K 10 -1.18 32.38 31.61
N LEU K 11 -0.98 33.19 30.60
CA LEU K 11 0.35 33.48 30.08
C LEU K 11 0.43 34.95 29.75
N SER K 12 1.54 35.61 30.08
CA SER K 12 1.68 36.97 29.61
C SER K 12 2.96 37.07 28.81
N ALA K 13 2.95 37.88 27.77
CA ALA K 13 4.16 38.09 26.98
C ALA K 13 4.10 39.42 26.29
N SER K 14 5.24 40.02 26.02
CA SER K 14 5.27 41.31 25.36
C SER K 14 5.02 41.23 23.88
N VAL K 15 4.77 42.39 23.31
CA VAL K 15 4.53 42.48 21.91
C VAL K 15 5.79 42.14 21.17
N GLY K 16 5.65 41.29 20.19
CA GLY K 16 6.73 40.79 19.37
C GLY K 16 7.29 39.49 19.88
N ASP K 17 6.85 39.03 21.04
CA ASP K 17 7.37 37.80 21.61
C ASP K 17 6.65 36.58 21.03
N ARG K 18 7.07 35.40 21.45
CA ARG K 18 6.46 34.17 20.96
C ARG K 18 5.69 33.47 22.05
N VAL K 19 4.46 33.14 21.74
CA VAL K 19 3.59 32.48 22.69
C VAL K 19 3.23 31.06 22.33
N THR K 20 3.53 30.15 23.23
CA THR K 20 3.18 28.76 22.96
C THR K 20 2.18 28.30 24.00
N ILE K 21 1.04 27.83 23.52
CA ILE K 21 -0.07 27.32 24.34
C ILE K 21 -0.24 25.85 24.00
N THR K 22 -0.23 24.97 24.99
CA THR K 22 -0.36 23.57 24.62
C THR K 22 -1.63 22.99 25.20
N CYS K 23 -2.05 21.82 24.65
CA CYS K 23 -3.26 21.11 25.05
C CYS K 23 -3.07 19.61 24.94
N ARG K 24 -3.48 18.89 25.97
CA ARG K 24 -3.37 17.45 26.01
C ARG K 24 -4.70 16.74 26.16
N ALA K 25 -4.99 15.86 25.23
CA ALA K 25 -6.21 15.07 25.25
C ALA K 25 -6.01 13.83 26.10
N SER K 26 -7.04 13.43 26.82
CA SER K 26 -7.00 12.19 27.58
C SER K 26 -7.06 10.93 26.72
N HIS K 27 -7.49 11.09 25.49
CA HIS K 27 -7.66 10.02 24.53
C HIS K 27 -7.13 10.45 23.18
N ASN K 28 -6.84 9.47 22.34
CA ASN K 28 -6.38 9.72 20.98
C ASN K 28 -7.49 10.29 20.13
N ILE K 29 -7.31 11.53 19.68
CA ILE K 29 -8.33 12.20 18.90
C ILE K 29 -7.83 12.51 17.51
N GLN K 30 -6.72 11.89 17.15
CA GLN K 30 -6.12 12.06 15.85
C GLN K 30 -5.99 13.53 15.44
N ASN K 31 -6.52 13.90 14.29
CA ASN K 31 -6.41 15.27 13.80
C ASN K 31 -7.62 16.14 14.10
N PHE K 32 -8.48 15.67 14.96
CA PHE K 32 -9.71 16.37 15.25
C PHE K 32 -9.58 17.38 16.37
N LEU K 33 -8.79 18.42 16.13
CA LEU K 33 -8.62 19.50 17.09
C LEU K 33 -8.69 20.88 16.50
N ASN K 34 -9.60 21.67 17.02
CA ASN K 34 -9.81 23.04 16.60
C ASN K 34 -9.32 24.01 17.67
N TRP K 35 -8.86 25.20 17.27
CA TRP K 35 -8.52 26.21 18.26
C TRP K 35 -9.31 27.48 18.01
N TYR K 36 -9.78 28.08 19.11
CA TYR K 36 -10.58 29.30 19.06
C TYR K 36 -10.04 30.46 19.84
N GLN K 37 -10.29 31.67 19.33
CA GLN K 37 -9.89 32.92 19.98
C GLN K 37 -11.09 33.71 20.49
N GLN K 38 -11.18 33.91 21.79
CA GLN K 38 -12.32 34.62 22.33
C GLN K 38 -12.00 35.99 22.90
N LYS K 39 -12.48 37.03 22.24
CA LYS K 39 -12.24 38.37 22.72
C LYS K 39 -13.31 38.59 23.77
N PRO K 40 -13.09 39.36 24.83
CA PRO K 40 -14.10 39.61 25.83
C PRO K 40 -15.36 40.15 25.21
N GLY K 41 -16.50 39.57 25.59
CA GLY K 41 -17.79 40.02 25.10
C GLY K 41 -18.22 39.44 23.76
N LYS K 42 -17.38 38.63 23.13
CA LYS K 42 -17.71 38.09 21.82
C LYS K 42 -17.74 36.58 21.73
N ALA K 43 -18.46 36.06 20.74
CA ALA K 43 -18.43 34.64 20.48
C ALA K 43 -17.02 34.30 20.00
N PRO K 44 -16.47 33.14 20.31
CA PRO K 44 -15.18 32.68 19.84
C PRO K 44 -15.03 32.62 18.33
N LYS K 45 -13.85 32.99 17.85
CA LYS K 45 -13.47 32.97 16.45
C LYS K 45 -12.65 31.75 16.13
N LEU K 46 -12.89 31.11 15.01
CA LEU K 46 -12.06 29.97 14.66
C LEU K 46 -10.72 30.40 14.10
N LEU K 47 -9.65 29.85 14.66
CA LEU K 47 -8.32 30.14 14.18
C LEU K 47 -7.80 28.97 13.38
N ILE K 48 -7.76 27.84 14.07
CA ILE K 48 -7.19 26.62 13.52
C ILE K 48 -8.24 25.56 13.40
N TYR K 49 -8.34 25.05 12.19
CA TYR K 49 -9.29 24.04 11.83
C TYR K 49 -8.78 22.60 11.95
N ALA K 50 -7.89 22.18 11.10
CA ALA K 50 -7.34 20.85 11.26
C ALA K 50 -6.32 21.08 12.30
N ALA K 51 -5.71 20.10 12.93
CA ALA K 51 -4.78 20.52 13.96
C ALA K 51 -3.73 21.48 13.39
N SER K 52 -3.36 21.31 12.13
CA SER K 52 -2.37 22.13 11.47
C SER K 52 -2.85 23.16 10.43
N THR K 53 -4.15 23.43 10.27
CA THR K 53 -4.51 24.39 9.20
C THR K 53 -5.27 25.61 9.67
N LEU K 54 -5.16 26.71 8.92
CA LEU K 54 -5.89 27.91 9.30
C LEU K 54 -7.16 28.13 8.55
N GLN K 55 -8.06 28.80 9.23
CA GLN K 55 -9.31 29.28 8.70
C GLN K 55 -9.03 30.53 7.89
N SER K 56 -9.62 30.66 6.71
CA SER K 56 -9.37 31.84 5.93
C SER K 56 -9.74 33.07 6.74
N GLY K 57 -8.89 34.09 6.65
CA GLY K 57 -9.09 35.34 7.37
C GLY K 57 -8.25 35.43 8.64
N VAL K 58 -7.66 34.31 9.03
CA VAL K 58 -6.80 34.26 10.21
C VAL K 58 -5.38 34.69 9.86
N PRO K 59 -4.79 35.64 10.58
CA PRO K 59 -3.45 36.12 10.36
C PRO K 59 -2.44 35.00 10.37
N SER K 60 -1.43 35.14 9.53
CA SER K 60 -0.37 34.16 9.32
C SER K 60 0.53 33.95 10.53
N ARG K 61 0.40 34.82 11.52
CA ARG K 61 1.19 34.71 12.73
C ARG K 61 0.71 33.50 13.55
N PHE K 62 -0.50 33.01 13.28
CA PHE K 62 -1.03 31.88 14.01
C PHE K 62 -0.68 30.58 13.32
N SER K 63 -0.31 29.60 14.11
CA SER K 63 0.00 28.28 13.58
C SER K 63 -0.21 27.24 14.64
N GLY K 64 -0.11 25.98 14.27
CA GLY K 64 -0.24 24.92 15.26
C GLY K 64 0.05 23.58 14.64
N SER K 65 0.14 22.58 15.49
CA SER K 65 0.44 21.21 15.08
C SER K 65 0.10 20.22 16.16
N GLY K 66 0.10 18.95 15.82
CA GLY K 66 -0.07 17.95 16.85
C GLY K 66 -0.33 16.58 16.32
N SER K 67 -0.29 15.61 17.23
CA SER K 67 -0.44 14.21 16.91
C SER K 67 -1.73 13.59 17.42
N ARG K 68 -1.61 12.63 18.33
CA ARG K 68 -2.76 11.92 18.86
C ARG K 68 -3.37 12.60 20.06
N THR K 69 -2.51 12.95 20.99
CA THR K 69 -2.92 13.55 22.24
C THR K 69 -2.30 14.88 22.55
N ASP K 70 -1.17 15.18 21.95
CA ASP K 70 -0.44 16.38 22.28
C ASP K 70 -0.46 17.38 21.16
N PHE K 71 -1.09 18.52 21.43
CA PHE K 71 -1.28 19.55 20.43
C PHE K 71 -0.78 20.90 20.89
N THR K 72 -0.34 21.73 19.94
CA THR K 72 0.15 23.07 20.20
C THR K 72 -0.42 24.20 19.33
N LEU K 73 -0.72 25.32 19.98
CA LEU K 73 -1.06 26.60 19.34
C LEU K 73 0.09 27.55 19.52
N THR K 74 0.56 28.14 18.44
CA THR K 74 1.67 29.07 18.54
C THR K 74 1.37 30.42 17.91
N ILE K 75 1.72 31.49 18.62
CA ILE K 75 1.57 32.83 18.07
C ILE K 75 2.94 33.48 17.89
N SER K 76 3.30 33.75 16.66
CA SER K 76 4.58 34.40 16.39
C SER K 76 4.38 35.88 16.45
N SER K 77 5.38 36.65 16.84
CA SER K 77 5.25 38.09 16.76
C SER K 77 3.95 38.60 17.38
N LEU K 78 3.73 38.31 18.65
CA LEU K 78 2.49 38.66 19.33
C LEU K 78 2.13 40.13 19.22
N GLN K 79 0.87 40.41 18.83
CA GLN K 79 0.41 41.79 18.70
C GLN K 79 -0.64 42.12 19.76
N PRO K 80 -0.88 43.39 20.13
CA PRO K 80 -1.89 43.81 21.10
C PRO K 80 -3.30 43.27 20.82
N GLU K 81 -3.64 43.08 19.56
CA GLU K 81 -4.96 42.58 19.18
C GLU K 81 -5.13 41.10 19.45
N ASP K 82 -4.06 40.43 19.85
CA ASP K 82 -4.11 39.01 20.14
C ASP K 82 -4.48 38.76 21.58
N PHE K 83 -4.79 39.83 22.33
CA PHE K 83 -5.27 39.63 23.69
C PHE K 83 -6.58 38.88 23.61
N ALA K 84 -6.62 37.70 24.21
CA ALA K 84 -7.80 36.85 24.09
C ALA K 84 -7.72 35.65 24.98
N ALA K 85 -8.84 34.99 25.20
CA ALA K 85 -8.78 33.67 25.78
C ALA K 85 -8.65 32.68 24.65
N TYR K 86 -7.89 31.63 24.80
CA TYR K 86 -7.82 30.66 23.72
C TYR K 86 -8.34 29.33 24.16
N TYR K 87 -9.10 28.68 23.29
CA TYR K 87 -9.67 27.39 23.64
C TYR K 87 -9.30 26.25 22.71
N CYS K 88 -9.10 25.07 23.32
CA CYS K 88 -8.79 23.79 22.69
C CYS K 88 -10.05 22.93 22.57
N GLN K 89 -10.51 22.64 21.34
CA GLN K 89 -11.73 21.84 21.15
C GLN K 89 -11.55 20.55 20.39
N GLN K 90 -12.05 19.47 20.92
CA GLN K 90 -11.95 18.22 20.17
C GLN K 90 -13.26 17.96 19.47
N SER K 91 -13.16 17.44 18.26
CA SER K 91 -14.33 17.10 17.46
C SER K 91 -14.30 15.65 17.04
N TYR K 92 -13.67 14.82 17.85
CA TYR K 92 -13.56 13.42 17.56
C TYR K 92 -14.77 12.67 18.08
N GLY K 93 -15.15 12.92 19.33
CA GLY K 93 -16.30 12.22 19.89
C GLY K 93 -17.53 13.08 19.81
N LEU K 94 -18.69 12.55 20.21
CA LEU K 94 -19.92 13.33 20.23
C LEU K 94 -20.05 14.34 21.36
N PRO K 95 -19.77 14.02 22.63
CA PRO K 95 -19.90 14.95 23.72
C PRO K 95 -18.73 15.86 23.59
N ARG K 96 -18.87 16.85 22.73
CA ARG K 96 -17.78 17.73 22.39
C ARG K 96 -17.32 18.46 23.60
N THR K 97 -16.03 18.56 23.75
CA THR K 97 -15.45 19.24 24.88
C THR K 97 -14.44 20.26 24.48
N PHE K 98 -14.32 21.24 25.36
CA PHE K 98 -13.37 22.31 25.24
C PHE K 98 -12.46 22.23 26.44
N GLY K 99 -11.24 22.72 26.30
CA GLY K 99 -10.39 22.79 27.46
C GLY K 99 -10.86 23.96 28.30
N GLN K 100 -10.22 24.20 29.44
CA GLN K 100 -10.66 25.25 30.34
C GLN K 100 -10.36 26.64 29.81
N GLY K 101 -9.45 26.72 28.86
CA GLY K 101 -9.04 27.96 28.24
C GLY K 101 -7.80 28.56 28.86
N THR K 102 -7.04 29.26 28.03
CA THR K 102 -5.82 29.96 28.46
C THR K 102 -5.99 31.43 28.25
N ARG K 103 -5.74 32.22 29.26
CA ARG K 103 -5.86 33.67 29.07
C ARG K 103 -4.53 34.26 28.68
N LEU K 104 -4.47 34.89 27.51
CA LEU K 104 -3.24 35.52 27.07
C LEU K 104 -3.27 37.01 27.25
N GLU K 105 -2.41 37.47 28.13
CA GLU K 105 -2.26 38.87 28.48
C GLU K 105 -1.09 39.42 27.71
N ILE K 106 -1.09 40.71 27.43
CA ILE K 106 0.05 41.26 26.71
C ILE K 106 0.82 42.23 27.61
N LYS K 107 2.14 41.95 27.78
CA LYS K 107 3.15 42.63 28.64
C LYS K 107 2.94 42.26 30.14
N PHE L 9 -23.89 27.49 -34.50
CA PHE L 9 -22.94 27.05 -33.46
C PHE L 9 -21.90 28.14 -33.09
N ILE L 10 -21.76 29.17 -33.93
CA ILE L 10 -20.89 30.33 -33.74
C ILE L 10 -21.64 31.37 -32.95
N GLU L 11 -21.00 31.84 -31.88
CA GLU L 11 -21.56 32.78 -30.90
C GLU L 11 -22.71 32.19 -30.05
N GLY L 12 -22.60 30.92 -29.68
CA GLY L 12 -23.58 30.32 -28.77
C GLY L 12 -24.64 29.44 -29.40
N GLY L 13 -25.27 28.63 -28.56
CA GLY L 13 -26.30 27.70 -28.95
C GLY L 13 -27.70 28.28 -28.95
N TRP L 14 -28.62 27.41 -29.26
CA TRP L 14 -30.01 27.71 -29.40
C TRP L 14 -30.84 27.21 -28.26
N THR L 15 -31.41 28.13 -27.49
CA THR L 15 -32.20 27.75 -26.33
C THR L 15 -33.59 27.32 -26.79
N GLY L 16 -33.86 27.57 -28.06
CA GLY L 16 -35.10 27.22 -28.73
C GLY L 16 -35.07 25.79 -29.26
N MET L 17 -33.94 25.10 -29.10
CA MET L 17 -33.82 23.74 -29.57
C MET L 17 -33.91 22.83 -28.37
N VAL L 18 -34.92 21.98 -28.32
CA VAL L 18 -35.13 21.17 -27.12
C VAL L 18 -35.20 19.66 -27.33
N ASP L 19 -35.14 19.20 -28.55
CA ASP L 19 -35.29 17.78 -28.89
C ASP L 19 -33.99 17.03 -29.18
N GLY L 20 -32.85 17.60 -28.80
CA GLY L 20 -31.57 16.95 -29.05
C GLY L 20 -30.43 17.88 -28.68
N TRP L 21 -29.23 17.48 -29.06
CA TRP L 21 -28.04 18.25 -28.76
C TRP L 21 -27.57 19.00 -29.97
N TYR L 22 -27.70 18.37 -31.12
CA TYR L 22 -27.23 18.97 -32.35
C TYR L 22 -28.39 19.05 -33.28
N GLY L 23 -28.40 20.06 -34.14
CA GLY L 23 -29.50 20.19 -35.09
C GLY L 23 -29.40 21.35 -36.03
N TYR L 24 -30.54 21.63 -36.68
CA TYR L 24 -30.65 22.65 -37.70
C TYR L 24 -31.76 23.65 -37.43
N HIS L 25 -31.58 24.82 -37.98
CA HIS L 25 -32.60 25.87 -37.98
C HIS L 25 -32.82 26.33 -39.41
N HIS L 26 -34.05 26.56 -39.80
CA HIS L 26 -34.25 27.00 -41.17
C HIS L 26 -35.27 28.11 -41.29
N GLN L 27 -35.16 28.82 -42.40
CA GLN L 27 -36.08 29.88 -42.78
C GLN L 27 -36.45 29.79 -44.25
N ASN L 28 -37.74 29.78 -44.55
CA ASN L 28 -38.26 29.80 -45.91
C ASN L 28 -39.68 30.42 -45.88
N GLU L 29 -40.34 30.46 -47.03
CA GLU L 29 -41.67 31.06 -47.17
C GLU L 29 -42.78 30.31 -46.41
N GLN L 30 -42.51 29.08 -46.01
CA GLN L 30 -43.49 28.25 -45.34
C GLN L 30 -43.39 28.34 -43.82
N GLY L 31 -42.42 29.13 -43.33
CA GLY L 31 -42.21 29.30 -41.89
C GLY L 31 -40.92 28.67 -41.38
N SER L 32 -40.29 29.36 -40.44
CA SER L 32 -39.05 28.95 -39.82
C SER L 32 -39.23 28.00 -38.65
N GLY L 33 -38.13 27.39 -38.22
CA GLY L 33 -38.18 26.52 -37.05
C GLY L 33 -36.88 25.77 -36.78
N TYR L 34 -36.90 25.00 -35.68
CA TYR L 34 -35.73 24.21 -35.28
C TYR L 34 -36.05 22.74 -35.28
N ALA L 35 -35.05 21.91 -35.59
CA ALA L 35 -35.20 20.46 -35.45
C ALA L 35 -33.87 19.81 -35.13
N ALA L 36 -33.88 18.83 -34.25
CA ALA L 36 -32.65 18.13 -33.92
C ALA L 36 -32.24 17.14 -34.99
N ASP L 37 -30.94 16.96 -35.08
CA ASP L 37 -30.35 15.95 -35.92
C ASP L 37 -30.20 14.72 -35.05
N GLN L 38 -31.12 13.76 -35.21
CA GLN L 38 -31.11 12.64 -34.30
C GLN L 38 -29.95 11.70 -34.50
N LYS L 39 -29.43 11.57 -35.70
CA LYS L 39 -28.33 10.63 -35.81
C LYS L 39 -27.13 11.15 -35.05
N SER L 40 -26.85 12.45 -35.17
CA SER L 40 -25.72 13.04 -34.47
C SER L 40 -25.92 13.01 -32.97
N THR L 41 -27.13 13.38 -32.53
CA THR L 41 -27.41 13.42 -31.12
C THR L 41 -27.36 12.06 -30.50
N GLN L 42 -27.95 11.05 -31.13
CA GLN L 42 -27.97 9.76 -30.50
C GLN L 42 -26.60 9.13 -30.52
N ASN L 43 -25.79 9.38 -31.53
CA ASN L 43 -24.47 8.78 -31.48
C ASN L 43 -23.67 9.44 -30.37
N ALA L 44 -23.86 10.76 -30.18
CA ALA L 44 -23.16 11.45 -29.12
C ALA L 44 -23.60 10.95 -27.75
N ILE L 45 -24.90 10.67 -27.59
CA ILE L 45 -25.39 10.18 -26.32
C ILE L 45 -24.83 8.84 -26.02
N ASN L 46 -24.81 7.94 -26.99
CA ASN L 46 -24.33 6.61 -26.72
C ASN L 46 -22.86 6.62 -26.37
N GLY L 47 -22.07 7.47 -27.03
CA GLY L 47 -20.65 7.55 -26.73
C GLY L 47 -20.43 8.02 -25.30
N ILE L 48 -21.09 9.09 -24.92
CA ILE L 48 -20.91 9.64 -23.60
C ILE L 48 -21.43 8.70 -22.52
N THR L 49 -22.56 8.05 -22.76
CA THR L 49 -23.09 7.12 -21.77
C THR L 49 -22.11 6.00 -21.53
N ASN L 50 -21.51 5.45 -22.60
CA ASN L 50 -20.57 4.35 -22.39
C ASN L 50 -19.40 4.82 -21.57
N LYS L 51 -18.92 6.04 -21.82
CA LYS L 51 -17.80 6.61 -21.08
C LYS L 51 -18.09 6.75 -19.59
N VAL L 52 -19.27 7.25 -19.24
CA VAL L 52 -19.59 7.42 -17.83
C VAL L 52 -19.63 6.05 -17.17
N ASN L 53 -20.24 5.09 -17.86
CA ASN L 53 -20.32 3.77 -17.29
C ASN L 53 -18.95 3.17 -17.13
N SER L 54 -18.01 3.40 -18.05
CA SER L 54 -16.66 2.84 -17.90
C SER L 54 -15.98 3.40 -16.65
N VAL L 55 -16.21 4.68 -16.36
CA VAL L 55 -15.61 5.25 -15.16
C VAL L 55 -16.13 4.55 -13.92
N ILE L 56 -17.42 4.31 -13.87
CA ILE L 56 -18.01 3.63 -12.74
C ILE L 56 -17.59 2.16 -12.67
N GLU L 57 -17.60 1.46 -13.79
CA GLU L 57 -17.29 0.04 -13.86
C GLU L 57 -15.86 -0.29 -13.45
N LYS L 58 -14.91 0.60 -13.68
CA LYS L 58 -13.54 0.29 -13.32
C LYS L 58 -13.19 0.57 -11.87
N MET L 59 -14.12 1.15 -11.11
CA MET L 59 -13.86 1.40 -9.70
C MET L 59 -14.64 0.31 -8.98
N ASN L 60 -14.00 -0.45 -8.12
CA ASN L 60 -14.75 -1.54 -7.51
C ASN L 60 -15.54 -1.11 -6.28
N THR L 61 -16.29 -2.06 -5.73
CA THR L 61 -17.14 -1.88 -4.55
C THR L 61 -16.31 -1.89 -3.29
N GLN L 62 -16.65 -1.03 -2.34
CA GLN L 62 -15.97 -1.06 -1.07
C GLN L 62 -16.69 -2.05 -0.18
N PHE L 63 -15.91 -2.96 0.34
CA PHE L 63 -16.41 -4.01 1.19
C PHE L 63 -16.06 -3.69 2.61
N THR L 64 -16.74 -4.35 3.53
CA THR L 64 -16.54 -4.05 4.92
C THR L 64 -15.10 -4.01 5.33
N ALA L 65 -14.78 -2.91 6.01
CA ALA L 65 -13.47 -2.65 6.52
C ALA L 65 -13.61 -1.80 7.76
N VAL L 66 -12.96 -2.27 8.82
CA VAL L 66 -13.00 -1.60 10.11
C VAL L 66 -11.59 -1.42 10.62
N GLY L 67 -11.42 -0.60 11.64
CA GLY L 67 -10.08 -0.37 12.18
C GLY L 67 -9.63 -1.45 13.15
N LYS L 68 -8.43 -1.28 13.69
CA LYS L 68 -7.80 -2.21 14.62
C LYS L 68 -7.27 -1.51 15.83
N GLU L 69 -7.32 -2.19 16.96
CA GLU L 69 -6.72 -1.65 18.16
C GLU L 69 -5.32 -2.17 18.29
N PHE L 70 -4.46 -1.36 18.88
CA PHE L 70 -3.09 -1.70 19.14
C PHE L 70 -2.74 -1.39 20.58
N ASN L 71 -1.76 -2.09 21.11
CA ASN L 71 -1.35 -1.90 22.48
C ASN L 71 -0.36 -0.74 22.61
N LYS L 72 0.08 -0.44 23.82
CA LYS L 72 1.03 0.64 24.06
C LYS L 72 2.38 0.35 23.46
N LEU L 73 2.72 -0.92 23.43
CA LEU L 73 3.99 -1.39 22.93
C LEU L 73 3.88 -1.94 21.53
N GLU L 74 2.83 -1.54 20.82
CA GLU L 74 2.66 -1.92 19.43
C GLU L 74 2.55 -0.72 18.54
N ARG L 75 3.23 0.36 18.91
CA ARG L 75 3.15 1.59 18.15
C ARG L 75 3.70 1.42 16.76
N ARG L 76 4.72 0.61 16.59
CA ARG L 76 5.22 0.47 15.22
C ARG L 76 4.16 -0.16 14.30
N MET L 77 3.34 -1.11 14.82
CA MET L 77 2.29 -1.72 14.00
C MET L 77 1.19 -0.74 13.73
N GLU L 78 0.87 0.06 14.73
CA GLU L 78 -0.18 1.03 14.57
C GLU L 78 0.19 2.01 13.49
N ASN L 79 1.44 2.44 13.49
CA ASN L 79 1.86 3.38 12.51
C ASN L 79 1.92 2.78 11.13
N LEU L 80 2.30 1.52 10.99
CA LEU L 80 2.30 0.94 9.66
C LEU L 80 0.89 0.79 9.16
N ASN L 81 -0.04 0.36 10.01
CA ASN L 81 -1.40 0.18 9.60
C ASN L 81 -1.97 1.49 9.10
N LYS L 82 -1.71 2.58 9.81
CA LYS L 82 -2.22 3.86 9.38
C LYS L 82 -1.58 4.26 8.08
N LYS L 83 -0.28 4.06 7.95
CA LYS L 83 0.43 4.42 6.74
C LYS L 83 -0.18 3.76 5.53
N VAL L 84 -0.54 2.49 5.66
CA VAL L 84 -1.13 1.76 4.57
C VAL L 84 -2.48 2.35 4.20
N ASP L 85 -3.32 2.64 5.19
CA ASP L 85 -4.62 3.20 4.88
C ASP L 85 -4.56 4.58 4.26
N ASP L 86 -3.64 5.41 4.73
CA ASP L 86 -3.56 6.75 4.20
C ASP L 86 -2.99 6.71 2.81
N GLY L 87 -2.04 5.83 2.57
CA GLY L 87 -1.43 5.71 1.27
C GLY L 87 -2.45 5.30 0.23
N PHE L 88 -3.25 4.28 0.52
CA PHE L 88 -4.22 3.83 -0.44
C PHE L 88 -5.29 4.88 -0.68
N LEU L 89 -5.70 5.58 0.35
CA LEU L 89 -6.71 6.61 0.16
C LEU L 89 -6.17 7.74 -0.70
N ASP L 90 -4.92 8.14 -0.49
CA ASP L 90 -4.34 9.24 -1.25
C ASP L 90 -4.22 8.83 -2.73
N ILE L 91 -3.90 7.57 -2.99
CA ILE L 91 -3.81 7.09 -4.36
C ILE L 91 -5.16 7.04 -5.04
N TRP L 92 -6.18 6.51 -4.37
CA TRP L 92 -7.46 6.45 -5.03
C TRP L 92 -8.11 7.79 -5.21
N THR L 93 -7.82 8.74 -4.33
CA THR L 93 -8.38 10.06 -4.51
C THR L 93 -7.77 10.65 -5.75
N TYR L 94 -6.45 10.49 -5.89
CA TYR L 94 -5.76 10.97 -7.07
C TYR L 94 -6.34 10.37 -8.32
N ASN L 95 -6.52 9.05 -8.34
CA ASN L 95 -7.01 8.42 -9.54
C ASN L 95 -8.43 8.85 -9.89
N ALA L 96 -9.30 8.99 -8.90
CA ALA L 96 -10.66 9.37 -9.19
C ALA L 96 -10.77 10.76 -9.76
N GLU L 97 -10.01 11.70 -9.19
CA GLU L 97 -10.08 13.06 -9.66
C GLU L 97 -9.42 13.23 -10.99
N LEU L 98 -8.31 12.55 -11.21
CA LEU L 98 -7.65 12.70 -12.48
C LEU L 98 -8.48 12.15 -13.59
N LEU L 99 -9.12 11.00 -13.39
CA LEU L 99 -9.92 10.44 -14.44
C LEU L 99 -11.06 11.36 -14.81
N VAL L 100 -11.71 11.96 -13.83
CA VAL L 100 -12.77 12.88 -14.16
C VAL L 100 -12.27 14.08 -14.94
N LEU L 101 -11.15 14.68 -14.54
CA LEU L 101 -10.69 15.83 -15.31
C LEU L 101 -10.34 15.47 -16.73
N LEU L 102 -9.71 14.31 -16.93
CA LEU L 102 -9.31 13.91 -18.26
C LEU L 102 -10.50 13.66 -19.16
N GLU L 103 -11.54 13.05 -18.60
CA GLU L 103 -12.70 12.77 -19.42
C GLU L 103 -13.56 14.00 -19.63
N ASN L 104 -13.59 14.94 -18.70
CA ASN L 104 -14.39 16.12 -18.95
C ASN L 104 -13.81 16.91 -20.10
N GLU L 105 -12.48 16.96 -20.20
CA GLU L 105 -11.89 17.67 -21.32
C GLU L 105 -12.25 17.00 -22.62
N ARG L 106 -12.15 15.68 -22.68
CA ARG L 106 -12.49 15.00 -23.92
C ARG L 106 -13.94 15.13 -24.31
N THR L 107 -14.85 15.14 -23.34
CA THR L 107 -16.26 15.26 -23.65
C THR L 107 -16.54 16.54 -24.35
N LEU L 108 -15.99 17.62 -23.86
CA LEU L 108 -16.30 18.86 -24.48
C LEU L 108 -15.69 18.93 -25.88
N ASP L 109 -14.49 18.35 -26.07
CA ASP L 109 -13.88 18.38 -27.41
C ASP L 109 -14.70 17.55 -28.40
N PHE L 110 -15.23 16.43 -27.92
CA PHE L 110 -16.06 15.51 -28.68
C PHE L 110 -17.28 16.23 -29.19
N HIS L 111 -17.94 16.96 -28.32
CA HIS L 111 -19.12 17.67 -28.74
C HIS L 111 -18.82 18.78 -29.74
N ASP L 112 -17.71 19.50 -29.58
CA ASP L 112 -17.43 20.54 -30.57
C ASP L 112 -17.19 19.93 -31.93
N SER L 113 -16.54 18.77 -31.97
CA SER L 113 -16.30 18.11 -33.24
C SER L 113 -17.60 17.71 -33.90
N ASN L 114 -18.55 17.17 -33.14
CA ASN L 114 -19.79 16.73 -33.71
C ASN L 114 -20.61 17.86 -34.37
N VAL L 115 -20.63 19.05 -33.77
CA VAL L 115 -21.42 20.08 -34.42
C VAL L 115 -20.70 20.57 -35.67
N LYS L 116 -19.37 20.65 -35.63
CA LYS L 116 -18.63 21.08 -36.79
C LYS L 116 -18.82 20.12 -37.95
N ASN L 117 -18.95 18.83 -37.65
CA ASN L 117 -19.14 17.85 -38.70
C ASN L 117 -20.49 18.02 -39.40
N LEU L 118 -21.55 18.46 -38.67
CA LEU L 118 -22.82 18.65 -39.38
C LEU L 118 -22.69 19.78 -40.35
N TYR L 119 -21.96 20.81 -39.94
CA TYR L 119 -21.78 21.97 -40.80
C TYR L 119 -21.13 21.56 -42.10
N GLU L 120 -20.06 20.77 -42.00
CA GLU L 120 -19.35 20.36 -43.19
C GLU L 120 -20.21 19.45 -44.06
N LYS L 121 -21.04 18.60 -43.46
CA LYS L 121 -21.91 17.74 -44.24
C LYS L 121 -22.84 18.58 -45.11
N VAL L 122 -23.41 19.63 -44.52
CA VAL L 122 -24.29 20.51 -45.27
C VAL L 122 -23.54 21.27 -46.33
N LYS L 123 -22.36 21.79 -45.98
CA LYS L 123 -21.55 22.56 -46.89
C LYS L 123 -21.23 21.75 -48.14
N SER L 124 -20.90 20.48 -47.94
CA SER L 124 -20.58 19.55 -49.01
C SER L 124 -21.75 19.33 -49.94
N GLN L 125 -22.95 19.15 -49.39
CA GLN L 125 -24.10 18.96 -50.26
C GLN L 125 -24.48 20.22 -51.05
N LEU L 126 -24.41 21.38 -50.42
CA LEU L 126 -24.86 22.58 -51.09
C LEU L 126 -23.92 23.08 -52.17
N LYS L 127 -22.61 22.93 -51.98
CA LYS L 127 -21.67 23.38 -53.01
C LYS L 127 -21.96 24.81 -53.47
N ASN L 128 -22.32 24.97 -54.73
CA ASN L 128 -22.54 26.28 -55.33
C ASN L 128 -24.00 26.69 -55.38
N ASN L 129 -24.86 25.98 -54.65
CA ASN L 129 -26.26 26.33 -54.62
C ASN L 129 -26.62 27.22 -53.45
N ALA L 130 -25.63 27.61 -52.66
CA ALA L 130 -25.82 28.50 -51.52
C ALA L 130 -24.54 29.27 -51.21
N LYS L 131 -24.71 30.43 -50.63
CA LYS L 131 -23.64 31.28 -50.16
C LYS L 131 -23.23 30.91 -48.76
N GLU L 132 -21.95 30.73 -48.53
CA GLU L 132 -21.52 30.47 -47.17
C GLU L 132 -21.58 31.82 -46.45
N ILE L 133 -22.16 31.86 -45.27
CA ILE L 133 -22.30 33.13 -44.56
C ILE L 133 -21.10 33.46 -43.68
N GLY L 134 -20.57 32.45 -42.98
CA GLY L 134 -19.43 32.65 -42.07
C GLY L 134 -19.81 32.64 -40.59
N ASN L 135 -21.06 32.38 -40.28
CA ASN L 135 -21.58 32.29 -38.92
C ASN L 135 -22.13 30.90 -38.65
N GLY L 136 -21.66 29.89 -39.38
CA GLY L 136 -22.17 28.54 -39.22
C GLY L 136 -23.54 28.29 -39.90
N CYS L 137 -23.82 28.99 -41.04
CA CYS L 137 -25.08 28.94 -41.78
C CYS L 137 -24.86 29.22 -43.28
N PHE L 138 -25.87 28.84 -44.08
CA PHE L 138 -25.88 29.05 -45.53
C PHE L 138 -27.12 29.75 -46.06
N GLU L 139 -26.92 30.58 -47.08
CA GLU L 139 -28.03 31.25 -47.77
C GLU L 139 -28.23 30.72 -49.17
N PHE L 140 -29.40 30.25 -49.47
CA PHE L 140 -29.60 29.65 -50.78
C PHE L 140 -29.56 30.64 -51.92
N TYR L 141 -29.11 30.16 -53.09
CA TYR L 141 -29.12 30.98 -54.30
C TYR L 141 -30.32 30.63 -55.14
N HIS L 142 -31.20 29.83 -54.59
CA HIS L 142 -32.42 29.39 -55.22
C HIS L 142 -33.52 29.40 -54.21
N LYS L 143 -34.75 29.46 -54.66
CA LYS L 143 -35.86 29.38 -53.73
C LYS L 143 -35.88 27.94 -53.18
N CYS L 144 -36.07 27.75 -51.84
CA CYS L 144 -36.10 26.42 -51.22
C CYS L 144 -37.25 26.30 -50.22
N ASN L 145 -38.08 25.29 -50.46
CA ASN L 145 -39.26 24.94 -49.70
C ASN L 145 -38.94 23.93 -48.61
N ASN L 146 -39.96 23.51 -47.88
CA ASN L 146 -39.70 22.56 -46.82
C ASN L 146 -39.14 21.24 -47.32
N GLU L 147 -39.55 20.79 -48.50
CA GLU L 147 -39.05 19.49 -48.97
C GLU L 147 -37.53 19.45 -49.20
N CYS L 148 -36.93 20.52 -49.81
CA CYS L 148 -35.47 20.63 -50.02
C CYS L 148 -34.75 20.90 -48.71
N MET L 149 -35.43 21.55 -47.75
CA MET L 149 -34.76 21.74 -46.47
C MET L 149 -34.60 20.37 -45.81
N GLU L 150 -35.63 19.52 -45.93
CA GLU L 150 -35.55 18.20 -45.33
C GLU L 150 -34.53 17.36 -46.05
N SER L 151 -34.42 17.52 -47.37
CA SER L 151 -33.47 16.77 -48.16
C SER L 151 -32.04 17.08 -47.72
N VAL L 152 -31.75 18.36 -47.47
CA VAL L 152 -30.40 18.70 -47.01
C VAL L 152 -30.14 18.09 -45.64
N LYS L 153 -31.12 18.17 -44.74
CA LYS L 153 -30.94 17.57 -43.42
C LYS L 153 -30.76 16.06 -43.51
N ASN L 154 -31.46 15.41 -44.45
CA ASN L 154 -31.39 13.97 -44.66
C ASN L 154 -30.06 13.55 -45.26
N GLY L 155 -29.41 14.44 -46.01
CA GLY L 155 -28.16 14.08 -46.67
C GLY L 155 -28.42 13.57 -48.09
N THR L 156 -29.59 13.93 -48.64
CA THR L 156 -30.03 13.51 -49.96
C THR L 156 -30.22 14.68 -50.92
N TYR L 157 -29.64 15.84 -50.65
CA TYR L 157 -29.85 16.99 -51.51
C TYR L 157 -29.38 16.78 -52.93
N ASP L 158 -30.26 17.16 -53.86
CA ASP L 158 -29.99 17.07 -55.28
C ASP L 158 -29.36 18.35 -55.79
N TYR L 159 -28.02 18.37 -55.89
CA TYR L 159 -27.36 19.57 -56.33
C TYR L 159 -27.76 20.00 -57.76
N PRO L 160 -27.63 19.15 -58.81
CA PRO L 160 -27.92 19.48 -60.19
C PRO L 160 -29.28 20.10 -60.40
N LYS L 161 -30.28 19.66 -59.64
CA LYS L 161 -31.62 20.18 -59.78
C LYS L 161 -31.72 21.69 -59.70
N TYR L 162 -30.90 22.33 -58.88
CA TYR L 162 -31.00 23.76 -58.70
C TYR L 162 -29.80 24.50 -59.23
N SER L 163 -28.91 23.84 -59.96
CA SER L 163 -27.68 24.51 -60.37
C SER L 163 -27.93 25.62 -61.40
N GLU L 164 -29.01 25.49 -62.19
CA GLU L 164 -29.31 26.52 -63.17
C GLU L 164 -29.91 27.73 -62.49
N GLU L 165 -30.80 27.50 -61.53
CA GLU L 165 -31.39 28.64 -60.86
C GLU L 165 -30.31 29.40 -60.13
N SER L 166 -29.40 28.65 -59.49
CA SER L 166 -28.33 29.26 -58.76
C SER L 166 -27.41 30.07 -59.63
N LYS L 167 -26.94 29.55 -60.77
CA LYS L 167 -25.99 30.37 -61.52
C LYS L 167 -26.64 31.67 -61.99
N LEU L 168 -27.94 31.64 -62.27
CA LEU L 168 -28.61 32.84 -62.73
C LEU L 168 -28.76 33.85 -61.60
N ASN L 169 -29.05 33.38 -60.40
CA ASN L 169 -29.19 34.27 -59.26
C ASN L 169 -27.85 34.77 -58.73
N ARG L 170 -26.79 33.98 -58.90
CA ARG L 170 -25.46 34.38 -58.46
C ARG L 170 -24.89 35.57 -59.29
N GLU L 171 -25.11 35.56 -60.64
CA GLU L 171 -24.68 36.57 -61.63
C GLU L 171 -23.14 36.53 -61.89
#